data_7S4G
#
_entry.id   7S4G
#
_cell.length_a   69.286
_cell.length_b   133.389
_cell.length_c   100.038
_cell.angle_alpha   90.000
_cell.angle_beta   90.026
_cell.angle_gamma   90.000
#
_symmetry.space_group_name_H-M   'P 1 21 1'
#
loop_
_entity.id
_entity.type
_entity.pdbx_description
1 polymer 'heavy chain Fab 1G4'
2 polymer 'light chain Fab 1G4'
3 polymer 'Lymphocyte antigen 6 complex locus protein G6d'
4 non-polymer '4-(2-HYDROXYETHYL)-1-PIPERAZINE ETHANESULFONIC ACID'
5 non-polymer GLYCEROL
6 water water
#
loop_
_entity_poly.entity_id
_entity_poly.type
_entity_poly.pdbx_seq_one_letter_code
_entity_poly.pdbx_strand_id
1 'polypeptide(L)'
;AEVQLVQSGAEVKKPGASVKVSCKASGYTFTTYVMHWVRQAPGQGLEWMGYINPYNDGTKYNEKFKGRVTMTRDTSISTA
YMELSRLRSDDTAVYYCGRRNFDYWGQGTLVTVSSASTKGPSVFPLAPSSKSTSGGTAALGCLVKDYFPEPVTVSWNSGA
LTSGVHTFPAVLQSSGLYSLSSVVTVPSSSLGTQTYICNVNHKPSNTKVDKKVEPKSCDKTHT
;
A,C,E,H
2 'polypeptide(L)'
;DIVMTQSPDSLAVSLGERATINCKSSQSLLLSGNQENYLAWHQQKPGQPPKTLITWASTRISGVPDRFSGSGSGTDFTLT
ISSLQAEDVAVYYCQQSYSAPYTFGGGTKVEIKRTVAAPSVFIFPPSDEQLKSGTASVVCLLNNFYPREAKVQWKVDNAL
QSGNSQESVTEQDSKDSTYSLSSTLTLSKADYEKHKVYACEVTHQGLSSPVTKSFNRGEC
;
B,D,F,L
3 'polypeptide(L)' DCYLGDLCN G,I,J,K
#
# COMPACT_ATOMS: atom_id res chain seq x y z
N GLU A 2 -16.51 22.98 -23.33
CA GLU A 2 -16.33 23.66 -22.06
C GLU A 2 -15.69 22.76 -21.02
N VAL A 3 -14.73 23.30 -20.28
CA VAL A 3 -14.19 22.59 -19.12
C VAL A 3 -15.22 22.59 -18.01
N GLN A 4 -15.37 21.45 -17.35
CA GLN A 4 -16.34 21.31 -16.27
C GLN A 4 -15.74 20.46 -15.18
N LEU A 5 -15.83 20.96 -13.94
CA LEU A 5 -15.45 20.19 -12.75
C LEU A 5 -16.71 20.01 -11.92
N VAL A 6 -17.16 18.78 -11.80
CA VAL A 6 -18.46 18.45 -11.20
C VAL A 6 -18.19 17.64 -9.95
N GLN A 7 -18.51 18.18 -8.80
CA GLN A 7 -18.21 17.57 -7.52
C GLN A 7 -19.40 16.76 -7.00
N SER A 8 -19.11 15.84 -6.09
CA SER A 8 -20.18 15.09 -5.45
C SER A 8 -21.00 16.02 -4.56
N GLY A 9 -22.05 15.47 -3.95
CA GLY A 9 -23.01 16.26 -3.22
C GLY A 9 -22.61 16.49 -1.78
N ALA A 10 -23.42 17.31 -1.10
CA ALA A 10 -23.14 17.74 0.26
C ALA A 10 -23.22 16.59 1.26
N GLU A 11 -22.39 16.68 2.29
CA GLU A 11 -22.31 15.67 3.33
C GLU A 11 -22.49 16.33 4.70
N VAL A 12 -23.06 15.56 5.62
CA VAL A 12 -23.14 15.92 7.04
C VAL A 12 -22.53 14.79 7.82
N LYS A 13 -21.51 15.08 8.61
CA LYS A 13 -20.74 14.07 9.30
C LYS A 13 -20.60 14.41 10.78
N LYS A 14 -20.45 13.41 11.59
CA LYS A 14 -20.25 13.70 13.00
C LYS A 14 -18.77 13.73 13.32
N PRO A 15 -18.38 14.43 14.38
CA PRO A 15 -16.97 14.47 14.78
C PRO A 15 -16.35 13.08 14.80
N GLY A 16 -15.08 13.02 14.40
CA GLY A 16 -14.38 11.77 14.29
C GLY A 16 -14.58 11.02 13.00
N ALA A 17 -15.64 11.29 12.26
CA ALA A 17 -15.91 10.55 11.04
C ALA A 17 -14.91 10.98 9.96
N SER A 18 -15.11 10.44 8.76
CA SER A 18 -14.34 10.83 7.59
C SER A 18 -15.32 11.08 6.44
N VAL A 19 -14.82 11.78 5.43
CA VAL A 19 -15.60 12.13 4.27
C VAL A 19 -14.69 12.07 3.06
N LYS A 20 -15.18 11.47 1.99
CA LYS A 20 -14.45 11.41 0.73
C LYS A 20 -15.29 12.15 -0.29
N VAL A 21 -14.68 13.12 -0.97
CA VAL A 21 -15.39 13.98 -1.91
C VAL A 21 -14.77 13.76 -3.29
N SER A 22 -15.61 13.74 -4.31
CA SER A 22 -15.12 13.49 -5.66
C SER A 22 -15.26 14.73 -6.54
N CYS A 23 -14.50 14.72 -7.64
CA CYS A 23 -14.51 15.82 -8.60
C CYS A 23 -14.23 15.23 -9.97
N LYS A 24 -15.25 15.22 -10.85
CA LYS A 24 -15.12 14.64 -12.19
C LYS A 24 -14.87 15.75 -13.20
N ALA A 25 -13.86 15.57 -14.03
CA ALA A 25 -13.37 16.60 -14.94
C ALA A 25 -13.63 16.18 -16.38
N SER A 26 -14.20 17.10 -17.16
CA SER A 26 -14.44 16.90 -18.58
C SER A 26 -14.04 18.18 -19.32
N GLY A 27 -14.07 18.10 -20.64
CA GLY A 27 -13.67 19.21 -21.48
C GLY A 27 -12.19 19.31 -21.80
N TYR A 28 -11.38 18.41 -21.25
CA TYR A 28 -9.93 18.43 -21.46
C TYR A 28 -9.40 17.07 -21.04
N THR A 29 -8.10 16.85 -21.26
CA THR A 29 -7.51 15.58 -20.90
C THR A 29 -7.12 15.60 -19.43
N PHE A 30 -7.75 14.71 -18.66
CA PHE A 30 -7.62 14.71 -17.20
C PHE A 30 -6.17 14.67 -16.74
N THR A 31 -5.34 13.83 -17.35
CA THR A 31 -3.99 13.69 -16.81
C THR A 31 -3.10 14.88 -17.14
N THR A 32 -3.56 15.84 -17.93
CA THR A 32 -2.67 16.91 -18.35
C THR A 32 -2.35 17.88 -17.21
N TYR A 33 -3.23 18.00 -16.19
CA TYR A 33 -3.11 19.04 -15.17
C TYR A 33 -3.38 18.46 -13.79
N VAL A 34 -2.75 19.03 -12.77
CA VAL A 34 -3.02 18.53 -11.42
C VAL A 34 -4.42 18.96 -11.01
N MET A 35 -4.93 18.40 -9.93
CA MET A 35 -6.22 18.80 -9.40
C MET A 35 -6.04 19.16 -7.94
N HIS A 36 -6.27 20.43 -7.61
CA HIS A 36 -6.17 20.97 -6.26
C HIS A 36 -7.47 20.81 -5.49
N TRP A 37 -7.36 20.79 -4.17
CA TRP A 37 -8.51 20.96 -3.29
C TRP A 37 -8.32 22.20 -2.43
N VAL A 38 -9.36 23.04 -2.39
CA VAL A 38 -9.35 24.32 -1.67
C VAL A 38 -10.65 24.38 -0.87
N ARG A 39 -10.57 24.75 0.40
CA ARG A 39 -11.74 24.81 1.27
C ARG A 39 -11.94 26.22 1.81
N GLN A 40 -13.16 26.46 2.30
CA GLN A 40 -13.56 27.78 2.76
C GLN A 40 -14.52 27.56 3.92
N ALA A 41 -14.06 27.77 5.15
CA ALA A 41 -14.95 27.80 6.29
C ALA A 41 -15.92 28.96 6.14
N PRO A 42 -17.13 28.86 6.71
CA PRO A 42 -18.13 29.91 6.52
C PRO A 42 -17.62 31.27 6.98
N GLY A 43 -17.83 32.28 6.13
CA GLY A 43 -17.41 33.64 6.44
C GLY A 43 -15.92 33.86 6.55
N GLN A 44 -15.11 32.93 6.09
CA GLN A 44 -13.67 33.11 6.10
C GLN A 44 -13.16 33.06 4.65
N GLY A 45 -11.84 33.09 4.48
CA GLY A 45 -11.22 33.09 3.18
C GLY A 45 -11.04 31.69 2.63
N LEU A 46 -10.22 31.60 1.58
CA LEU A 46 -9.93 30.35 0.89
C LEU A 46 -8.57 29.83 1.33
N GLU A 47 -8.45 28.49 1.38
CA GLU A 47 -7.26 27.86 1.92
C GLU A 47 -6.93 26.61 1.12
N TRP A 48 -5.73 26.58 0.55
CA TRP A 48 -5.29 25.44 -0.23
C TRP A 48 -4.97 24.26 0.67
N MET A 49 -5.45 23.08 0.26
CA MET A 49 -5.20 21.84 0.99
C MET A 49 -4.18 20.95 0.32
N GLY A 50 -4.14 20.91 -1.01
CA GLY A 50 -3.24 20.00 -1.68
C GLY A 50 -3.70 19.72 -3.09
N TYR A 51 -2.88 18.92 -3.79
CA TYR A 51 -3.28 18.49 -5.13
C TYR A 51 -2.81 17.06 -5.38
N ILE A 52 -3.36 16.46 -6.43
CA ILE A 52 -2.86 15.19 -6.98
C ILE A 52 -2.56 15.40 -8.46
N ASN A 53 -1.42 14.91 -8.90
CA ASN A 53 -1.06 14.91 -10.30
C ASN A 53 -1.52 13.60 -10.92
N PRO A 54 -2.59 13.59 -11.71
CA PRO A 54 -3.10 12.32 -12.25
C PRO A 54 -2.09 11.60 -13.12
N TYR A 55 -1.22 12.33 -13.81
CA TYR A 55 -0.27 11.73 -14.75
C TYR A 55 0.67 10.75 -14.08
N ASN A 56 1.09 11.03 -12.84
CA ASN A 56 2.01 10.15 -12.15
C ASN A 56 1.54 9.79 -10.74
N ASP A 57 0.28 10.09 -10.39
CA ASP A 57 -0.29 9.76 -9.08
C ASP A 57 0.42 10.48 -7.94
N GLY A 58 1.18 11.55 -8.23
CA GLY A 58 1.89 12.27 -7.19
C GLY A 58 1.00 13.27 -6.46
N THR A 59 1.32 13.49 -5.18
CA THR A 59 0.52 14.36 -4.34
C THR A 59 1.40 15.40 -3.66
N LYS A 60 0.77 16.51 -3.28
CA LYS A 60 1.44 17.55 -2.50
C LYS A 60 0.40 18.15 -1.56
N TYR A 61 0.63 18.04 -0.26
CA TYR A 61 -0.34 18.47 0.74
C TYR A 61 0.13 19.71 1.48
N ASN A 62 -0.80 20.47 1.98
CA ASN A 62 -0.52 21.58 2.82
C ASN A 62 -0.10 20.94 4.15
N GLU A 63 0.91 21.50 4.80
CA GLU A 63 1.40 20.98 6.07
C GLU A 63 0.35 21.13 7.16
N LYS A 64 -0.85 21.54 6.78
CA LYS A 64 -1.95 21.72 7.72
C LYS A 64 -2.86 20.50 7.76
N PHE A 65 -2.71 19.63 6.76
CA PHE A 65 -3.53 18.43 6.68
C PHE A 65 -2.69 17.23 6.22
N LYS A 66 -1.37 17.33 6.40
CA LYS A 66 -0.47 16.26 6.01
C LYS A 66 -0.89 14.93 6.62
N GLY A 67 -1.30 14.97 7.88
CA GLY A 67 -1.73 13.77 8.58
C GLY A 67 -3.23 13.74 8.82
N ARG A 68 -3.99 13.75 7.72
CA ARG A 68 -5.44 13.71 7.81
C ARG A 68 -6.07 13.60 6.43
N VAL A 69 -5.44 14.23 5.44
CA VAL A 69 -5.93 14.19 4.10
C VAL A 69 -5.22 13.24 3.16
N THR A 70 -5.99 12.58 2.36
CA THR A 70 -5.42 11.76 1.29
C THR A 70 -6.14 12.10 -0.02
N MET A 71 -5.38 12.16 -1.10
CA MET A 71 -5.94 12.48 -2.41
C MET A 71 -5.87 11.29 -3.35
N THR A 72 -6.81 11.06 -4.20
CA THR A 72 -6.60 9.96 -5.08
C THR A 72 -7.16 10.31 -6.40
N ARG A 73 -6.88 9.49 -7.39
CA ARG A 73 -7.42 9.68 -8.71
C ARG A 73 -7.67 8.36 -9.42
N ASP A 74 -8.64 8.42 -10.32
CA ASP A 74 -9.05 7.36 -11.22
C ASP A 74 -9.05 7.92 -12.64
N THR A 75 -8.00 7.62 -13.37
CA THR A 75 -7.78 8.08 -14.72
C THR A 75 -8.79 7.61 -15.72
N SER A 76 -9.29 6.41 -15.55
CA SER A 76 -10.25 5.83 -16.49
C SER A 76 -11.61 6.49 -16.44
N ILE A 77 -11.95 7.18 -15.34
CA ILE A 77 -13.18 7.97 -15.27
C ILE A 77 -12.91 9.43 -14.91
N SER A 78 -11.65 9.88 -14.99
CA SER A 78 -11.33 11.31 -14.95
C SER A 78 -11.80 11.97 -13.65
N THR A 79 -11.64 11.28 -12.53
CA THR A 79 -12.19 11.76 -11.27
C THR A 79 -11.08 11.83 -10.22
N ALA A 80 -11.01 12.95 -9.50
CA ALA A 80 -10.09 13.09 -8.38
C ALA A 80 -10.88 13.04 -7.09
N TYR A 81 -10.27 12.49 -6.05
CA TYR A 81 -10.94 12.36 -4.77
C TYR A 81 -10.13 13.06 -3.70
N MET A 82 -10.79 13.39 -2.62
CA MET A 82 -10.20 13.99 -1.46
C MET A 82 -10.84 13.34 -0.26
N GLU A 83 -10.06 12.83 0.65
CA GLU A 83 -10.60 12.23 1.87
C GLU A 83 -10.00 12.93 3.07
N LEU A 84 -10.87 13.50 3.91
CA LEU A 84 -10.48 14.11 5.17
C LEU A 84 -11.01 13.23 6.29
N SER A 85 -10.11 12.78 7.15
CA SER A 85 -10.44 11.85 8.20
C SER A 85 -10.43 12.57 9.55
N ARG A 86 -11.02 11.95 10.53
CA ARG A 86 -11.15 12.43 11.88
C ARG A 86 -11.71 13.83 11.88
N LEU A 87 -12.85 13.96 11.24
CA LEU A 87 -13.49 15.25 11.05
C LEU A 87 -13.72 15.92 12.38
N ARG A 88 -13.22 17.15 12.52
CA ARG A 88 -13.54 17.99 13.66
C ARG A 88 -14.44 19.13 13.21
N SER A 89 -14.95 19.87 14.19
CA SER A 89 -16.03 20.80 13.91
C SER A 89 -15.58 21.94 13.02
N ASP A 90 -14.33 22.37 13.15
CA ASP A 90 -13.84 23.47 12.33
C ASP A 90 -13.35 23.00 10.96
N ASP A 91 -13.60 21.74 10.60
CA ASP A 91 -13.53 21.31 9.21
C ASP A 91 -14.82 21.61 8.45
N THR A 92 -15.82 22.16 9.13
CA THR A 92 -17.02 22.59 8.43
C THR A 92 -16.65 23.68 7.44
N ALA A 93 -16.96 23.45 6.17
CA ALA A 93 -16.55 24.31 5.07
C ALA A 93 -17.24 23.83 3.79
N VAL A 94 -17.17 24.68 2.78
CA VAL A 94 -17.37 24.26 1.39
C VAL A 94 -16.00 23.89 0.83
N TYR A 95 -15.91 22.70 0.24
CA TYR A 95 -14.67 22.20 -0.35
C TYR A 95 -14.78 22.30 -1.87
N TYR A 96 -13.74 22.86 -2.50
CA TYR A 96 -13.69 23.04 -3.94
C TYR A 96 -12.51 22.28 -4.54
N CYS A 97 -12.71 21.72 -5.73
CA CYS A 97 -11.60 21.25 -6.54
C CYS A 97 -11.31 22.32 -7.59
N GLY A 98 -10.04 22.52 -7.86
CA GLY A 98 -9.61 23.43 -8.90
C GLY A 98 -8.51 22.79 -9.72
N ARG A 99 -8.52 23.06 -11.01
CA ARG A 99 -7.59 22.45 -11.95
C ARG A 99 -6.41 23.38 -12.24
N ARG A 100 -5.24 22.78 -12.52
CA ARG A 100 -4.14 23.45 -13.23
C ARG A 100 -3.65 24.64 -12.41
N ASN A 101 -3.73 25.88 -12.90
CA ASN A 101 -3.27 27.05 -12.15
C ASN A 101 -4.44 27.80 -11.55
N PHE A 102 -5.43 27.03 -11.09
CA PHE A 102 -6.66 27.52 -10.48
C PHE A 102 -7.49 28.31 -11.49
N ASP A 103 -7.47 27.83 -12.73
CA ASP A 103 -8.15 28.54 -13.80
C ASP A 103 -9.60 28.10 -13.97
N TYR A 104 -9.97 26.88 -13.55
CA TYR A 104 -11.36 26.44 -13.48
C TYR A 104 -11.65 25.76 -12.15
N TRP A 105 -12.85 25.99 -11.63
CA TRP A 105 -13.26 25.57 -10.30
C TRP A 105 -14.45 24.61 -10.36
N GLY A 106 -14.51 23.70 -9.40
CA GLY A 106 -15.72 22.94 -9.17
C GLY A 106 -16.78 23.78 -8.52
N GLN A 107 -17.99 23.21 -8.39
CA GLN A 107 -19.08 24.00 -7.82
C GLN A 107 -19.06 24.00 -6.29
N GLY A 108 -18.17 23.22 -5.69
CA GLY A 108 -18.14 23.15 -4.23
C GLY A 108 -18.96 22.01 -3.69
N THR A 109 -18.54 21.51 -2.53
CA THR A 109 -19.24 20.50 -1.75
C THR A 109 -19.26 20.97 -0.30
N LEU A 110 -20.44 21.33 0.20
CA LEU A 110 -20.56 21.69 1.60
C LEU A 110 -20.43 20.44 2.46
N VAL A 111 -19.54 20.51 3.45
CA VAL A 111 -19.38 19.47 4.45
C VAL A 111 -19.64 20.12 5.80
N THR A 112 -20.65 19.62 6.50
CA THR A 112 -21.03 20.10 7.83
C THR A 112 -20.63 19.06 8.85
N VAL A 113 -19.84 19.45 9.84
CA VAL A 113 -19.37 18.52 10.87
C VAL A 113 -20.01 18.93 12.17
N SER A 114 -20.88 18.06 12.71
CA SER A 114 -21.68 18.41 13.87
C SER A 114 -22.13 17.17 14.61
N SER A 115 -22.29 17.31 15.92
CA SER A 115 -22.90 16.26 16.72
C SER A 115 -24.42 16.38 16.78
N ALA A 116 -25.00 17.31 16.03
CA ALA A 116 -26.42 17.56 16.05
C ALA A 116 -27.16 16.60 15.13
N SER A 117 -28.45 16.42 15.42
CA SER A 117 -29.34 15.60 14.62
C SER A 117 -30.40 16.50 13.99
N THR A 118 -30.99 16.00 12.92
CA THR A 118 -32.04 16.72 12.23
C THR A 118 -33.14 17.10 13.19
N LYS A 119 -33.43 18.40 13.27
CA LYS A 119 -34.43 18.92 14.20
C LYS A 119 -35.12 20.11 13.54
N GLY A 120 -36.44 20.06 13.44
CA GLY A 120 -37.21 21.17 12.92
C GLY A 120 -37.21 22.37 13.85
N PRO A 121 -37.61 23.53 13.35
CA PRO A 121 -37.48 24.76 14.11
C PRO A 121 -38.69 25.12 14.96
N SER A 122 -38.42 25.85 16.04
CA SER A 122 -39.46 26.59 16.74
C SER A 122 -39.54 27.98 16.14
N VAL A 123 -40.76 28.48 15.97
CA VAL A 123 -40.95 29.81 15.40
C VAL A 123 -41.69 30.67 16.41
N PHE A 124 -41.18 31.88 16.62
CA PHE A 124 -41.70 32.84 17.57
C PHE A 124 -41.91 34.20 16.89
N PRO A 125 -42.94 34.92 17.27
CA PRO A 125 -43.19 36.24 16.67
C PRO A 125 -42.25 37.31 17.19
N LEU A 126 -41.89 38.22 16.29
CA LEU A 126 -41.31 39.52 16.64
C LEU A 126 -42.44 40.53 16.51
N ALA A 127 -43.12 40.80 17.60
CA ALA A 127 -44.37 41.54 17.50
C ALA A 127 -44.10 43.03 17.37
N PRO A 128 -44.92 43.75 16.61
CA PRO A 128 -44.76 45.20 16.52
C PRO A 128 -45.40 45.92 17.70
N SER A 129 -44.99 47.18 17.88
CA SER A 129 -45.83 48.16 18.58
C SER A 129 -45.62 49.56 17.99
N THR A 137 -44.66 54.04 10.01
CA THR A 137 -44.06 52.76 9.63
C THR A 137 -43.57 51.93 10.84
N ALA A 138 -43.91 50.64 10.82
CA ALA A 138 -43.59 49.72 11.91
C ALA A 138 -42.89 48.48 11.37
N ALA A 139 -42.23 47.75 12.27
CA ALA A 139 -41.45 46.57 11.96
C ALA A 139 -42.00 45.36 12.68
N LEU A 140 -42.08 44.30 12.03
CA LEU A 140 -42.47 43.04 12.65
C LEU A 140 -41.70 41.91 11.98
N GLY A 141 -41.70 40.67 12.55
CA GLY A 141 -40.96 39.55 11.99
C GLY A 141 -41.19 38.26 12.76
N CYS A 142 -40.37 37.27 12.43
CA CYS A 142 -40.43 35.94 13.02
C CYS A 142 -39.05 35.49 13.44
N LEU A 143 -38.97 34.87 14.60
CA LEU A 143 -37.73 34.27 15.08
C LEU A 143 -37.82 32.77 14.86
N VAL A 144 -36.91 32.24 14.03
CA VAL A 144 -36.86 30.83 13.65
C VAL A 144 -35.67 30.22 14.37
N LYS A 145 -35.94 29.46 15.44
CA LYS A 145 -34.93 29.12 16.42
C LYS A 145 -34.76 27.60 16.55
N ASP A 146 -33.52 27.18 16.83
CA ASP A 146 -33.18 25.82 17.25
C ASP A 146 -33.53 24.78 16.18
N TYR A 147 -32.88 24.89 15.03
CA TYR A 147 -33.07 23.90 13.97
C TYR A 147 -31.73 23.45 13.46
N PHE A 148 -31.76 22.34 12.72
CA PHE A 148 -30.57 21.72 12.16
C PHE A 148 -31.00 20.64 11.19
N PRO A 149 -30.31 20.53 10.03
CA PRO A 149 -29.26 21.44 9.56
C PRO A 149 -29.86 22.60 8.78
N GLU A 150 -29.00 23.46 8.27
CA GLU A 150 -29.42 24.47 7.31
C GLU A 150 -29.83 23.77 6.02
N PRO A 151 -30.73 24.37 5.23
CA PRO A 151 -31.30 25.72 5.34
C PRO A 151 -32.77 25.80 5.72
N VAL A 152 -33.13 26.98 6.21
CA VAL A 152 -34.50 27.43 6.34
C VAL A 152 -34.73 28.55 5.34
N THR A 153 -35.83 28.48 4.58
CA THR A 153 -36.29 29.61 3.78
C THR A 153 -37.55 30.19 4.41
N VAL A 154 -37.74 31.50 4.24
CA VAL A 154 -38.87 32.19 4.85
C VAL A 154 -39.56 33.05 3.78
N SER A 155 -40.90 33.01 3.78
CA SER A 155 -41.70 33.94 3.00
C SER A 155 -42.75 34.58 3.89
N TRP A 156 -43.45 35.57 3.33
CA TRP A 156 -44.45 36.35 4.05
C TRP A 156 -45.72 36.39 3.24
N ASN A 157 -46.84 36.06 3.87
CA ASN A 157 -48.14 36.01 3.20
C ASN A 157 -48.07 35.17 1.92
N SER A 158 -47.47 33.99 2.05
CA SER A 158 -47.37 33.01 0.96
C SER A 158 -46.72 33.61 -0.28
N GLY A 159 -45.72 34.46 -0.07
CA GLY A 159 -45.03 35.10 -1.17
C GLY A 159 -45.72 36.31 -1.75
N ALA A 160 -46.81 36.78 -1.15
CA ALA A 160 -47.49 37.99 -1.59
C ALA A 160 -46.93 39.26 -0.97
N LEU A 161 -46.11 39.17 0.09
CA LEU A 161 -45.50 40.34 0.73
C LEU A 161 -43.98 40.18 0.60
N THR A 162 -43.38 40.94 -0.31
CA THR A 162 -41.93 40.89 -0.51
C THR A 162 -41.22 42.21 -0.31
N SER A 163 -41.91 43.35 -0.39
CA SER A 163 -41.27 44.63 -0.18
C SER A 163 -40.97 44.86 1.30
N GLY A 164 -39.72 45.21 1.57
CA GLY A 164 -39.31 45.50 2.93
C GLY A 164 -38.91 44.30 3.75
N VAL A 165 -38.84 43.11 3.15
CA VAL A 165 -38.47 41.89 3.86
C VAL A 165 -36.95 41.73 3.86
N HIS A 166 -36.37 41.57 5.05
CA HIS A 166 -35.00 41.12 5.20
C HIS A 166 -34.99 39.80 5.96
N THR A 167 -34.56 38.74 5.30
CA THR A 167 -34.34 37.47 5.97
C THR A 167 -32.83 37.31 6.18
N PHE A 168 -32.44 37.24 7.40
CA PHE A 168 -31.06 37.34 7.82
C PHE A 168 -30.34 35.99 7.74
N PRO A 169 -29.03 36.05 7.52
CA PRO A 169 -28.24 34.82 7.56
C PRO A 169 -28.40 34.16 8.92
N ALA A 170 -28.52 32.84 8.90
CA ALA A 170 -28.62 32.11 10.15
C ALA A 170 -27.32 32.24 10.94
N VAL A 171 -27.45 32.05 12.23
CA VAL A 171 -26.31 32.06 13.14
C VAL A 171 -26.28 30.72 13.87
N LEU A 172 -25.10 30.20 14.12
CA LEU A 172 -24.94 28.94 14.83
C LEU A 172 -24.71 29.27 16.30
N GLN A 173 -25.66 28.88 17.15
CA GLN A 173 -25.56 29.20 18.56
C GLN A 173 -24.83 28.09 19.31
N SER A 174 -24.47 28.37 20.56
CA SER A 174 -23.61 27.46 21.32
C SER A 174 -24.06 26.00 21.31
N SER A 175 -25.34 25.73 21.04
CA SER A 175 -25.87 24.37 21.14
C SER A 175 -25.65 23.52 19.91
N GLY A 176 -25.01 24.04 18.87
CA GLY A 176 -24.98 23.35 17.60
C GLY A 176 -26.25 23.46 16.78
N LEU A 177 -27.24 24.21 17.25
CA LEU A 177 -28.47 24.45 16.50
C LEU A 177 -28.42 25.85 15.89
N TYR A 178 -29.15 26.03 14.78
CA TYR A 178 -29.14 27.32 14.11
C TYR A 178 -30.31 28.18 14.56
N SER A 179 -30.16 29.49 14.37
CA SER A 179 -31.24 30.43 14.65
C SER A 179 -31.17 31.61 13.69
N LEU A 180 -32.30 31.98 13.10
CA LEU A 180 -32.35 33.20 12.28
C LEU A 180 -33.62 33.98 12.55
N SER A 181 -33.64 35.19 11.99
CA SER A 181 -34.78 36.09 12.03
C SER A 181 -35.13 36.54 10.62
N SER A 182 -36.43 36.78 10.43
CA SER A 182 -36.96 37.37 9.20
C SER A 182 -37.88 38.50 9.62
N VAL A 183 -37.62 39.70 9.09
CA VAL A 183 -38.40 40.88 9.41
C VAL A 183 -38.98 41.47 8.14
N VAL A 184 -39.86 42.44 8.34
CA VAL A 184 -40.47 43.20 7.26
C VAL A 184 -40.99 44.49 7.89
N THR A 185 -40.88 45.59 7.18
CA THR A 185 -41.42 46.85 7.64
C THR A 185 -42.70 47.15 6.87
N VAL A 186 -43.71 47.63 7.59
CA VAL A 186 -45.04 47.77 7.02
C VAL A 186 -45.67 49.06 7.54
N PRO A 187 -46.63 49.61 6.80
CA PRO A 187 -47.39 50.76 7.28
C PRO A 187 -47.93 50.52 8.68
N SER A 188 -47.69 51.48 9.57
CA SER A 188 -48.13 51.35 10.95
C SER A 188 -49.66 51.32 11.03
N SER A 189 -50.35 52.00 10.12
CA SER A 189 -51.81 52.00 10.08
C SER A 189 -52.37 50.67 9.63
N SER A 190 -51.58 49.83 8.95
CA SER A 190 -52.08 48.53 8.51
C SER A 190 -52.15 47.51 9.64
N LEU A 191 -51.54 47.78 10.78
CA LEU A 191 -51.46 46.80 11.86
C LEU A 191 -52.81 46.46 12.46
N GLY A 192 -53.80 47.35 12.32
CA GLY A 192 -55.13 47.01 12.79
C GLY A 192 -55.77 45.87 12.00
N THR A 193 -55.57 45.87 10.68
CA THR A 193 -56.41 45.09 9.77
C THR A 193 -55.65 44.03 8.98
N GLN A 194 -54.51 44.37 8.41
CA GLN A 194 -53.75 43.43 7.59
C GLN A 194 -53.13 42.33 8.46
N THR A 195 -53.27 41.08 8.02
CA THR A 195 -52.70 39.95 8.74
C THR A 195 -51.34 39.59 8.14
N TYR A 196 -50.35 39.38 8.99
CA TYR A 196 -49.00 39.04 8.55
C TYR A 196 -48.64 37.66 9.07
N ILE A 197 -48.31 36.75 8.14
CA ILE A 197 -47.98 35.37 8.48
C ILE A 197 -46.65 35.03 7.84
N CYS A 198 -45.67 34.59 8.64
CA CYS A 198 -44.41 34.13 8.08
C CYS A 198 -44.50 32.63 7.78
N ASN A 199 -43.98 32.25 6.62
CA ASN A 199 -44.02 30.87 6.14
C ASN A 199 -42.59 30.35 6.14
N VAL A 200 -42.29 29.50 7.10
CA VAL A 200 -40.95 29.01 7.37
C VAL A 200 -40.85 27.60 6.85
N ASN A 201 -39.92 27.35 5.93
CA ASN A 201 -39.74 26.03 5.35
C ASN A 201 -38.43 25.43 5.82
N HIS A 202 -38.46 24.20 6.28
CA HIS A 202 -37.31 23.41 6.70
C HIS A 202 -37.31 22.00 6.06
N LYS A 203 -36.87 21.93 4.83
CA LYS A 203 -36.84 20.74 4.07
C LYS A 203 -36.21 19.55 4.72
N PRO A 204 -35.03 19.78 5.38
CA PRO A 204 -34.44 18.61 6.02
C PRO A 204 -35.36 17.84 6.95
N SER A 205 -36.13 18.48 7.79
CA SER A 205 -37.06 17.80 8.67
C SER A 205 -38.49 17.61 8.13
N ASN A 206 -38.69 17.94 6.88
CA ASN A 206 -39.99 17.91 6.22
C ASN A 206 -41.02 18.67 7.05
N THR A 207 -40.62 19.84 7.51
CA THR A 207 -41.47 20.69 8.32
C THR A 207 -41.68 22.01 7.59
N LYS A 208 -42.91 22.51 7.68
CA LYS A 208 -43.22 23.87 7.29
C LYS A 208 -44.11 24.47 8.38
N VAL A 209 -43.74 25.68 8.83
CA VAL A 209 -44.43 26.38 9.91
C VAL A 209 -44.96 27.70 9.37
N ASP A 210 -46.14 28.07 9.80
CA ASP A 210 -46.72 29.33 9.48
C ASP A 210 -47.00 29.98 10.82
N LYS A 211 -46.51 31.18 11.03
CA LYS A 211 -46.74 31.87 12.26
C LYS A 211 -47.39 33.22 12.05
N LYS A 212 -48.51 33.44 12.69
CA LYS A 212 -49.19 34.70 12.58
C LYS A 212 -48.66 35.65 13.62
N VAL A 213 -48.19 36.77 13.15
CA VAL A 213 -47.61 37.80 13.96
C VAL A 213 -48.61 38.95 14.06
N GLU A 214 -48.98 39.27 15.29
CA GLU A 214 -50.00 40.25 15.64
C GLU A 214 -49.47 41.25 16.64
N PRO A 215 -50.09 42.44 16.73
CA PRO A 215 -49.86 43.29 17.91
C PRO A 215 -50.26 42.54 19.18
N LYS A 216 -49.43 42.67 20.22
CA LYS A 216 -49.66 41.92 21.47
C LYS A 216 -50.85 42.46 22.25
N ASP B 1 5.78 30.09 4.43
CA ASP B 1 4.68 30.31 3.48
C ASP B 1 4.64 31.74 2.98
N ILE B 2 4.25 31.91 1.72
CA ILE B 2 4.08 33.25 1.17
C ILE B 2 2.79 33.86 1.73
N VAL B 3 2.88 35.11 2.16
CA VAL B 3 1.71 35.83 2.69
C VAL B 3 1.19 36.80 1.64
N MET B 4 -0.08 36.70 1.32
CA MET B 4 -0.73 37.57 0.35
C MET B 4 -1.58 38.59 1.11
N THR B 5 -1.26 39.87 0.93
CA THR B 5 -1.95 40.95 1.63
C THR B 5 -2.66 41.81 0.59
N GLN B 6 -3.99 41.93 0.74
CA GLN B 6 -4.79 42.75 -0.17
C GLN B 6 -5.08 44.10 0.47
N SER B 7 -5.51 45.04 -0.36
CA SER B 7 -5.85 46.37 0.10
C SER B 7 -6.72 47.07 -0.94
N PRO B 8 -7.82 47.68 -0.49
CA PRO B 8 -8.34 47.63 0.88
C PRO B 8 -9.10 46.35 1.19
N ASP B 9 -9.66 46.25 2.40
CA ASP B 9 -10.46 45.09 2.74
C ASP B 9 -11.86 45.19 2.14
N SER B 10 -12.41 46.40 2.04
CA SER B 10 -13.68 46.62 1.37
C SER B 10 -13.61 47.95 0.63
N LEU B 11 -14.20 47.97 -0.57
CA LEU B 11 -14.08 49.08 -1.50
C LEU B 11 -15.46 49.49 -1.97
N ALA B 12 -15.88 50.70 -1.62
CA ALA B 12 -17.12 51.28 -2.12
C ALA B 12 -16.80 52.10 -3.36
N VAL B 13 -17.61 51.91 -4.40
CA VAL B 13 -17.37 52.47 -5.72
C VAL B 13 -18.73 52.76 -6.34
N SER B 14 -18.83 53.91 -6.96
CA SER B 14 -20.09 54.26 -7.64
C SER B 14 -20.22 53.46 -8.94
N LEU B 15 -21.44 53.19 -9.35
CA LEU B 15 -21.70 52.47 -10.61
C LEU B 15 -21.04 53.22 -11.77
N GLY B 16 -20.27 52.53 -12.59
CA GLY B 16 -19.56 53.13 -13.73
C GLY B 16 -18.19 53.65 -13.38
N GLU B 17 -17.83 53.64 -12.11
CA GLU B 17 -16.53 54.21 -11.69
C GLU B 17 -15.43 53.13 -11.65
N ARG B 18 -14.18 53.58 -11.67
CA ARG B 18 -13.04 52.65 -11.71
C ARG B 18 -12.78 52.07 -10.32
N ALA B 19 -12.54 50.76 -10.26
CA ALA B 19 -12.20 50.07 -9.00
C ALA B 19 -10.78 49.54 -9.08
N THR B 20 -10.05 49.72 -8.01
CA THR B 20 -8.66 49.26 -7.96
C THR B 20 -8.46 48.43 -6.71
N ILE B 21 -8.05 47.18 -6.88
CA ILE B 21 -7.72 46.30 -5.78
C ILE B 21 -6.24 45.97 -5.88
N ASN B 22 -5.53 46.12 -4.78
CA ASN B 22 -4.11 45.88 -4.73
CA ASN B 22 -4.14 45.96 -4.68
C ASN B 22 -3.79 44.63 -3.94
N CYS B 23 -2.73 43.96 -4.33
CA CYS B 23 -2.33 42.72 -3.70
C CYS B 23 -0.81 42.69 -3.61
N LYS B 24 -0.30 42.46 -2.41
CA LYS B 24 1.13 42.46 -2.18
C LYS B 24 1.52 41.10 -1.61
N SER B 25 2.66 40.58 -2.04
CA SER B 25 3.13 39.27 -1.61
C SER B 25 4.39 39.43 -0.80
N SER B 26 4.54 38.58 0.22
CA SER B 26 5.72 38.64 1.08
C SER B 26 6.97 38.19 0.35
N GLN B 27 6.84 37.84 -0.92
CA GLN B 27 7.87 37.19 -1.69
C GLN B 27 7.56 37.44 -3.16
N SER B 28 8.60 37.60 -3.96
CA SER B 28 8.39 37.76 -5.39
C SER B 28 7.76 36.50 -5.99
N LEU B 29 6.80 36.73 -6.88
CA LEU B 29 6.08 35.67 -7.57
C LEU B 29 6.52 35.53 -9.02
N LEU B 30 7.58 36.24 -9.37
CA LEU B 30 8.13 36.27 -10.71
C LEU B 30 9.25 35.27 -10.84
N LEU B 31 9.00 34.14 -11.46
CA LEU B 31 10.02 33.12 -11.67
C LEU B 31 11.02 33.63 -12.67
N SER B 32 12.29 33.59 -12.33
CA SER B 32 13.27 34.20 -13.24
C SER B 32 13.58 33.31 -14.44
N GLY B 33 13.32 32.00 -14.34
CA GLY B 33 13.61 31.11 -15.46
C GLY B 33 12.78 31.41 -16.70
N ASN B 34 11.50 31.71 -16.53
CA ASN B 34 10.63 31.95 -17.68
C ASN B 34 9.98 33.34 -17.63
N GLN B 35 10.35 34.16 -16.66
CA GLN B 35 9.93 35.56 -16.59
C GLN B 35 8.41 35.69 -16.47
N GLU B 36 7.78 34.74 -15.78
CA GLU B 36 6.34 34.73 -15.57
C GLU B 36 6.01 35.06 -14.11
N ASN B 37 4.88 35.73 -13.90
CA ASN B 37 4.36 36.01 -12.57
C ASN B 37 3.25 35.01 -12.25
N TYR B 38 3.32 34.36 -11.12
CA TYR B 38 2.36 33.37 -10.74
C TYR B 38 1.28 33.91 -9.78
N LEU B 39 0.36 34.66 -10.39
CA LEU B 39 -0.67 35.36 -9.59
C LEU B 39 -2.01 35.27 -10.30
N ALA B 40 -3.05 34.85 -9.59
CA ALA B 40 -4.40 34.83 -10.11
C ALA B 40 -5.35 35.73 -9.36
N TRP B 41 -6.40 36.18 -10.03
CA TRP B 41 -7.49 36.89 -9.37
C TRP B 41 -8.78 36.10 -9.51
N HIS B 42 -9.44 35.87 -8.38
CA HIS B 42 -10.71 35.14 -8.33
C HIS B 42 -11.83 36.07 -7.86
N GLN B 43 -13.01 35.90 -8.46
CA GLN B 43 -14.23 36.59 -8.07
C GLN B 43 -15.19 35.61 -7.40
N GLN B 44 -15.76 36.02 -6.29
CA GLN B 44 -16.70 35.21 -5.54
C GLN B 44 -17.87 35.99 -4.98
N LYS B 45 -19.08 35.55 -5.33
CA LYS B 45 -20.31 36.22 -4.83
C LYS B 45 -20.78 35.52 -3.55
N PRO B 46 -21.61 36.15 -2.69
CA PRO B 46 -22.16 35.50 -1.49
C PRO B 46 -22.71 34.08 -1.75
N GLY B 47 -22.16 33.08 -1.05
CA GLY B 47 -22.62 31.69 -1.19
C GLY B 47 -22.49 31.16 -2.61
N GLN B 48 -21.42 31.56 -3.32
CA GLN B 48 -21.21 31.12 -4.72
C GLN B 48 -19.78 30.56 -4.86
N PRO B 49 -19.51 29.65 -5.83
CA PRO B 49 -18.15 29.16 -6.05
C PRO B 49 -17.22 30.24 -6.61
N PRO B 50 -15.89 30.20 -6.36
CA PRO B 50 -14.96 31.14 -7.00
C PRO B 50 -15.08 31.07 -8.52
N LYS B 51 -14.68 32.16 -9.17
CA LYS B 51 -14.65 32.19 -10.62
C LYS B 51 -13.38 32.94 -11.01
N THR B 52 -12.53 32.31 -11.81
CA THR B 52 -11.23 32.90 -12.12
C THR B 52 -11.37 33.98 -13.18
N LEU B 53 -10.69 35.11 -12.94
CA LEU B 53 -10.71 36.24 -13.85
C LEU B 53 -9.38 36.41 -14.55
N ILE B 54 -8.28 36.34 -13.81
CA ILE B 54 -6.95 36.58 -14.33
C ILE B 54 -6.04 35.44 -13.89
N THR B 55 -5.14 35.02 -14.78
CA THR B 55 -4.00 34.18 -14.42
C THR B 55 -2.74 34.80 -15.00
N TRP B 56 -1.59 34.25 -14.60
CA TRP B 56 -0.27 34.80 -14.96
C TRP B 56 -0.21 36.31 -14.74
N ALA B 57 -0.85 36.79 -13.67
CA ALA B 57 -0.84 38.20 -13.26
C ALA B 57 -1.61 39.12 -14.19
N SER B 58 -1.64 38.83 -15.51
CA SER B 58 -2.34 39.73 -16.42
C SER B 58 -3.05 39.06 -17.60
N THR B 59 -3.22 37.77 -17.64
CA THR B 59 -3.91 37.13 -18.74
C THR B 59 -5.38 36.94 -18.35
N ARG B 60 -6.29 37.52 -19.12
CA ARG B 60 -7.69 37.44 -18.84
C ARG B 60 -8.23 36.10 -19.21
N ILE B 61 -9.06 35.52 -18.37
CA ILE B 61 -9.67 34.25 -18.64
C ILE B 61 -10.59 34.42 -19.81
N SER B 62 -10.69 33.41 -20.64
CA SER B 62 -11.56 33.48 -21.82
C SER B 62 -13.00 33.72 -21.40
N GLY B 63 -13.57 34.82 -21.90
CA GLY B 63 -14.94 35.16 -21.60
C GLY B 63 -15.11 36.18 -20.48
N VAL B 64 -14.03 36.54 -19.81
CA VAL B 64 -14.11 37.64 -18.83
C VAL B 64 -14.23 38.95 -19.60
N PRO B 65 -15.16 39.84 -19.23
CA PRO B 65 -15.29 41.12 -19.95
C PRO B 65 -14.01 41.96 -19.88
N ASP B 66 -13.85 42.81 -20.90
CA ASP B 66 -12.68 43.67 -21.04
C ASP B 66 -12.46 44.60 -19.86
N ARG B 67 -13.51 44.94 -19.11
CA ARG B 67 -13.33 45.93 -18.05
C ARG B 67 -12.43 45.43 -16.93
N PHE B 68 -12.26 44.11 -16.81
CA PHE B 68 -11.30 43.54 -15.87
C PHE B 68 -9.91 43.46 -16.50
N SER B 69 -8.88 43.85 -15.75
CA SER B 69 -7.52 43.61 -16.18
C SER B 69 -6.62 43.48 -14.95
N GLY B 70 -5.55 42.69 -15.09
CA GLY B 70 -4.58 42.53 -14.03
C GLY B 70 -3.26 43.13 -14.48
N SER B 71 -2.46 43.59 -13.52
CA SER B 71 -1.17 44.23 -13.80
C SER B 71 -0.24 44.06 -12.61
N GLY B 72 1.03 44.40 -12.82
CA GLY B 72 2.03 44.32 -11.77
C GLY B 72 2.92 43.10 -11.90
N SER B 73 3.95 43.06 -11.06
CA SER B 73 4.99 42.05 -11.20
C SER B 73 5.70 41.93 -9.86
N GLY B 74 6.34 40.78 -9.65
CA GLY B 74 7.14 40.57 -8.45
C GLY B 74 6.32 40.45 -7.19
N THR B 75 6.18 41.56 -6.45
CA THR B 75 5.43 41.56 -5.20
C THR B 75 4.22 42.49 -5.19
N ASP B 76 3.95 43.22 -6.26
CA ASP B 76 2.88 44.19 -6.24
C ASP B 76 2.00 43.98 -7.46
N PHE B 77 0.72 43.65 -7.23
CA PHE B 77 -0.22 43.34 -8.29
C PHE B 77 -1.54 44.09 -8.07
N THR B 78 -2.23 44.37 -9.16
CA THR B 78 -3.44 45.15 -9.12
C THR B 78 -4.52 44.51 -9.98
N LEU B 79 -5.72 44.41 -9.44
CA LEU B 79 -6.91 44.12 -10.24
C LEU B 79 -7.66 45.43 -10.50
N THR B 80 -7.95 45.71 -11.77
CA THR B 80 -8.63 46.93 -12.17
C THR B 80 -9.97 46.59 -12.82
N ILE B 81 -11.02 47.29 -12.39
CA ILE B 81 -12.32 47.24 -13.05
C ILE B 81 -12.56 48.65 -13.60
N SER B 82 -12.48 48.79 -14.93
CA SER B 82 -12.49 50.14 -15.51
C SER B 82 -13.82 50.85 -15.28
N SER B 83 -14.93 50.13 -15.32
CA SER B 83 -16.25 50.75 -15.14
C SER B 83 -17.15 49.73 -14.45
N LEU B 84 -17.31 49.89 -13.13
CA LEU B 84 -18.00 48.93 -12.27
C LEU B 84 -19.45 48.73 -12.68
N GLN B 85 -19.88 47.47 -12.81
CA GLN B 85 -21.27 47.13 -13.08
C GLN B 85 -21.91 46.52 -11.86
N ALA B 86 -23.25 46.55 -11.85
CA ALA B 86 -24.00 45.96 -10.74
C ALA B 86 -23.61 44.51 -10.49
N GLU B 87 -23.42 43.74 -11.55
CA GLU B 87 -23.00 42.35 -11.47
C GLU B 87 -21.56 42.19 -10.97
N ASP B 88 -20.79 43.26 -10.80
CA ASP B 88 -19.42 43.18 -10.32
C ASP B 88 -19.31 43.22 -8.80
N VAL B 89 -20.41 43.50 -8.10
CA VAL B 89 -20.43 43.46 -6.65
C VAL B 89 -20.17 42.04 -6.18
N ALA B 90 -19.12 41.86 -5.36
CA ALA B 90 -18.55 40.56 -5.05
C ALA B 90 -17.32 40.71 -4.17
N VAL B 91 -16.75 39.59 -3.74
CA VAL B 91 -15.44 39.56 -3.07
C VAL B 91 -14.41 39.11 -4.09
N TYR B 92 -13.25 39.75 -4.06
CA TYR B 92 -12.17 39.47 -4.99
C TYR B 92 -10.93 39.02 -4.25
N TYR B 93 -10.39 37.87 -4.65
CA TYR B 93 -9.18 37.28 -4.08
C TYR B 93 -8.03 37.26 -5.08
N CYS B 94 -6.85 37.64 -4.61
CA CYS B 94 -5.63 37.23 -5.27
C CYS B 94 -5.11 35.96 -4.61
N GLN B 95 -4.31 35.21 -5.35
CA GLN B 95 -3.81 33.92 -4.91
C GLN B 95 -2.49 33.68 -5.65
N GLN B 96 -1.40 33.44 -4.92
CA GLN B 96 -0.15 33.09 -5.56
C GLN B 96 -0.11 31.61 -5.92
N SER B 97 0.44 31.31 -7.09
CA SER B 97 0.59 29.92 -7.62
C SER B 97 2.09 29.62 -7.79
N TYR B 98 2.95 30.39 -7.13
CA TYR B 98 4.41 30.26 -7.25
C TYR B 98 4.96 29.10 -6.43
N SER B 99 4.62 29.05 -5.15
CA SER B 99 5.19 28.02 -4.24
C SER B 99 4.12 27.54 -3.27
N ALA B 100 4.12 26.24 -3.00
CA ALA B 100 3.13 25.65 -2.10
C ALA B 100 3.45 26.05 -0.65
N PRO B 101 2.46 26.22 0.24
CA PRO B 101 1.04 26.28 -0.13
C PRO B 101 0.61 27.47 -1.02
N TYR B 102 -0.28 27.23 -1.98
CA TYR B 102 -0.73 28.28 -2.93
C TYR B 102 -1.69 29.21 -2.17
N THR B 103 -1.14 30.25 -1.55
CA THR B 103 -1.98 31.02 -0.58
C THR B 103 -2.83 32.12 -1.23
N PHE B 104 -4.00 32.38 -0.64
CA PHE B 104 -4.91 33.42 -1.08
C PHE B 104 -4.73 34.67 -0.24
N GLY B 105 -5.07 35.82 -0.83
CA GLY B 105 -5.22 37.03 -0.04
C GLY B 105 -6.45 36.94 0.84
N GLY B 106 -6.62 37.94 1.71
CA GLY B 106 -7.77 37.95 2.60
C GLY B 106 -9.08 38.32 1.94
N GLY B 107 -9.04 38.74 0.68
CA GLY B 107 -10.24 39.13 -0.05
C GLY B 107 -10.56 40.61 0.10
N THR B 108 -11.13 41.17 -0.96
CA THR B 108 -11.56 42.56 -0.98
C THR B 108 -13.01 42.61 -1.40
N LYS B 109 -13.88 43.03 -0.48
CA LYS B 109 -15.30 43.19 -0.77
C LYS B 109 -15.50 44.47 -1.57
N VAL B 110 -16.25 44.38 -2.67
CA VAL B 110 -16.52 45.52 -3.54
C VAL B 110 -18.02 45.73 -3.57
N GLU B 111 -18.47 46.91 -3.12
CA GLU B 111 -19.87 47.24 -2.94
C GLU B 111 -20.22 48.53 -3.67
N ILE B 112 -21.50 48.71 -3.97
CA ILE B 112 -21.98 49.96 -4.54
C ILE B 112 -21.97 51.04 -3.46
N LYS B 113 -21.34 52.17 -3.79
CA LYS B 113 -21.30 53.35 -2.94
C LYS B 113 -22.59 54.16 -3.07
N ARG B 114 -23.11 54.60 -1.94
CA ARG B 114 -24.30 55.41 -1.90
C ARG B 114 -24.25 56.49 -0.82
N THR B 115 -25.21 57.38 -0.76
CA THR B 115 -25.25 58.39 0.30
C THR B 115 -25.47 57.73 1.66
N VAL B 116 -24.99 58.40 2.72
CA VAL B 116 -25.15 57.86 4.06
C VAL B 116 -26.63 57.71 4.37
N ALA B 117 -27.01 56.61 5.03
CA ALA B 117 -28.39 56.41 5.45
C ALA B 117 -28.38 55.82 6.85
N ALA B 118 -28.95 56.55 7.80
CA ALA B 118 -28.99 56.07 9.18
C ALA B 118 -29.93 54.87 9.28
N PRO B 119 -29.66 53.94 10.19
CA PRO B 119 -30.61 52.84 10.41
C PRO B 119 -31.88 53.29 11.10
N SER B 120 -32.97 52.61 10.77
CA SER B 120 -34.12 52.53 11.66
C SER B 120 -33.85 51.44 12.70
N VAL B 121 -34.11 51.75 13.97
CA VAL B 121 -33.84 50.82 15.06
C VAL B 121 -35.16 50.38 15.69
N PHE B 122 -35.31 49.06 15.87
CA PHE B 122 -36.48 48.43 16.49
C PHE B 122 -35.99 47.38 17.49
N ILE B 123 -36.65 47.28 18.63
CA ILE B 123 -36.33 46.24 19.61
C ILE B 123 -37.56 45.37 19.81
N PHE B 124 -37.33 44.08 20.10
CA PHE B 124 -38.41 43.09 20.23
C PHE B 124 -38.24 42.29 21.52
N PRO B 125 -39.15 42.38 22.46
CA PRO B 125 -39.10 41.49 23.63
C PRO B 125 -39.28 40.04 23.21
N PRO B 126 -38.81 39.09 24.02
CA PRO B 126 -39.12 37.68 23.77
C PRO B 126 -40.63 37.47 23.84
N SER B 127 -41.11 36.51 23.07
CA SER B 127 -42.52 36.15 23.17
C SER B 127 -42.76 35.36 24.47
N ASP B 128 -43.96 35.54 25.04
CA ASP B 128 -44.31 34.75 26.22
C ASP B 128 -44.15 33.25 25.95
N GLU B 129 -44.53 32.81 24.74
CA GLU B 129 -44.47 31.39 24.41
C GLU B 129 -43.06 30.85 24.51
N GLN B 130 -42.06 31.59 24.01
CA GLN B 130 -40.68 31.16 24.19
C GLN B 130 -40.24 31.33 25.64
N LEU B 131 -40.55 32.48 26.22
CA LEU B 131 -40.19 32.77 27.61
C LEU B 131 -40.56 31.60 28.52
N LYS B 132 -41.85 31.31 28.60
CA LYS B 132 -42.35 30.23 29.45
C LYS B 132 -41.69 28.90 29.09
N SER B 133 -40.93 28.90 28.00
CA SER B 133 -40.24 27.71 27.54
C SER B 133 -38.88 27.56 28.20
N GLY B 134 -38.39 28.65 28.79
CA GLY B 134 -37.11 28.64 29.46
C GLY B 134 -36.06 29.57 28.89
N THR B 135 -36.26 30.16 27.71
CA THR B 135 -35.25 31.00 27.09
C THR B 135 -35.89 32.33 26.68
N ALA B 136 -35.08 33.38 26.74
CA ALA B 136 -35.49 34.71 26.30
C ALA B 136 -34.56 35.14 25.17
N SER B 137 -35.12 35.31 23.97
CA SER B 137 -34.40 35.92 22.85
C SER B 137 -34.93 37.34 22.69
N VAL B 138 -34.07 38.33 22.92
CA VAL B 138 -34.37 39.74 22.68
C VAL B 138 -33.69 40.14 21.37
N VAL B 139 -34.44 40.73 20.45
CA VAL B 139 -33.96 40.98 19.10
C VAL B 139 -33.94 42.48 18.85
N CYS B 140 -32.81 42.98 18.31
CA CYS B 140 -32.67 44.35 17.89
C CYS B 140 -32.45 44.38 16.39
N LEU B 141 -33.22 45.23 15.70
CA LEU B 141 -33.19 45.30 14.25
C LEU B 141 -32.69 46.66 13.79
N LEU B 142 -31.70 46.64 12.89
CA LEU B 142 -31.15 47.85 12.27
C LEU B 142 -31.51 47.76 10.78
N ASN B 143 -32.38 48.65 10.32
CA ASN B 143 -33.02 48.50 9.02
C ASN B 143 -32.54 49.56 8.02
N ASN B 144 -32.13 49.08 6.89
CA ASN B 144 -31.66 49.83 5.70
C ASN B 144 -30.70 50.98 5.94
N PHE B 145 -29.45 50.63 6.24
CA PHE B 145 -28.43 51.64 6.60
C PHE B 145 -27.20 51.58 5.69
N TYR B 146 -26.46 52.68 5.63
CA TYR B 146 -25.19 52.76 4.84
C TYR B 146 -24.28 53.82 5.47
N PRO B 147 -22.96 53.57 5.66
CA PRO B 147 -22.28 52.31 5.28
C PRO B 147 -22.47 51.11 6.22
N ARG B 148 -21.87 49.96 5.92
CA ARG B 148 -22.11 48.71 6.68
C ARG B 148 -21.75 48.80 8.16
N GLU B 149 -20.78 49.61 8.53
CA GLU B 149 -20.30 49.69 9.94
C GLU B 149 -21.45 50.16 10.86
N ALA B 150 -21.92 49.30 11.79
CA ALA B 150 -23.00 49.72 12.71
C ALA B 150 -22.82 49.02 14.06
N LYS B 151 -22.51 49.78 15.12
CA LYS B 151 -22.31 49.23 16.42
C LYS B 151 -23.57 49.05 17.23
N VAL B 152 -23.76 47.84 17.72
CA VAL B 152 -24.92 47.55 18.55
C VAL B 152 -24.40 47.17 19.93
N GLN B 153 -24.94 47.76 20.96
CA GLN B 153 -24.53 47.45 22.31
C GLN B 153 -25.76 47.25 23.17
N TRP B 154 -25.90 46.07 23.72
CA TRP B 154 -27.03 45.72 24.58
C TRP B 154 -26.76 46.21 25.99
N LYS B 155 -27.80 46.74 26.62
CA LYS B 155 -27.69 47.19 28.01
C LYS B 155 -28.92 46.71 28.76
N VAL B 156 -28.69 46.10 29.91
CA VAL B 156 -29.73 45.48 30.73
C VAL B 156 -29.69 46.16 32.09
N ASP B 157 -30.72 46.97 32.37
CA ASP B 157 -30.73 47.89 33.53
C ASP B 157 -29.50 48.79 33.49
N ASN B 158 -29.11 49.18 32.29
CA ASN B 158 -28.01 50.09 32.00
C ASN B 158 -26.62 49.46 32.21
N ALA B 159 -26.54 48.14 32.37
CA ALA B 159 -25.26 47.46 32.43
C ALA B 159 -24.93 46.86 31.06
N LEU B 160 -23.73 47.16 30.56
CA LEU B 160 -23.30 46.68 29.25
C LEU B 160 -23.23 45.16 29.22
N GLN B 161 -23.80 44.58 28.17
CA GLN B 161 -23.73 43.14 27.94
C GLN B 161 -22.51 42.78 27.10
N SER B 162 -21.88 41.66 27.44
CA SER B 162 -20.76 41.16 26.67
C SER B 162 -20.83 39.65 26.62
N GLY B 163 -20.70 39.08 25.42
CA GLY B 163 -20.55 37.64 25.27
C GLY B 163 -21.83 36.84 25.19
N ASN B 164 -22.99 37.49 25.22
CA ASN B 164 -24.26 36.79 25.21
C ASN B 164 -25.15 37.21 24.05
N SER B 165 -24.56 37.72 22.97
CA SER B 165 -25.35 38.13 21.80
C SER B 165 -24.65 37.68 20.53
N GLN B 166 -25.43 37.55 19.46
CA GLN B 166 -24.92 37.25 18.12
C GLN B 166 -25.59 38.15 17.10
N GLU B 167 -24.84 38.47 16.04
CA GLU B 167 -25.25 39.39 15.00
C GLU B 167 -25.24 38.72 13.64
N SER B 168 -26.06 39.23 12.74
CA SER B 168 -26.14 38.77 11.36
C SER B 168 -26.48 39.96 10.47
N VAL B 169 -25.88 40.04 9.28
CA VAL B 169 -26.05 41.18 8.39
C VAL B 169 -26.45 40.69 7.00
N THR B 170 -27.40 41.39 6.37
CA THR B 170 -27.83 40.98 5.03
C THR B 170 -26.78 41.36 3.99
N GLU B 171 -26.94 40.83 2.77
CA GLU B 171 -26.17 41.34 1.64
C GLU B 171 -26.70 42.71 1.22
N GLN B 172 -25.84 43.49 0.58
CA GLN B 172 -26.21 44.83 0.14
C GLN B 172 -27.43 44.76 -0.77
N ASP B 173 -28.47 45.53 -0.42
CA ASP B 173 -29.73 45.42 -1.12
C ASP B 173 -29.57 45.81 -2.58
N SER B 174 -30.19 45.03 -3.47
CA SER B 174 -30.05 45.23 -4.90
C SER B 174 -30.73 46.50 -5.39
N LYS B 175 -31.74 47.00 -4.68
CA LYS B 175 -32.50 48.16 -5.12
C LYS B 175 -32.03 49.48 -4.52
N ASP B 176 -31.72 49.53 -3.21
CA ASP B 176 -31.35 50.78 -2.56
C ASP B 176 -29.94 50.76 -1.98
N SER B 177 -29.22 49.66 -2.14
CA SER B 177 -27.80 49.52 -1.77
C SER B 177 -27.54 49.67 -0.27
N THR B 178 -28.52 49.39 0.59
CA THR B 178 -28.29 49.44 2.02
C THR B 178 -28.02 48.04 2.59
N TYR B 179 -27.66 48.01 3.87
CA TYR B 179 -27.53 46.79 4.65
C TYR B 179 -28.52 46.82 5.82
N SER B 180 -28.91 45.65 6.29
CA SER B 180 -29.68 45.52 7.52
C SER B 180 -28.93 44.59 8.48
N LEU B 181 -29.24 44.73 9.76
CA LEU B 181 -28.50 43.96 10.75
C LEU B 181 -29.47 43.48 11.82
N SER B 182 -29.29 42.23 12.22
CA SER B 182 -30.08 41.62 13.28
C SER B 182 -29.14 41.23 14.40
N SER B 183 -29.49 41.56 15.63
CA SER B 183 -28.72 41.11 16.77
C SER B 183 -29.64 40.49 17.81
N THR B 184 -29.22 39.36 18.38
CA THR B 184 -30.02 38.59 19.30
C THR B 184 -29.31 38.44 20.64
N LEU B 185 -29.89 39.01 21.69
CA LEU B 185 -29.48 38.79 23.07
C LEU B 185 -30.26 37.60 23.64
N THR B 186 -29.54 36.56 24.08
CA THR B 186 -30.16 35.35 24.62
C THR B 186 -29.84 35.19 26.09
N LEU B 187 -30.88 35.03 26.90
CA LEU B 187 -30.75 34.79 28.33
C LEU B 187 -31.65 33.64 28.72
N SER B 188 -31.34 33.01 29.84
CA SER B 188 -32.30 32.09 30.43
C SER B 188 -33.48 32.88 30.97
N LYS B 189 -34.61 32.19 31.13
CA LYS B 189 -35.76 32.81 31.78
C LYS B 189 -35.36 33.40 33.12
N ALA B 190 -34.61 32.63 33.91
CA ALA B 190 -34.26 33.04 35.27
C ALA B 190 -33.49 34.35 35.28
N ASP B 191 -32.50 34.48 34.39
CA ASP B 191 -31.75 35.73 34.33
C ASP B 191 -32.60 36.84 33.74
N TYR B 192 -33.38 36.54 32.70
CA TYR B 192 -34.22 37.55 32.05
C TYR B 192 -35.13 38.24 33.04
N GLU B 193 -35.73 37.47 33.97
CA GLU B 193 -36.70 38.02 34.90
C GLU B 193 -36.06 38.68 36.11
N LYS B 194 -34.74 38.78 36.15
CA LYS B 194 -34.02 39.49 37.20
C LYS B 194 -33.84 40.98 36.89
N HIS B 195 -34.29 41.44 35.73
CA HIS B 195 -33.98 42.80 35.28
C HIS B 195 -35.19 43.43 34.62
N LYS B 196 -35.12 44.73 34.40
CA LYS B 196 -36.27 45.53 33.99
C LYS B 196 -36.07 46.18 32.63
N VAL B 197 -35.04 47.00 32.46
CA VAL B 197 -34.85 47.75 31.23
C VAL B 197 -33.92 46.98 30.31
N TYR B 198 -34.46 46.51 29.19
CA TYR B 198 -33.69 45.92 28.10
C TYR B 198 -33.57 46.95 26.98
N ALA B 199 -32.33 47.32 26.65
CA ALA B 199 -32.04 48.42 25.74
C ALA B 199 -31.09 47.99 24.64
N CYS B 200 -31.31 48.54 23.45
CA CYS B 200 -30.44 48.38 22.30
C CYS B 200 -29.90 49.74 21.90
N GLU B 201 -28.57 49.91 21.96
CA GLU B 201 -27.96 51.19 21.66
C GLU B 201 -27.14 51.07 20.38
N VAL B 202 -27.47 51.90 19.39
CA VAL B 202 -26.93 51.79 18.05
C VAL B 202 -26.07 53.01 17.76
N THR B 203 -24.83 52.76 17.33
CA THR B 203 -23.93 53.81 16.86
C THR B 203 -23.71 53.64 15.37
N HIS B 204 -23.89 54.72 14.62
CA HIS B 204 -23.79 54.71 13.17
C HIS B 204 -23.55 56.14 12.69
N GLN B 205 -22.73 56.29 11.65
CA GLN B 205 -22.37 57.65 11.24
C GLN B 205 -23.52 58.37 10.56
N GLY B 206 -24.60 57.66 10.20
CA GLY B 206 -25.82 58.36 9.87
C GLY B 206 -26.54 58.95 11.07
N LEU B 207 -26.05 58.70 12.28
CA LEU B 207 -26.68 59.20 13.51
C LEU B 207 -25.67 60.07 14.25
N SER B 208 -26.06 61.31 14.54
CA SER B 208 -25.15 62.25 15.21
C SER B 208 -24.69 61.70 16.54
N SER B 209 -25.62 61.25 17.36
CA SER B 209 -25.33 60.61 18.63
C SER B 209 -26.07 59.28 18.65
N PRO B 210 -25.64 58.34 19.51
CA PRO B 210 -26.24 56.98 19.44
C PRO B 210 -27.72 56.98 19.79
N VAL B 211 -28.46 56.13 19.09
CA VAL B 211 -29.87 55.90 19.32
C VAL B 211 -30.05 54.66 20.19
N THR B 212 -30.79 54.80 21.28
CA THR B 212 -31.13 53.65 22.11
C THR B 212 -32.63 53.38 21.99
N LYS B 213 -32.97 52.12 21.84
CA LYS B 213 -34.33 51.68 21.82
C LYS B 213 -34.43 50.70 22.95
N SER B 214 -35.56 50.71 23.64
CA SER B 214 -35.76 49.85 24.76
C SER B 214 -37.19 49.55 25.13
N PHE B 215 -37.34 48.73 26.15
CA PHE B 215 -38.58 48.30 26.71
C PHE B 215 -38.39 47.82 28.12
N ASN B 216 -39.43 47.84 28.92
CA ASN B 216 -39.38 47.36 30.28
C ASN B 216 -40.16 46.09 30.38
N ARG B 217 -39.53 45.02 30.82
CA ARG B 217 -40.14 43.71 30.97
C ARG B 217 -41.57 43.63 31.49
N GLU C 2 10.80 -15.83 30.99
CA GLU C 2 9.78 -14.79 30.79
C GLU C 2 9.71 -14.37 29.32
N VAL C 3 8.49 -14.16 28.83
CA VAL C 3 8.33 -13.78 27.43
C VAL C 3 8.80 -12.34 27.23
N GLN C 4 9.62 -12.15 26.20
CA GLN C 4 10.17 -10.83 25.94
C GLN C 4 10.12 -10.59 24.44
N LEU C 5 9.63 -9.43 24.04
CA LEU C 5 9.64 -8.98 22.65
C LEU C 5 10.39 -7.66 22.58
N VAL C 6 11.60 -7.65 21.98
CA VAL C 6 12.45 -6.46 21.95
C VAL C 6 12.52 -5.94 20.52
N GLN C 7 12.10 -4.69 20.34
CA GLN C 7 12.03 -4.06 19.03
C GLN C 7 13.24 -3.15 18.82
N SER C 8 13.49 -2.83 17.55
CA SER C 8 14.55 -1.91 17.19
C SER C 8 14.17 -0.48 17.58
N GLY C 9 15.13 0.44 17.37
CA GLY C 9 15.00 1.78 17.91
C GLY C 9 14.14 2.70 17.05
N ALA C 10 13.92 3.90 17.58
CA ALA C 10 13.08 4.90 16.92
C ALA C 10 13.70 5.35 15.59
N GLU C 11 12.85 5.86 14.71
CA GLU C 11 13.32 6.23 13.38
C GLU C 11 12.53 7.42 12.85
N VAL C 12 13.26 8.37 12.27
CA VAL C 12 12.68 9.52 11.59
C VAL C 12 12.88 9.33 10.11
N LYS C 13 11.84 9.60 9.32
CA LYS C 13 11.81 9.23 7.92
C LYS C 13 11.15 10.33 7.10
N LYS C 14 11.71 10.61 5.92
CA LYS C 14 11.06 11.51 4.98
C LYS C 14 9.87 10.82 4.35
N PRO C 15 8.83 11.57 3.94
CA PRO C 15 7.76 10.94 3.18
C PRO C 15 8.34 10.26 1.94
N GLY C 16 7.66 9.20 1.50
CA GLY C 16 8.12 8.41 0.37
C GLY C 16 9.26 7.45 0.67
N ALA C 17 9.87 7.51 1.85
CA ALA C 17 10.90 6.56 2.21
C ALA C 17 10.24 5.25 2.65
N SER C 18 11.06 4.33 3.15
CA SER C 18 10.55 3.09 3.70
C SER C 18 11.26 2.84 5.03
N VAL C 19 10.62 2.05 5.88
CA VAL C 19 11.17 1.74 7.20
C VAL C 19 10.99 0.25 7.44
N LYS C 20 11.95 -0.35 8.14
CA LYS C 20 11.90 -1.76 8.48
C LYS C 20 12.15 -1.90 9.97
N VAL C 21 11.18 -2.43 10.68
CA VAL C 21 11.22 -2.55 12.13
C VAL C 21 11.35 -4.02 12.46
N SER C 22 12.19 -4.32 13.44
CA SER C 22 12.41 -5.69 13.85
C SER C 22 11.86 -5.91 15.26
N CYS C 23 11.65 -7.19 15.58
CA CYS C 23 11.05 -7.60 16.84
C CYS C 23 11.68 -8.95 17.18
N LYS C 24 12.59 -8.97 18.14
CA LYS C 24 13.27 -10.20 18.54
C LYS C 24 12.59 -10.82 19.77
N ALA C 25 12.12 -12.05 19.63
CA ALA C 25 11.41 -12.75 20.69
C ALA C 25 12.30 -13.71 21.46
N SER C 26 11.95 -13.94 22.72
CA SER C 26 12.68 -14.81 23.62
C SER C 26 11.73 -15.28 24.70
N GLY C 27 12.07 -16.42 25.31
CA GLY C 27 11.29 -17.00 26.37
C GLY C 27 10.16 -17.93 25.94
N TYR C 28 10.06 -18.25 24.65
CA TYR C 28 9.18 -19.28 24.12
C TYR C 28 9.77 -19.71 22.78
N THR C 29 9.23 -20.79 22.20
CA THR C 29 9.72 -21.27 20.91
C THR C 29 9.15 -20.39 19.80
N PHE C 30 10.03 -19.70 19.09
CA PHE C 30 9.61 -18.68 18.13
C PHE C 30 8.58 -19.19 17.11
N THR C 31 8.73 -20.43 16.65
CA THR C 31 7.88 -20.89 15.55
C THR C 31 6.49 -21.31 15.99
N THR C 32 6.25 -21.41 17.31
CA THR C 32 4.96 -21.88 17.81
C THR C 32 3.82 -20.87 17.60
N TYR C 33 4.11 -19.57 17.46
CA TYR C 33 3.03 -18.60 17.41
C TYR C 33 3.29 -17.54 16.35
N VAL C 34 2.21 -16.98 15.81
CA VAL C 34 2.35 -15.89 14.86
C VAL C 34 2.75 -14.62 15.60
N MET C 35 3.40 -13.72 14.86
CA MET C 35 3.78 -12.40 15.36
C MET C 35 2.99 -11.34 14.61
N HIS C 36 2.13 -10.62 15.33
CA HIS C 36 1.35 -9.53 14.76
C HIS C 36 2.14 -8.22 14.77
N TRP C 37 1.76 -7.32 13.85
CA TRP C 37 2.17 -5.92 13.94
C TRP C 37 0.93 -5.04 14.13
N VAL C 38 0.97 -4.19 15.17
CA VAL C 38 -0.10 -3.24 15.50
C VAL C 38 0.54 -1.84 15.64
N ARG C 39 -0.17 -0.81 15.17
CA ARG C 39 0.36 0.55 15.24
C ARG C 39 -0.66 1.48 15.89
N GLN C 40 -0.16 2.59 16.41
CA GLN C 40 -0.97 3.56 17.15
C GLN C 40 -0.45 4.95 16.84
N ALA C 41 -1.23 5.74 16.10
CA ALA C 41 -0.86 7.11 15.84
C ALA C 41 -1.03 7.94 17.12
N PRO C 42 -0.33 9.07 17.23
CA PRO C 42 -0.31 9.78 18.51
C PRO C 42 -1.69 10.25 18.93
N GLY C 43 -2.07 9.91 20.16
CA GLY C 43 -3.39 10.25 20.66
C GLY C 43 -4.54 9.49 20.02
N GLN C 44 -4.26 8.39 19.34
CA GLN C 44 -5.31 7.66 18.64
C GLN C 44 -5.37 6.23 19.17
N GLY C 45 -6.31 5.46 18.61
CA GLY C 45 -6.50 4.09 19.01
C GLY C 45 -5.48 3.15 18.39
N LEU C 46 -5.83 1.87 18.38
CA LEU C 46 -4.96 0.80 17.93
C LEU C 46 -5.50 0.20 16.66
N GLU C 47 -4.59 -0.15 15.74
CA GLU C 47 -4.95 -0.69 14.43
C GLU C 47 -4.04 -1.87 14.11
N TRP C 48 -4.64 -3.02 13.80
CA TRP C 48 -3.88 -4.20 13.42
C TRP C 48 -3.47 -4.12 11.94
N MET C 49 -2.21 -4.48 11.67
CA MET C 49 -1.66 -4.35 10.33
C MET C 49 -1.52 -5.66 9.58
N GLY C 50 -1.30 -6.75 10.30
CA GLY C 50 -0.91 -7.99 9.69
C GLY C 50 -0.17 -8.86 10.68
N TYR C 51 0.06 -10.11 10.27
CA TYR C 51 0.94 -10.97 11.01
C TYR C 51 1.76 -11.79 10.02
N ILE C 52 2.79 -12.45 10.54
CA ILE C 52 3.49 -13.50 9.82
C ILE C 52 3.58 -14.71 10.74
N ASN C 53 3.38 -15.90 10.16
CA ASN C 53 3.54 -17.14 10.90
C ASN C 53 4.96 -17.65 10.66
N PRO C 54 5.81 -17.72 11.68
CA PRO C 54 7.18 -18.18 11.45
C PRO C 54 7.26 -19.63 11.08
N TYR C 55 6.25 -20.43 11.43
CA TYR C 55 6.26 -21.86 11.13
C TYR C 55 6.31 -22.11 9.63
N ASN C 56 5.35 -21.57 8.89
CA ASN C 56 5.25 -21.82 7.46
C ASN C 56 5.56 -20.61 6.60
N ASP C 57 5.92 -19.47 7.22
CA ASP C 57 6.21 -18.22 6.50
C ASP C 57 4.96 -17.59 5.89
N GLY C 58 3.78 -17.97 6.37
CA GLY C 58 2.54 -17.37 5.87
C GLY C 58 2.32 -15.98 6.45
N THR C 59 1.86 -15.07 5.60
CA THR C 59 1.47 -13.74 6.05
C THR C 59 -0.02 -13.54 5.86
N LYS C 60 -0.54 -12.59 6.61
CA LYS C 60 -1.91 -12.14 6.48
C LYS C 60 -1.91 -10.65 6.76
N TYR C 61 -2.43 -9.85 5.83
CA TYR C 61 -2.35 -8.40 5.93
C TYR C 61 -3.72 -7.76 6.07
N ASN C 62 -3.78 -6.67 6.85
CA ASN C 62 -4.91 -5.77 6.80
C ASN C 62 -4.97 -5.13 5.41
N GLU C 63 -6.14 -5.20 4.79
CA GLU C 63 -6.38 -4.70 3.45
C GLU C 63 -5.81 -3.32 3.21
N LYS C 64 -5.84 -2.48 4.26
CA LYS C 64 -5.38 -1.09 4.18
C LYS C 64 -3.90 -1.00 3.79
N PHE C 65 -3.10 -2.01 4.10
CA PHE C 65 -1.66 -1.93 3.91
C PHE C 65 -1.13 -2.87 2.86
N LYS C 66 -1.99 -3.64 2.19
CA LYS C 66 -1.53 -4.52 1.12
C LYS C 66 -0.89 -3.70 0.01
N GLY C 67 0.16 -4.24 -0.58
CA GLY C 67 0.94 -3.53 -1.57
C GLY C 67 1.99 -2.61 -1.01
N ARG C 68 1.92 -2.30 0.29
CA ARG C 68 2.81 -1.33 0.90
C ARG C 68 3.57 -1.85 2.10
N VAL C 69 3.12 -2.95 2.71
CA VAL C 69 3.76 -3.56 3.85
C VAL C 69 4.23 -4.94 3.43
N THR C 70 5.35 -5.38 4.00
CA THR C 70 5.73 -6.79 3.90
C THR C 70 6.30 -7.25 5.22
N MET C 71 5.84 -8.42 5.68
CA MET C 71 6.28 -9.00 6.95
C MET C 71 7.10 -10.25 6.69
N THR C 72 8.28 -10.33 7.32
CA THR C 72 9.20 -11.45 7.18
C THR C 72 9.69 -11.87 8.56
N ARG C 73 10.31 -13.05 8.55
CA ARG C 73 10.85 -13.61 9.82
C ARG C 73 12.18 -14.31 9.57
N ASP C 74 13.05 -14.26 10.57
CA ASP C 74 14.33 -14.98 10.56
C ASP C 74 14.31 -15.87 11.80
N THR C 75 14.02 -17.15 11.60
CA THR C 75 13.88 -18.10 12.70
C THR C 75 15.19 -18.30 13.45
N SER C 76 16.33 -18.20 12.76
CA SER C 76 17.62 -18.44 13.40
C SER C 76 17.96 -17.40 14.47
N ILE C 77 17.37 -16.21 14.39
CA ILE C 77 17.54 -15.18 15.40
C ILE C 77 16.19 -14.76 15.98
N SER C 78 15.18 -15.62 15.87
CA SER C 78 13.84 -15.40 16.45
C SER C 78 13.35 -13.97 16.26
N THR C 79 13.53 -13.44 15.04
CA THR C 79 13.17 -12.05 14.76
C THR C 79 12.08 -12.01 13.69
N ALA C 80 11.12 -11.14 13.89
CA ALA C 80 10.10 -10.84 12.94
C ALA C 80 10.34 -9.41 12.48
N TYR C 81 9.88 -9.17 11.25
CA TYR C 81 10.15 -7.86 10.61
C TYR C 81 8.89 -7.29 9.97
N MET C 82 8.82 -5.98 9.95
CA MET C 82 7.79 -5.23 9.29
C MET C 82 8.39 -4.11 8.47
N GLU C 83 8.19 -4.15 7.19
CA GLU C 83 8.70 -3.16 6.29
C GLU C 83 7.58 -2.43 5.59
N LEU C 84 7.48 -1.15 5.82
CA LEU C 84 6.47 -0.30 5.24
C LEU C 84 7.08 0.66 4.26
N SER C 85 6.58 0.68 3.05
CA SER C 85 7.12 1.48 2.00
C SER C 85 6.31 2.72 1.64
N ARG C 86 6.91 3.61 0.88
CA ARG C 86 6.24 4.82 0.41
C ARG C 86 5.54 5.54 1.57
N LEU C 87 6.36 5.89 2.56
CA LEU C 87 5.84 6.39 3.82
C LEU C 87 5.19 7.74 3.63
N ARG C 88 4.19 8.01 4.47
CA ARG C 88 3.51 9.28 4.44
C ARG C 88 3.25 9.75 5.87
N SER C 89 2.79 11.01 5.97
CA SER C 89 2.65 11.66 7.26
C SER C 89 1.80 10.85 8.22
N ASP C 90 0.67 10.32 7.75
CA ASP C 90 -0.19 9.55 8.63
C ASP C 90 0.30 8.12 8.88
N ASP C 91 1.50 7.78 8.43
CA ASP C 91 2.18 6.59 8.97
C ASP C 91 2.93 6.90 10.26
N THR C 92 2.97 8.15 10.72
CA THR C 92 3.57 8.47 12.01
C THR C 92 2.80 7.76 13.11
N ALA C 93 3.50 6.91 13.85
CA ALA C 93 2.83 6.09 14.85
C ALA C 93 3.88 5.29 15.58
N VAL C 94 3.49 4.75 16.72
CA VAL C 94 4.27 3.71 17.37
C VAL C 94 3.81 2.37 16.83
N TYR C 95 4.76 1.55 16.42
CA TYR C 95 4.50 0.22 15.90
C TYR C 95 4.85 -0.81 16.97
N TYR C 96 3.90 -1.70 17.29
CA TYR C 96 4.12 -2.76 18.26
C TYR C 96 4.08 -4.13 17.56
N CYS C 97 4.93 -5.05 18.00
CA CYS C 97 4.69 -6.45 17.69
C CYS C 97 3.94 -7.08 18.86
N GLY C 98 3.14 -8.08 18.55
CA GLY C 98 2.39 -8.80 19.57
C GLY C 98 2.24 -10.24 19.13
N ARG C 99 2.57 -11.20 19.99
CA ARG C 99 2.58 -12.59 19.57
C ARG C 99 1.24 -13.24 19.85
N ARG C 100 0.96 -14.28 19.22
CA ARG C 100 -0.10 -15.26 19.56
C ARG C 100 -1.45 -14.57 19.51
N ASN C 101 -2.16 -14.59 20.56
CA ASN C 101 -3.47 -13.96 20.62
C ASN C 101 -3.39 -12.61 21.32
N PHE C 102 -2.29 -11.88 21.07
CA PHE C 102 -2.06 -10.55 21.63
C PHE C 102 -1.85 -10.61 23.13
N ASP C 103 -1.18 -11.66 23.61
CA ASP C 103 -0.94 -11.77 25.04
C ASP C 103 0.36 -11.13 25.49
N TYR C 104 1.31 -10.90 24.58
CA TYR C 104 2.54 -10.18 24.91
C TYR C 104 2.85 -9.21 23.78
N TRP C 105 3.40 -8.06 24.17
CA TRP C 105 3.65 -6.90 23.31
C TRP C 105 5.12 -6.53 23.36
N GLY C 106 5.66 -6.08 22.23
CA GLY C 106 6.96 -5.42 22.25
C GLY C 106 6.89 -4.07 22.95
N GLN C 107 8.05 -3.44 23.15
CA GLN C 107 8.06 -2.15 23.80
C GLN C 107 7.66 -1.04 22.84
N GLY C 108 7.39 -1.38 21.58
CA GLY C 108 7.03 -0.39 20.60
C GLY C 108 8.19 0.31 19.93
N THR C 109 8.03 0.70 18.67
CA THR C 109 9.02 1.44 17.91
C THR C 109 8.32 2.67 17.33
N LEU C 110 8.80 3.86 17.70
CA LEU C 110 8.23 5.08 17.16
C LEU C 110 8.82 5.34 15.77
N VAL C 111 7.95 5.60 14.80
CA VAL C 111 8.33 5.98 13.46
C VAL C 111 7.66 7.32 13.18
N THR C 112 8.48 8.36 13.08
CA THR C 112 8.00 9.70 12.76
C THR C 112 8.26 9.98 11.30
N VAL C 113 7.21 10.29 10.54
CA VAL C 113 7.33 10.57 9.12
C VAL C 113 7.21 12.08 8.94
N SER C 114 8.30 12.73 8.52
CA SER C 114 8.30 14.19 8.47
C SER C 114 9.41 14.68 7.54
N SER C 115 9.14 15.79 6.88
CA SER C 115 10.15 16.51 6.10
C SER C 115 10.97 17.46 6.97
N ALA C 116 10.70 17.53 8.26
CA ALA C 116 11.39 18.46 9.13
C ALA C 116 12.75 17.92 9.52
N SER C 117 13.64 18.83 9.91
CA SER C 117 14.97 18.49 10.35
C SER C 117 15.15 18.90 11.81
N THR C 118 16.18 18.32 12.44
CA THR C 118 16.43 18.60 13.85
C THR C 118 16.58 20.10 14.08
N LYS C 119 15.86 20.61 15.08
CA LYS C 119 15.88 22.04 15.38
C LYS C 119 15.71 22.21 16.89
N GLY C 120 16.56 23.03 17.50
CA GLY C 120 16.44 23.32 18.91
C GLY C 120 15.36 24.35 19.15
N PRO C 121 14.88 24.46 20.39
CA PRO C 121 13.75 25.34 20.65
C PRO C 121 14.12 26.78 20.94
N SER C 122 13.22 27.68 20.54
CA SER C 122 13.17 29.03 21.09
C SER C 122 12.29 29.01 22.33
N VAL C 123 12.73 29.70 23.38
CA VAL C 123 11.96 29.75 24.61
C VAL C 123 11.57 31.20 24.88
N PHE C 124 10.28 31.42 25.15
CA PHE C 124 9.77 32.76 25.44
C PHE C 124 9.06 32.75 26.78
N PRO C 125 9.11 33.87 27.53
CA PRO C 125 8.48 33.89 28.85
C PRO C 125 6.97 33.97 28.71
N LEU C 126 6.28 33.32 29.65
CA LEU C 126 4.86 33.54 29.90
C LEU C 126 4.82 34.33 31.20
N ALA C 127 4.85 35.65 31.06
CA ALA C 127 5.15 36.56 32.16
C ALA C 127 3.92 36.79 33.03
N PRO C 128 4.07 36.73 34.34
CA PRO C 128 2.93 37.03 35.22
C PRO C 128 2.62 38.51 35.19
N SER C 129 1.35 38.82 35.49
CA SER C 129 0.88 40.19 35.37
C SER C 129 0.01 40.60 36.57
N GLY C 135 -6.80 37.07 43.74
CA GLY C 135 -6.43 35.99 44.65
C GLY C 135 -4.98 36.12 45.09
N GLY C 136 -4.49 35.13 45.81
CA GLY C 136 -3.10 35.26 46.22
C GLY C 136 -2.10 34.63 45.28
N THR C 137 -2.55 34.09 44.15
CA THR C 137 -1.73 33.22 43.31
C THR C 137 -1.56 33.83 41.93
N ALA C 138 -0.33 33.81 41.43
CA ALA C 138 0.01 34.18 40.06
C ALA C 138 0.50 32.96 39.28
N ALA C 139 0.24 32.96 37.97
CA ALA C 139 0.77 31.96 37.06
C ALA C 139 1.87 32.57 36.18
N LEU C 140 2.92 31.80 35.93
CA LEU C 140 3.97 32.17 35.01
C LEU C 140 4.45 30.88 34.36
N GLY C 141 5.28 31.03 33.33
CA GLY C 141 5.76 29.87 32.59
C GLY C 141 6.71 30.23 31.46
N CYS C 142 7.03 29.21 30.67
CA CYS C 142 7.83 29.33 29.46
C CYS C 142 7.08 28.68 28.30
N LEU C 143 7.11 29.35 27.16
CA LEU C 143 6.63 28.77 25.90
C LEU C 143 7.85 28.29 25.13
N VAL C 144 7.90 26.98 24.87
CA VAL C 144 9.01 26.32 24.17
C VAL C 144 8.56 26.00 22.75
N LYS C 145 9.10 26.73 21.78
CA LYS C 145 8.50 26.79 20.46
C LYS C 145 9.45 26.31 19.37
N ASP C 146 8.87 25.57 18.41
CA ASP C 146 9.50 25.28 17.12
C ASP C 146 10.73 24.37 17.21
N TYR C 147 10.56 23.18 17.77
CA TYR C 147 11.67 22.22 17.87
C TYR C 147 11.28 20.89 17.23
N PHE C 148 12.31 20.07 17.00
CA PHE C 148 12.18 18.76 16.34
C PHE C 148 13.44 17.91 16.47
N PRO C 149 13.29 16.61 16.75
CA PRO C 149 12.01 15.97 17.04
C PRO C 149 11.75 16.11 18.51
N GLU C 150 10.67 15.49 18.98
CA GLU C 150 10.46 15.31 20.40
C GLU C 150 11.58 14.43 20.95
N PRO C 151 11.83 14.52 22.26
CA PRO C 151 11.13 15.32 23.26
C PRO C 151 11.94 16.47 23.85
N VAL C 152 11.24 17.31 24.59
CA VAL C 152 11.82 18.37 25.40
C VAL C 152 11.37 18.13 26.84
N THR C 153 12.28 18.30 27.79
CA THR C 153 11.92 18.28 29.20
C THR C 153 12.13 19.65 29.80
N VAL C 154 11.37 19.95 30.85
CA VAL C 154 11.43 21.26 31.49
C VAL C 154 11.47 21.06 33.00
N SER C 155 12.39 21.75 33.65
CA SER C 155 12.38 21.91 35.09
C SER C 155 12.24 23.39 35.41
N TRP C 156 12.03 23.69 36.69
CA TRP C 156 12.01 25.07 37.15
C TRP C 156 13.01 25.24 38.27
N ASN C 157 13.79 26.32 38.19
CA ASN C 157 14.79 26.65 39.20
C ASN C 157 15.71 25.45 39.46
N SER C 158 16.15 24.83 38.36
CA SER C 158 17.08 23.69 38.37
C SER C 158 16.57 22.55 39.26
N GLY C 159 15.26 22.31 39.24
CA GLY C 159 14.69 21.26 40.03
C GLY C 159 14.19 21.66 41.41
N ALA C 160 14.53 22.86 41.88
CA ALA C 160 14.15 23.28 43.23
C ALA C 160 12.68 23.66 43.32
N LEU C 161 12.03 23.93 42.20
CA LEU C 161 10.62 24.28 42.16
C LEU C 161 9.86 23.20 41.41
N THR C 162 9.08 22.40 42.13
CA THR C 162 8.27 21.34 41.55
C THR C 162 6.79 21.48 41.87
N SER C 163 6.46 22.12 42.98
CA SER C 163 5.07 22.21 43.41
C SER C 163 4.30 23.16 42.51
N GLY C 164 3.15 22.71 42.01
CA GLY C 164 2.33 23.53 41.16
C GLY C 164 2.82 23.66 39.74
N VAL C 165 3.79 22.85 39.33
CA VAL C 165 4.31 22.91 37.96
C VAL C 165 3.43 22.08 37.06
N HIS C 166 3.08 22.62 35.88
CA HIS C 166 2.39 21.87 34.84
C HIS C 166 3.14 22.02 33.52
N THR C 167 3.72 20.93 33.03
CA THR C 167 4.36 20.91 31.72
C THR C 167 3.46 20.15 30.78
N PHE C 168 3.04 20.81 29.66
CA PHE C 168 1.98 20.23 28.87
C PHE C 168 2.53 19.33 27.78
N PRO C 169 1.76 18.32 27.40
CA PRO C 169 2.11 17.54 26.20
C PRO C 169 2.35 18.47 25.04
N ALA C 170 3.40 18.19 24.28
CA ALA C 170 3.70 18.95 23.08
C ALA C 170 2.58 18.78 22.08
N VAL C 171 2.42 19.79 21.23
CA VAL C 171 1.52 19.72 20.08
C VAL C 171 2.36 19.80 18.81
N LEU C 172 1.96 19.03 17.79
CA LEU C 172 2.55 19.20 16.47
C LEU C 172 1.87 20.37 15.77
N GLN C 173 2.63 21.41 15.50
CA GLN C 173 2.10 22.64 14.95
C GLN C 173 1.77 22.51 13.46
N SER C 174 0.94 23.41 12.97
CA SER C 174 0.60 23.40 11.55
C SER C 174 1.83 23.58 10.63
N SER C 175 2.99 23.84 11.24
CA SER C 175 4.22 24.02 10.46
C SER C 175 5.13 22.81 10.41
N GLY C 176 4.83 21.75 11.15
CA GLY C 176 5.71 20.60 11.20
C GLY C 176 6.67 20.57 12.37
N LEU C 177 6.72 21.61 13.18
CA LEU C 177 7.54 21.66 14.37
C LEU C 177 6.67 21.57 15.63
N TYR C 178 7.28 21.07 16.72
CA TYR C 178 6.58 20.92 17.99
C TYR C 178 6.64 22.18 18.84
N SER C 179 5.80 22.21 19.88
CA SER C 179 5.70 23.37 20.75
C SER C 179 4.92 22.99 22.00
N LEU C 180 5.47 23.32 23.17
CA LEU C 180 4.74 23.11 24.40
C LEU C 180 4.89 24.34 25.28
N SER C 181 4.15 24.33 26.38
CA SER C 181 4.30 25.33 27.41
C SER C 181 4.48 24.60 28.73
N SER C 182 5.30 25.15 29.60
CA SER C 182 5.40 24.70 30.98
C SER C 182 5.04 25.88 31.85
N VAL C 183 4.13 25.67 32.81
CA VAL C 183 3.64 26.75 33.67
C VAL C 183 3.82 26.36 35.13
N VAL C 184 3.70 27.36 36.01
CA VAL C 184 3.74 27.13 37.44
C VAL C 184 2.93 28.22 38.12
N THR C 185 2.17 27.86 39.14
CA THR C 185 1.50 28.86 39.95
C THR C 185 2.23 29.01 41.28
N VAL C 186 2.31 30.25 41.75
CA VAL C 186 3.13 30.64 42.89
C VAL C 186 2.44 31.78 43.64
N PRO C 187 2.70 31.98 44.92
CA PRO C 187 2.22 33.19 45.59
C PRO C 187 2.62 34.45 44.84
N SER C 188 1.63 35.30 44.56
CA SER C 188 1.91 36.56 43.88
C SER C 188 2.79 37.47 44.72
N SER C 189 2.79 37.29 46.05
CA SER C 189 3.69 38.06 46.92
C SER C 189 5.16 37.73 46.66
N SER C 190 5.45 36.58 46.05
CA SER C 190 6.83 36.19 45.80
C SER C 190 7.40 36.82 44.54
N LEU C 191 6.56 37.44 43.72
CA LEU C 191 6.98 37.82 42.37
C LEU C 191 8.15 38.79 42.41
N GLY C 192 8.13 39.76 43.33
CA GLY C 192 9.19 40.74 43.37
C GLY C 192 10.51 40.24 43.93
N THR C 193 10.48 39.16 44.71
CA THR C 193 11.66 38.73 45.46
C THR C 193 12.22 37.36 45.06
N GLN C 194 11.44 36.53 44.37
CA GLN C 194 11.84 35.17 44.03
C GLN C 194 12.08 35.06 42.53
N THR C 195 13.26 34.56 42.15
CA THR C 195 13.58 34.36 40.74
C THR C 195 12.98 33.04 40.23
N TYR C 196 12.40 33.09 39.02
CA TYR C 196 11.88 31.90 38.37
C TYR C 196 12.57 31.73 37.02
N ILE C 197 13.29 30.61 36.89
CA ILE C 197 13.97 30.25 35.66
C ILE C 197 13.44 28.89 35.23
N CYS C 198 13.01 28.78 33.98
CA CYS C 198 12.74 27.47 33.41
C CYS C 198 13.99 26.96 32.70
N ASN C 199 14.32 25.70 32.97
CA ASN C 199 15.43 25.01 32.34
C ASN C 199 14.84 24.04 31.33
N VAL C 200 15.07 24.31 30.06
CA VAL C 200 14.47 23.57 28.95
C VAL C 200 15.55 22.73 28.29
N ASN C 201 15.33 21.43 28.19
CA ASN C 201 16.34 20.50 27.70
C ASN C 201 15.84 19.83 26.42
N HIS C 202 16.67 19.87 25.37
CA HIS C 202 16.34 19.22 24.10
C HIS C 202 17.53 18.38 23.69
N LYS C 203 17.58 17.12 24.15
CA LYS C 203 18.71 16.27 23.82
C LYS C 203 18.89 15.98 22.32
N PRO C 204 17.85 15.84 21.50
CA PRO C 204 18.11 15.59 20.07
C PRO C 204 18.96 16.66 19.39
N SER C 205 18.97 17.90 19.86
CA SER C 205 19.82 18.92 19.25
C SER C 205 20.95 19.37 20.16
N ASN C 206 21.18 18.68 21.28
CA ASN C 206 22.26 19.00 22.22
C ASN C 206 22.13 20.43 22.77
N THR C 207 20.90 20.84 23.07
CA THR C 207 20.58 22.19 23.48
C THR C 207 19.90 22.20 24.85
N LYS C 208 20.34 23.10 25.71
CA LYS C 208 19.74 23.39 27.01
C LYS C 208 19.60 24.91 27.11
N VAL C 209 18.40 25.38 27.41
CA VAL C 209 18.08 26.81 27.43
C VAL C 209 17.49 27.15 28.78
N ASP C 210 18.07 28.13 29.47
CA ASP C 210 17.52 28.70 30.70
C ASP C 210 16.91 30.06 30.38
N LYS C 211 15.62 30.21 30.62
CA LYS C 211 14.96 31.50 30.46
C LYS C 211 14.44 31.98 31.80
N LYS C 212 14.89 33.17 32.20
CA LYS C 212 14.39 33.81 33.40
C LYS C 212 13.09 34.52 33.05
N VAL C 213 12.07 34.35 33.89
CA VAL C 213 10.72 34.85 33.62
C VAL C 213 10.37 35.86 34.71
N GLU C 214 10.17 37.12 34.32
CA GLU C 214 9.97 38.23 35.23
C GLU C 214 8.60 38.86 35.02
N PRO C 215 8.09 39.59 36.03
CA PRO C 215 6.88 40.39 35.82
C PRO C 215 7.02 41.33 34.63
N LYS C 216 5.91 41.54 33.93
CA LYS C 216 5.93 42.18 32.61
C LYS C 216 6.19 43.68 32.67
N ASP D 1 -15.76 -6.21 8.28
CA ASP D 1 -14.89 -6.07 9.45
C ASP D 1 -15.74 -6.00 10.71
N ILE D 2 -15.32 -6.69 11.76
CA ILE D 2 -16.00 -6.57 13.04
C ILE D 2 -15.67 -5.22 13.67
N VAL D 3 -16.69 -4.54 14.18
CA VAL D 3 -16.56 -3.27 14.89
C VAL D 3 -16.70 -3.52 16.38
N MET D 4 -15.76 -3.01 17.16
CA MET D 4 -15.80 -3.12 18.62
C MET D 4 -16.16 -1.75 19.19
N THR D 5 -17.24 -1.70 19.99
CA THR D 5 -17.72 -0.46 20.59
C THR D 5 -17.70 -0.57 22.11
N GLN D 6 -17.02 0.38 22.76
CA GLN D 6 -16.85 0.36 24.21
C GLN D 6 -17.77 1.40 24.85
N SER D 7 -18.15 1.12 26.09
CA SER D 7 -19.01 2.00 26.88
C SER D 7 -18.60 1.91 28.32
N PRO D 8 -18.49 3.06 29.01
CA PRO D 8 -18.57 4.42 28.47
C PRO D 8 -17.25 4.81 27.87
N ASP D 9 -17.15 6.02 27.31
CA ASP D 9 -15.89 6.49 26.79
C ASP D 9 -14.96 6.88 27.93
N SER D 10 -15.51 7.34 29.03
CA SER D 10 -14.73 7.73 30.18
C SER D 10 -15.50 7.34 31.43
N LEU D 11 -14.78 6.83 32.43
CA LEU D 11 -15.39 6.43 33.68
C LEU D 11 -14.59 6.93 34.88
N ALA D 12 -15.29 7.56 35.82
CA ALA D 12 -14.65 8.10 37.02
C ALA D 12 -15.16 7.40 38.28
N VAL D 13 -14.23 6.88 39.08
CA VAL D 13 -14.59 6.19 40.31
C VAL D 13 -13.52 6.39 41.38
N SER D 14 -13.96 6.61 42.61
CA SER D 14 -13.03 6.82 43.73
C SER D 14 -12.29 5.54 44.06
N LEU D 15 -11.09 5.69 44.61
CA LEU D 15 -10.26 4.54 44.98
C LEU D 15 -11.08 3.52 45.78
N GLY D 16 -10.82 2.24 45.55
CA GLY D 16 -11.50 1.17 46.32
C GLY D 16 -12.87 0.83 45.79
N GLU D 17 -13.32 1.47 44.73
CA GLU D 17 -14.67 1.25 44.16
C GLU D 17 -14.62 0.40 42.91
N ARG D 18 -15.69 -0.35 42.68
CA ARG D 18 -15.81 -1.21 41.48
C ARG D 18 -15.89 -0.38 40.20
N ALA D 19 -15.15 -0.79 39.18
CA ALA D 19 -15.21 -0.14 37.86
C ALA D 19 -15.59 -1.19 36.82
N THR D 20 -16.51 -0.86 35.94
CA THR D 20 -17.06 -1.78 34.96
C THR D 20 -17.06 -1.12 33.58
N ILE D 21 -16.41 -1.76 32.62
CA ILE D 21 -16.28 -1.28 31.24
C ILE D 21 -16.97 -2.29 30.33
N ASN D 22 -17.80 -1.80 29.43
CA ASN D 22 -18.49 -2.67 28.50
C ASN D 22 -17.84 -2.63 27.12
N CYS D 23 -17.85 -3.78 26.44
CA CYS D 23 -17.38 -3.89 25.07
C CYS D 23 -18.44 -4.64 24.26
N LYS D 24 -18.90 -4.04 23.17
CA LYS D 24 -19.92 -4.63 22.32
C LYS D 24 -19.32 -4.94 20.94
N SER D 25 -19.54 -6.17 20.49
CA SER D 25 -19.02 -6.66 19.22
C SER D 25 -20.10 -6.57 18.15
N SER D 26 -19.74 -6.05 16.96
CA SER D 26 -20.70 -5.96 15.87
C SER D 26 -21.14 -7.33 15.39
N GLN D 27 -20.43 -8.37 15.81
CA GLN D 27 -20.66 -9.74 15.38
C GLN D 27 -20.18 -10.64 16.50
N SER D 28 -20.83 -11.79 16.66
CA SER D 28 -20.45 -12.72 17.72
C SER D 28 -18.99 -13.14 17.61
N LEU D 29 -18.34 -13.27 18.76
CA LEU D 29 -16.96 -13.72 18.84
C LEU D 29 -16.85 -15.11 19.43
N LEU D 30 -17.98 -15.80 19.57
CA LEU D 30 -18.00 -17.15 20.09
C LEU D 30 -17.84 -18.14 18.94
N LEU D 31 -16.82 -19.00 19.04
CA LEU D 31 -16.58 -20.00 18.02
C LEU D 31 -17.31 -21.27 18.45
N SER D 32 -18.32 -21.68 17.67
CA SER D 32 -19.12 -22.82 18.11
C SER D 32 -18.31 -24.09 18.16
N GLY D 33 -17.23 -24.19 17.37
CA GLY D 33 -16.45 -25.42 17.34
C GLY D 33 -15.82 -25.77 18.67
N ASN D 34 -15.13 -24.81 19.30
CA ASN D 34 -14.50 -25.08 20.60
C ASN D 34 -15.18 -24.36 21.75
N GLN D 35 -16.25 -23.60 21.48
CA GLN D 35 -17.01 -22.91 22.51
C GLN D 35 -16.14 -21.90 23.25
N GLU D 36 -15.27 -21.20 22.52
CA GLU D 36 -14.42 -20.15 23.08
C GLU D 36 -14.81 -18.80 22.52
N ASN D 37 -14.65 -17.75 23.33
CA ASN D 37 -14.82 -16.37 22.90
C ASN D 37 -13.44 -15.75 22.67
N TYR D 38 -13.28 -15.05 21.54
CA TYR D 38 -11.98 -14.51 21.16
C TYR D 38 -11.96 -13.01 21.41
N LEU D 39 -11.67 -12.65 22.66
CA LEU D 39 -11.68 -11.26 23.09
C LEU D 39 -10.59 -11.04 24.12
N ALA D 40 -9.79 -9.99 23.93
CA ALA D 40 -8.81 -9.57 24.92
C ALA D 40 -9.13 -8.18 25.46
N TRP D 41 -8.63 -7.92 26.67
CA TRP D 41 -8.62 -6.59 27.26
C TRP D 41 -7.17 -6.16 27.48
N HIS D 42 -6.84 -4.94 27.05
CA HIS D 42 -5.51 -4.35 27.23
C HIS D 42 -5.58 -3.08 28.06
N GLN D 43 -4.53 -2.85 28.84
CA GLN D 43 -4.36 -1.65 29.63
C GLN D 43 -3.18 -0.86 29.08
N GLN D 44 -3.39 0.44 28.83
CA GLN D 44 -2.34 1.30 28.30
C GLN D 44 -2.38 2.63 29.03
N LYS D 45 -1.23 3.01 29.62
CA LYS D 45 -0.83 4.23 30.31
C LYS D 45 -0.15 5.17 29.33
N PRO D 46 -0.23 6.48 29.58
CA PRO D 46 0.28 7.46 28.62
C PRO D 46 1.73 7.19 28.25
N GLY D 47 2.01 7.22 26.94
CA GLY D 47 3.33 6.99 26.42
C GLY D 47 3.93 5.61 26.62
N GLN D 48 3.13 4.64 27.01
CA GLN D 48 3.62 3.32 27.24
C GLN D 48 2.96 2.32 26.37
N PRO D 49 3.68 1.14 26.30
CA PRO D 49 3.04 0.09 25.49
C PRO D 49 1.84 -0.47 26.19
N PRO D 50 0.96 -1.12 25.36
CA PRO D 50 -0.14 -1.79 26.06
C PRO D 50 0.32 -3.05 26.81
N LYS D 51 -0.40 -3.43 27.82
CA LYS D 51 -0.19 -4.62 28.54
C LYS D 51 -1.50 -5.38 28.54
N THR D 52 -1.42 -6.65 28.23
CA THR D 52 -2.56 -7.53 28.20
C THR D 52 -3.01 -7.99 29.58
N LEU D 53 -4.29 -7.84 29.84
CA LEU D 53 -4.87 -8.24 31.07
C LEU D 53 -5.68 -9.51 31.04
N ILE D 54 -6.45 -9.70 30.00
CA ILE D 54 -7.41 -10.79 29.85
C ILE D 54 -7.31 -11.31 28.44
N THR D 55 -7.34 -12.64 28.28
CA THR D 55 -7.61 -13.26 26.98
C THR D 55 -8.71 -14.30 27.14
N TRP D 56 -9.21 -14.76 26.01
CA TRP D 56 -10.32 -15.72 25.96
C TRP D 56 -11.51 -15.22 26.78
N ALA D 57 -11.73 -13.90 26.76
CA ALA D 57 -12.84 -13.22 27.44
C ALA D 57 -12.72 -13.20 28.96
N SER D 58 -12.18 -14.26 29.56
CA SER D 58 -12.20 -14.35 31.02
C SER D 58 -10.97 -14.99 31.62
N THR D 59 -9.97 -15.29 30.84
CA THR D 59 -8.75 -15.84 31.36
C THR D 59 -7.80 -14.66 31.63
N ARG D 60 -7.37 -14.60 32.90
CA ARG D 60 -6.47 -13.51 33.32
C ARG D 60 -5.03 -13.85 32.96
N ILE D 61 -4.28 -12.86 32.47
CA ILE D 61 -2.89 -13.00 32.12
C ILE D 61 -2.07 -13.29 33.37
N SER D 62 -1.04 -14.11 33.27
CA SER D 62 -0.29 -14.49 34.46
C SER D 62 0.40 -13.29 35.09
N GLY D 63 0.23 -13.13 36.39
CA GLY D 63 0.77 -12.02 37.12
C GLY D 63 -0.11 -10.79 37.18
N VAL D 64 -1.21 -10.74 36.43
CA VAL D 64 -2.08 -9.56 36.53
C VAL D 64 -2.86 -9.62 37.83
N PRO D 65 -3.01 -8.50 38.55
CA PRO D 65 -3.77 -8.54 39.81
C PRO D 65 -5.12 -9.21 39.69
N ASP D 66 -5.45 -9.94 40.76
CA ASP D 66 -6.69 -10.67 40.91
C ASP D 66 -7.92 -9.77 40.80
N ARG D 67 -7.78 -8.47 41.04
CA ARG D 67 -8.94 -7.57 41.00
C ARG D 67 -9.45 -7.31 39.59
N PHE D 68 -8.73 -7.77 38.56
CA PHE D 68 -9.17 -7.67 37.18
C PHE D 68 -9.85 -8.98 36.75
N SER D 69 -11.04 -8.87 36.16
CA SER D 69 -11.72 -10.04 35.65
C SER D 69 -12.56 -9.64 34.44
N GLY D 70 -12.54 -10.49 33.43
CA GLY D 70 -13.38 -10.32 32.26
C GLY D 70 -14.52 -11.34 32.29
N SER D 71 -15.61 -10.99 31.62
CA SER D 71 -16.77 -11.87 31.55
C SER D 71 -17.58 -11.50 30.32
N GLY D 72 -18.62 -12.27 30.06
CA GLY D 72 -19.44 -12.08 28.89
C GLY D 72 -19.16 -13.13 27.83
N SER D 73 -19.95 -13.06 26.77
CA SER D 73 -19.88 -14.03 25.68
C SER D 73 -20.66 -13.48 24.50
N GLY D 74 -20.30 -13.95 23.31
CA GLY D 74 -21.02 -13.55 22.12
C GLY D 74 -20.66 -12.17 21.64
N THR D 75 -21.54 -11.21 21.88
CA THR D 75 -21.33 -9.84 21.43
C THR D 75 -21.13 -8.85 22.56
N ASP D 76 -21.30 -9.26 23.82
CA ASP D 76 -21.25 -8.40 25.00
C ASP D 76 -20.21 -8.92 25.98
N PHE D 77 -19.25 -8.06 26.36
CA PHE D 77 -18.20 -8.44 27.27
C PHE D 77 -17.96 -7.33 28.28
N THR D 78 -17.45 -7.69 29.45
CA THR D 78 -17.21 -6.71 30.50
C THR D 78 -15.84 -6.91 31.12
N LEU D 79 -15.10 -5.82 31.31
CA LEU D 79 -13.93 -5.78 32.19
C LEU D 79 -14.33 -5.21 33.54
N THR D 80 -14.02 -5.94 34.61
CA THR D 80 -14.34 -5.50 35.96
C THR D 80 -13.06 -5.33 36.77
N ILE D 81 -12.88 -4.13 37.34
CA ILE D 81 -11.89 -3.89 38.38
C ILE D 81 -12.64 -3.88 39.70
N SER D 82 -12.44 -4.91 40.54
CA SER D 82 -13.28 -5.02 41.73
C SER D 82 -13.08 -3.85 42.70
N SER D 83 -11.87 -3.30 42.77
CA SER D 83 -11.55 -2.25 43.73
C SER D 83 -10.43 -1.41 43.10
N LEU D 84 -10.77 -0.21 42.64
CA LEU D 84 -9.82 0.56 41.85
C LEU D 84 -8.66 1.03 42.71
N GLN D 85 -7.46 0.94 42.16
CA GLN D 85 -6.29 1.48 42.84
C GLN D 85 -5.62 2.54 41.97
N ALA D 86 -4.72 3.29 42.59
CA ALA D 86 -4.17 4.47 41.93
C ALA D 86 -3.49 4.13 40.62
N GLU D 87 -2.81 2.99 40.58
CA GLU D 87 -2.08 2.59 39.37
C GLU D 87 -2.99 2.02 38.29
N ASP D 88 -4.30 1.94 38.51
CA ASP D 88 -5.23 1.46 37.52
C ASP D 88 -5.71 2.56 36.59
N VAL D 89 -5.34 3.81 36.86
CA VAL D 89 -5.75 4.93 36.03
C VAL D 89 -5.06 4.82 34.67
N ALA D 90 -5.86 4.72 33.60
CA ALA D 90 -5.34 4.33 32.29
C ALA D 90 -6.46 4.27 31.26
N VAL D 91 -6.10 3.97 30.03
CA VAL D 91 -7.05 3.65 28.97
C VAL D 91 -7.13 2.15 28.82
N TYR D 92 -8.34 1.64 28.67
CA TYR D 92 -8.59 0.20 28.54
C TYR D 92 -9.20 -0.07 27.18
N TYR D 93 -8.66 -1.07 26.48
CA TYR D 93 -9.11 -1.44 25.16
C TYR D 93 -9.56 -2.90 25.16
N CYS D 94 -10.72 -3.17 24.56
CA CYS D 94 -11.04 -4.54 24.19
C CYS D 94 -10.60 -4.78 22.76
N GLN D 95 -10.34 -6.05 22.44
CA GLN D 95 -9.89 -6.42 21.11
C GLN D 95 -10.40 -7.81 20.78
N GLN D 96 -11.05 -7.95 19.63
CA GLN D 96 -11.46 -9.26 19.15
C GLN D 96 -10.30 -9.90 18.40
N SER D 97 -10.04 -11.17 18.69
CA SER D 97 -9.12 -11.95 17.88
C SER D 97 -9.86 -13.05 17.12
N TYR D 98 -11.14 -12.82 16.86
CA TYR D 98 -11.97 -13.85 16.20
C TYR D 98 -11.61 -13.93 14.72
N SER D 99 -11.63 -12.78 14.03
CA SER D 99 -11.40 -12.81 12.61
C SER D 99 -10.71 -11.56 12.15
N ALA D 100 -9.79 -11.73 11.22
CA ALA D 100 -9.00 -10.64 10.76
C ALA D 100 -9.79 -9.59 10.02
N PRO D 101 -9.38 -8.34 10.09
CA PRO D 101 -8.38 -7.67 10.91
C PRO D 101 -8.80 -7.68 12.36
N TYR D 102 -7.83 -7.97 13.24
CA TYR D 102 -8.09 -8.10 14.69
C TYR D 102 -8.28 -6.71 15.31
N THR D 103 -9.47 -6.16 15.11
CA THR D 103 -9.84 -4.85 15.60
C THR D 103 -10.02 -4.60 17.10
N PHE D 104 -9.68 -3.39 17.49
CA PHE D 104 -9.77 -2.93 18.86
C PHE D 104 -11.00 -2.07 19.04
N GLY D 105 -11.47 -1.99 20.28
CA GLY D 105 -12.41 -0.97 20.66
C GLY D 105 -11.77 0.41 20.64
N GLY D 106 -12.61 1.42 20.79
CA GLY D 106 -12.13 2.80 20.83
C GLY D 106 -11.46 3.19 22.13
N GLY D 107 -11.60 2.38 23.18
CA GLY D 107 -10.91 2.65 24.42
C GLY D 107 -11.78 3.40 25.42
N THR D 108 -11.51 3.16 26.71
CA THR D 108 -12.24 3.75 27.82
C THR D 108 -11.24 4.29 28.82
N LYS D 109 -11.28 5.61 29.06
CA LYS D 109 -10.48 6.21 30.12
C LYS D 109 -11.08 5.87 31.48
N VAL D 110 -10.25 5.40 32.40
CA VAL D 110 -10.66 5.26 33.80
C VAL D 110 -9.81 6.23 34.60
N GLU D 111 -10.49 7.08 35.39
CA GLU D 111 -9.84 8.14 36.14
C GLU D 111 -10.38 8.12 37.57
N ILE D 112 -9.68 8.83 38.45
CA ILE D 112 -10.15 8.97 39.82
C ILE D 112 -11.26 10.02 39.86
N LYS D 113 -12.39 9.67 40.47
CA LYS D 113 -13.45 10.63 40.69
C LYS D 113 -13.11 11.53 41.88
N ARG D 114 -13.42 12.82 41.72
CA ARG D 114 -13.27 13.81 42.77
C ARG D 114 -14.44 14.77 42.65
N THR D 115 -14.46 15.77 43.52
CA THR D 115 -15.51 16.79 43.46
C THR D 115 -15.19 17.79 42.36
N VAL D 116 -16.23 18.42 41.82
CA VAL D 116 -16.04 19.40 40.76
C VAL D 116 -15.15 20.52 41.26
N ALA D 117 -14.26 21.00 40.39
CA ALA D 117 -13.34 22.08 40.74
C ALA D 117 -13.21 22.96 39.51
N ALA D 118 -13.63 24.22 39.63
CA ALA D 118 -13.53 25.11 38.49
C ALA D 118 -12.06 25.48 38.27
N PRO D 119 -11.67 25.80 37.04
CA PRO D 119 -10.29 26.21 36.78
C PRO D 119 -10.01 27.64 37.21
N SER D 120 -8.77 27.88 37.64
CA SER D 120 -8.22 29.23 37.61
C SER D 120 -7.82 29.52 36.16
N VAL D 121 -8.23 30.68 35.64
CA VAL D 121 -7.98 31.02 34.24
C VAL D 121 -6.99 32.18 34.16
N PHE D 122 -6.06 32.09 33.21
CA PHE D 122 -5.00 33.08 33.05
C PHE D 122 -4.73 33.24 31.57
N ILE D 123 -4.53 34.49 31.13
CA ILE D 123 -4.17 34.76 29.75
C ILE D 123 -2.78 35.39 29.72
N PHE D 124 -2.04 35.11 28.66
CA PHE D 124 -0.66 35.56 28.51
C PHE D 124 -0.48 36.19 27.14
N PRO D 125 -0.07 37.43 27.06
CA PRO D 125 0.26 38.03 25.76
C PRO D 125 1.53 37.42 25.20
N PRO D 126 1.79 37.60 23.92
CA PRO D 126 3.10 37.22 23.38
C PRO D 126 4.20 38.10 23.95
N SER D 127 5.35 37.49 24.22
CA SER D 127 6.54 38.27 24.55
C SER D 127 6.89 39.20 23.39
N ASP D 128 7.44 40.37 23.70
CA ASP D 128 7.94 41.25 22.65
C ASP D 128 8.97 40.54 21.80
N GLU D 129 9.87 39.80 22.44
CA GLU D 129 10.93 39.08 21.72
C GLU D 129 10.35 38.21 20.61
N GLN D 130 9.31 37.41 20.93
CA GLN D 130 8.68 36.59 19.89
C GLN D 130 7.98 37.47 18.85
N LEU D 131 7.26 38.50 19.32
CA LEU D 131 6.47 39.33 18.43
C LEU D 131 7.34 40.01 17.39
N LYS D 132 8.47 40.59 17.82
CA LYS D 132 9.34 41.28 16.88
C LYS D 132 9.90 40.35 15.81
N SER D 133 10.02 39.06 16.12
CA SER D 133 10.46 38.08 15.12
C SER D 133 9.34 37.65 14.18
N GLY D 134 8.12 38.20 14.31
CA GLY D 134 7.09 37.99 13.31
C GLY D 134 5.93 37.10 13.71
N THR D 135 5.91 36.57 14.92
CA THR D 135 4.81 35.71 15.33
C THR D 135 4.34 36.06 16.74
N ALA D 136 3.04 35.96 16.97
CA ALA D 136 2.45 36.16 18.28
C ALA D 136 1.74 34.87 18.71
N SER D 137 2.20 34.31 19.83
CA SER D 137 1.52 33.20 20.48
C SER D 137 0.79 33.75 21.70
N VAL D 138 -0.53 33.63 21.72
CA VAL D 138 -1.33 34.02 22.87
C VAL D 138 -1.76 32.75 23.60
N VAL D 139 -1.47 32.67 24.90
CA VAL D 139 -1.65 31.44 25.66
C VAL D 139 -2.67 31.68 26.77
N CYS D 140 -3.67 30.79 26.83
CA CYS D 140 -4.66 30.75 27.90
C CYS D 140 -4.39 29.53 28.77
N LEU D 141 -4.31 29.74 30.08
CA LEU D 141 -4.11 28.65 31.02
C LEU D 141 -5.38 28.41 31.84
N LEU D 142 -5.84 27.16 31.86
CA LEU D 142 -6.89 26.69 32.77
C LEU D 142 -6.23 25.73 33.74
N ASN D 143 -6.10 26.16 34.99
CA ASN D 143 -5.31 25.44 35.99
C ASN D 143 -6.22 24.63 36.93
N ASN D 144 -5.95 23.34 37.02
CA ASN D 144 -6.43 22.51 38.13
C ASN D 144 -7.96 22.47 38.22
N PHE D 145 -8.59 21.91 37.19
CA PHE D 145 -10.03 21.78 37.15
C PHE D 145 -10.44 20.32 37.05
N TYR D 146 -11.71 20.08 37.36
CA TYR D 146 -12.32 18.75 37.26
C TYR D 146 -13.84 18.89 37.20
N PRO D 147 -14.52 18.17 36.30
CA PRO D 147 -13.99 17.14 35.38
C PRO D 147 -13.16 17.67 34.21
N ARG D 148 -12.76 16.76 33.32
CA ARG D 148 -11.83 17.09 32.26
C ARG D 148 -12.47 17.95 31.18
N GLU D 149 -13.78 17.81 30.94
CA GLU D 149 -14.41 18.50 29.82
C GLU D 149 -14.47 20.01 30.04
N ALA D 150 -13.84 20.76 29.15
CA ALA D 150 -13.86 22.21 29.19
C ALA D 150 -13.92 22.73 27.76
N LYS D 151 -14.34 23.98 27.61
CA LYS D 151 -14.44 24.61 26.30
C LYS D 151 -13.74 25.96 26.38
N VAL D 152 -12.79 26.18 25.45
CA VAL D 152 -12.06 27.44 25.35
C VAL D 152 -12.38 28.08 24.02
N GLN D 153 -12.82 29.33 24.04
CA GLN D 153 -13.06 30.09 22.82
C GLN D 153 -12.24 31.37 22.88
N TRP D 154 -11.51 31.64 21.80
CA TRP D 154 -10.73 32.86 21.67
C TRP D 154 -11.57 33.90 20.95
N LYS D 155 -11.56 35.12 21.48
CA LYS D 155 -12.20 36.22 20.79
C LYS D 155 -11.21 37.37 20.64
N VAL D 156 -11.10 37.89 19.42
CA VAL D 156 -10.22 39.01 19.09
C VAL D 156 -11.10 40.15 18.61
N ASP D 157 -11.20 41.20 19.42
CA ASP D 157 -12.16 42.29 19.18
C ASP D 157 -13.57 41.71 19.00
N ASN D 158 -13.95 40.85 19.94
CA ASN D 158 -15.27 40.23 19.97
C ASN D 158 -15.62 39.51 18.67
N ALA D 159 -14.63 38.93 17.99
CA ALA D 159 -14.85 38.05 16.86
C ALA D 159 -14.35 36.67 17.23
N LEU D 160 -15.25 35.68 17.19
CA LEU D 160 -14.91 34.31 17.57
C LEU D 160 -13.92 33.72 16.58
N GLN D 161 -12.80 33.21 17.10
CA GLN D 161 -11.75 32.62 16.27
C GLN D 161 -12.02 31.14 16.00
N SER D 162 -11.66 30.69 14.81
CA SER D 162 -11.80 29.29 14.44
C SER D 162 -10.64 28.93 13.52
N GLY D 163 -9.96 27.83 13.85
CA GLY D 163 -8.90 27.31 13.01
C GLY D 163 -7.50 27.81 13.30
N ASN D 164 -7.30 28.61 14.34
CA ASN D 164 -5.99 29.21 14.59
C ASN D 164 -5.51 28.99 16.02
N SER D 165 -5.99 27.94 16.69
CA SER D 165 -5.55 27.60 18.03
C SER D 165 -5.32 26.10 18.17
N GLN D 166 -4.48 25.75 19.13
CA GLN D 166 -4.22 24.38 19.51
C GLN D 166 -4.26 24.27 21.03
N GLU D 167 -4.66 23.12 21.51
CA GLU D 167 -4.74 22.89 22.93
C GLU D 167 -4.14 21.57 23.42
N SER D 168 -3.72 21.57 24.66
CA SER D 168 -3.11 20.42 25.26
C SER D 168 -3.57 20.25 26.72
N VAL D 169 -3.72 19.02 27.14
CA VAL D 169 -4.21 18.74 28.47
C VAL D 169 -3.28 17.85 29.26
N THR D 170 -3.13 18.10 30.53
CA THR D 170 -2.23 17.23 31.27
C THR D 170 -2.93 15.92 31.63
N GLU D 171 -2.15 14.97 32.10
CA GLU D 171 -2.72 13.79 32.72
C GLU D 171 -3.21 14.15 34.10
N GLN D 172 -4.14 13.34 34.61
CA GLN D 172 -4.72 13.61 35.92
C GLN D 172 -3.64 13.69 36.99
N ASP D 173 -3.70 14.76 37.79
CA ASP D 173 -2.70 14.96 38.83
C ASP D 173 -2.79 13.90 39.92
N SER D 174 -1.63 13.39 40.32
CA SER D 174 -1.58 12.25 41.22
C SER D 174 -1.78 12.60 42.69
N LYS D 175 -1.92 13.88 43.03
CA LYS D 175 -2.26 14.24 44.40
C LYS D 175 -3.63 14.90 44.53
N ASP D 176 -4.07 15.72 43.58
CA ASP D 176 -5.38 16.35 43.70
C ASP D 176 -6.37 15.91 42.63
N SER D 177 -5.96 15.06 41.68
CA SER D 177 -6.85 14.46 40.67
C SER D 177 -7.47 15.47 39.73
N THR D 178 -6.86 16.65 39.57
CA THR D 178 -7.38 17.66 38.66
C THR D 178 -6.66 17.58 37.32
N TYR D 179 -7.20 18.31 36.34
CA TYR D 179 -6.61 18.47 35.03
C TYR D 179 -6.23 19.94 34.82
N SER D 180 -5.28 20.17 33.92
CA SER D 180 -4.92 21.50 33.49
C SER D 180 -4.86 21.51 31.97
N LEU D 181 -5.15 22.68 31.38
CA LEU D 181 -5.27 22.78 29.93
C LEU D 181 -4.58 24.05 29.45
N SER D 182 -3.86 23.92 28.34
CA SER D 182 -3.20 25.02 27.65
C SER D 182 -3.87 25.20 26.31
N SER D 183 -4.26 26.41 25.97
CA SER D 183 -4.70 26.73 24.62
C SER D 183 -3.79 27.82 24.08
N THR D 184 -3.28 27.63 22.85
CA THR D 184 -2.45 28.62 22.18
C THR D 184 -3.13 29.17 20.94
N LEU D 185 -3.32 30.48 20.90
CA LEU D 185 -3.74 31.19 19.70
C LEU D 185 -2.50 31.73 18.99
N THR D 186 -2.32 31.35 17.72
CA THR D 186 -1.17 31.78 16.93
C THR D 186 -1.59 32.72 15.82
N LEU D 187 -0.94 33.88 15.74
CA LEU D 187 -1.21 34.90 14.73
C LEU D 187 0.12 35.47 14.24
N SER D 188 0.13 35.90 12.98
CA SER D 188 1.28 36.65 12.51
C SER D 188 1.34 38.00 13.20
N LYS D 189 2.55 38.57 13.25
CA LYS D 189 2.75 39.92 13.75
C LYS D 189 1.77 40.89 13.12
N ALA D 190 1.65 40.85 11.78
CA ALA D 190 0.81 41.81 11.09
C ALA D 190 -0.65 41.66 11.49
N ASP D 191 -1.12 40.42 11.63
CA ASP D 191 -2.51 40.22 12.05
C ASP D 191 -2.70 40.60 13.52
N TYR D 192 -1.80 40.12 14.39
CA TYR D 192 -1.88 40.47 15.81
C TYR D 192 -2.05 41.97 16.02
N GLU D 193 -1.20 42.79 15.41
CA GLU D 193 -1.27 44.21 15.69
C GLU D 193 -2.34 44.93 14.89
N LYS D 194 -3.24 44.19 14.24
CA LYS D 194 -4.45 44.75 13.63
C LYS D 194 -5.62 44.83 14.60
N HIS D 195 -5.42 44.49 15.87
CA HIS D 195 -6.55 44.32 16.80
C HIS D 195 -6.13 44.71 18.20
N LYS D 196 -7.12 45.09 19.01
CA LYS D 196 -6.82 45.54 20.37
C LYS D 196 -7.11 44.45 21.40
N VAL D 197 -8.34 43.94 21.46
CA VAL D 197 -8.78 43.13 22.59
C VAL D 197 -8.57 41.65 22.30
N TYR D 198 -7.80 40.98 23.15
CA TYR D 198 -7.58 39.54 23.06
C TYR D 198 -8.23 38.86 24.26
N ALA D 199 -9.14 37.91 24.00
CA ALA D 199 -9.96 37.33 25.05
C ALA D 199 -10.03 35.81 24.97
N CYS D 200 -9.92 35.18 26.13
CA CYS D 200 -10.06 33.74 26.29
C CYS D 200 -11.30 33.46 27.13
N GLU D 201 -12.27 32.73 26.59
CA GLU D 201 -13.53 32.45 27.28
C GLU D 201 -13.66 30.96 27.57
N VAL D 202 -13.96 30.65 28.84
CA VAL D 202 -13.86 29.29 29.37
C VAL D 202 -15.22 28.85 29.89
N THR D 203 -15.71 27.73 29.38
CA THR D 203 -16.92 27.09 29.88
C THR D 203 -16.54 25.80 30.60
N HIS D 204 -17.07 25.62 31.80
CA HIS D 204 -16.76 24.44 32.60
C HIS D 204 -17.89 24.22 33.60
N GLN D 205 -18.24 22.95 33.80
CA GLN D 205 -19.23 22.55 34.80
C GLN D 205 -19.05 23.29 36.12
N GLY D 206 -17.83 23.64 36.48
CA GLY D 206 -17.60 24.31 37.75
C GLY D 206 -17.87 25.80 37.77
N LEU D 207 -18.27 26.38 36.64
CA LEU D 207 -18.48 27.81 36.52
C LEU D 207 -19.94 28.07 36.24
N SER D 208 -20.56 28.94 37.05
CA SER D 208 -21.95 29.33 36.83
C SER D 208 -22.14 29.80 35.39
N SER D 209 -21.33 30.75 34.95
CA SER D 209 -21.37 31.29 33.60
C SER D 209 -19.93 31.43 33.12
N PRO D 210 -19.72 31.48 31.81
CA PRO D 210 -18.35 31.52 31.27
C PRO D 210 -17.49 32.61 31.90
N VAL D 211 -16.22 32.29 32.08
CA VAL D 211 -15.22 33.22 32.57
C VAL D 211 -14.35 33.64 31.40
N THR D 212 -14.24 34.95 31.19
CA THR D 212 -13.39 35.53 30.17
C THR D 212 -12.22 36.23 30.85
N LYS D 213 -11.01 35.98 30.36
CA LYS D 213 -9.85 36.79 30.68
C LYS D 213 -9.36 37.40 29.38
N SER D 214 -8.89 38.63 29.47
CA SER D 214 -8.54 39.36 28.27
C SER D 214 -7.44 40.35 28.58
N PHE D 215 -6.83 40.87 27.52
CA PHE D 215 -5.94 42.01 27.60
C PHE D 215 -6.13 42.85 26.35
N ASN D 216 -5.67 44.10 26.44
CA ASN D 216 -5.60 45.01 25.31
C ASN D 216 -4.14 45.09 24.88
N ARG D 217 -3.88 44.78 23.61
CA ARG D 217 -2.54 44.79 23.05
C ARG D 217 -1.89 46.16 23.26
N GLY D 218 -0.85 46.22 24.08
CA GLY D 218 -0.17 47.49 24.33
C GLY D 218 -0.21 48.02 25.76
N VAL E 3 -15.16 -43.71 30.16
CA VAL E 3 -15.97 -43.37 28.98
C VAL E 3 -16.59 -44.62 28.37
N GLN E 4 -17.90 -44.57 28.17
CA GLN E 4 -18.66 -45.72 27.71
C GLN E 4 -19.80 -45.24 26.83
N LEU E 5 -19.93 -45.84 25.65
CA LEU E 5 -20.97 -45.49 24.69
C LEU E 5 -21.81 -46.76 24.51
N VAL E 6 -23.03 -46.72 25.03
CA VAL E 6 -23.90 -47.90 25.09
C VAL E 6 -25.07 -47.64 24.12
N GLN E 7 -25.20 -48.52 23.14
CA GLN E 7 -26.15 -48.35 22.05
C GLN E 7 -27.39 -49.22 22.26
N SER E 8 -28.44 -48.91 21.50
CA SER E 8 -29.65 -49.70 21.57
C SER E 8 -29.46 -51.04 20.86
N GLY E 9 -30.47 -51.91 20.99
CA GLY E 9 -30.35 -53.28 20.54
C GLY E 9 -30.61 -53.44 19.05
N ALA E 10 -30.29 -54.64 18.55
CA ALA E 10 -30.40 -54.93 17.12
C ALA E 10 -31.85 -54.84 16.64
N GLU E 11 -32.00 -54.53 15.35
CA GLU E 11 -33.30 -54.34 14.71
C GLU E 11 -33.36 -55.15 13.43
N VAL E 12 -34.53 -55.76 13.16
CA VAL E 12 -34.84 -56.32 11.84
C VAL E 12 -35.98 -55.49 11.26
N LYS E 13 -35.86 -55.14 9.98
CA LYS E 13 -36.74 -54.17 9.37
C LYS E 13 -37.06 -54.57 7.93
N LYS E 14 -38.23 -54.19 7.47
CA LYS E 14 -38.67 -54.39 6.10
C LYS E 14 -38.18 -53.24 5.23
N PRO E 15 -37.98 -53.49 3.94
CA PRO E 15 -37.69 -52.39 3.02
C PRO E 15 -38.74 -51.29 3.14
N GLY E 16 -38.32 -50.05 2.89
CA GLY E 16 -39.19 -48.90 2.97
C GLY E 16 -39.53 -48.45 4.38
N ALA E 17 -39.13 -49.18 5.41
CA ALA E 17 -39.40 -48.79 6.78
C ALA E 17 -38.28 -47.85 7.27
N SER E 18 -38.31 -47.50 8.56
CA SER E 18 -37.30 -46.64 9.15
C SER E 18 -36.88 -47.24 10.49
N VAL E 19 -35.74 -46.75 10.99
CA VAL E 19 -35.11 -47.29 12.19
C VAL E 19 -34.46 -46.14 12.93
N LYS E 20 -34.50 -46.21 14.25
CA LYS E 20 -33.92 -45.19 15.12
C LYS E 20 -33.02 -45.89 16.12
N VAL E 21 -31.74 -45.50 16.13
CA VAL E 21 -30.74 -46.11 16.98
C VAL E 21 -30.25 -45.06 17.97
N SER E 22 -30.00 -45.48 19.21
CA SER E 22 -29.60 -44.59 20.28
C SER E 22 -28.21 -44.94 20.79
N CYS E 23 -27.59 -43.95 21.44
CA CYS E 23 -26.22 -44.05 21.94
C CYS E 23 -26.14 -43.26 23.23
N LYS E 24 -26.02 -43.97 24.35
CA LYS E 24 -25.99 -43.34 25.68
C LYS E 24 -24.54 -43.12 26.10
N ALA E 25 -24.16 -41.87 26.30
CA ALA E 25 -22.79 -41.49 26.61
C ALA E 25 -22.62 -41.28 28.11
N SER E 26 -21.52 -41.79 28.65
CA SER E 26 -21.19 -41.64 30.06
C SER E 26 -19.68 -41.69 30.23
N GLY E 27 -19.20 -40.96 31.23
CA GLY E 27 -17.78 -40.85 31.50
C GLY E 27 -17.23 -39.46 31.24
N TYR E 28 -17.99 -38.63 30.53
CA TYR E 28 -17.56 -37.31 30.12
C TYR E 28 -18.80 -36.44 30.03
N THR E 29 -18.59 -35.13 29.92
CA THR E 29 -19.71 -34.21 29.73
C THR E 29 -20.17 -34.28 28.28
N PHE E 30 -21.42 -34.72 28.09
CA PHE E 30 -21.95 -35.08 26.78
C PHE E 30 -21.87 -33.94 25.77
N THR E 31 -22.02 -32.69 26.21
CA THR E 31 -22.06 -31.57 25.27
C THR E 31 -20.67 -31.12 24.80
N THR E 32 -19.60 -31.65 25.40
CA THR E 32 -18.27 -31.18 25.03
C THR E 32 -17.87 -31.65 23.63
N TYR E 33 -18.34 -32.81 23.19
CA TYR E 33 -17.88 -33.39 21.92
C TYR E 33 -19.05 -33.80 21.04
N VAL E 34 -18.83 -33.75 19.73
CA VAL E 34 -19.85 -34.21 18.79
C VAL E 34 -19.96 -35.74 18.87
N MET E 35 -21.06 -36.26 18.35
CA MET E 35 -21.32 -37.68 18.31
C MET E 35 -21.54 -38.10 16.87
N HIS E 36 -20.60 -38.89 16.32
CA HIS E 36 -20.68 -39.41 14.96
C HIS E 36 -21.45 -40.73 14.89
N TRP E 37 -21.89 -41.05 13.68
CA TRP E 37 -22.40 -42.37 13.34
C TRP E 37 -21.61 -42.91 12.16
N VAL E 38 -21.18 -44.17 12.28
CA VAL E 38 -20.40 -44.87 11.26
C VAL E 38 -21.03 -46.22 11.03
N ARG E 39 -21.16 -46.62 9.77
CA ARG E 39 -21.72 -47.94 9.50
C ARG E 39 -20.75 -48.81 8.71
N GLN E 40 -21.06 -50.11 8.71
CA GLN E 40 -20.18 -51.11 8.14
C GLN E 40 -21.10 -52.21 7.63
N ALA E 41 -21.28 -52.26 6.31
CA ALA E 41 -22.02 -53.35 5.70
C ALA E 41 -21.23 -54.65 5.89
N PRO E 42 -21.93 -55.80 5.91
CA PRO E 42 -21.24 -57.08 6.14
C PRO E 42 -20.10 -57.30 5.17
N GLY E 43 -18.93 -57.63 5.70
CA GLY E 43 -17.75 -57.84 4.89
C GLY E 43 -17.17 -56.62 4.23
N GLN E 44 -17.62 -55.41 4.61
CA GLN E 44 -17.15 -54.18 3.98
C GLN E 44 -16.36 -53.35 4.97
N GLY E 45 -15.79 -52.25 4.47
CA GLY E 45 -15.15 -51.27 5.31
C GLY E 45 -16.15 -50.39 6.03
N LEU E 46 -15.63 -49.28 6.55
CA LEU E 46 -16.39 -48.39 7.41
C LEU E 46 -16.73 -47.11 6.65
N GLU E 47 -17.92 -46.56 6.90
CA GLU E 47 -18.39 -45.36 6.24
C GLU E 47 -18.98 -44.37 7.26
N TRP E 48 -18.45 -43.15 7.29
CA TRP E 48 -18.94 -42.10 8.17
C TRP E 48 -20.27 -41.55 7.64
N MET E 49 -21.27 -41.49 8.52
CA MET E 49 -22.61 -41.09 8.11
C MET E 49 -22.90 -39.62 8.40
N GLY E 50 -22.45 -39.13 9.54
CA GLY E 50 -22.77 -37.80 10.00
C GLY E 50 -22.45 -37.69 11.47
N TYR E 51 -22.69 -36.50 12.01
CA TYR E 51 -22.61 -36.34 13.45
C TYR E 51 -23.59 -35.27 13.90
N ILE E 52 -23.90 -35.29 15.20
CA ILE E 52 -24.63 -34.22 15.85
C ILE E 52 -23.77 -33.64 16.96
N ASN E 53 -23.69 -32.31 17.01
CA ASN E 53 -23.00 -31.62 18.09
C ASN E 53 -24.02 -31.36 19.18
N PRO E 54 -23.94 -32.04 20.33
CA PRO E 54 -24.96 -31.81 21.38
C PRO E 54 -24.99 -30.38 21.90
N TYR E 55 -23.92 -29.59 21.72
CA TYR E 55 -23.85 -28.29 22.35
C TYR E 55 -24.72 -27.25 21.64
N ASN E 56 -24.80 -27.29 20.32
CA ASN E 56 -25.59 -26.30 19.59
C ASN E 56 -26.63 -26.96 18.69
N ASP E 57 -26.84 -28.27 18.84
CA ASP E 57 -27.73 -29.06 18.00
C ASP E 57 -27.34 -29.06 16.52
N GLY E 58 -26.09 -28.70 16.21
CA GLY E 58 -25.65 -28.71 14.82
C GLY E 58 -25.44 -30.12 14.30
N THR E 59 -25.69 -30.29 13.00
CA THR E 59 -25.50 -31.58 12.33
C THR E 59 -24.70 -31.38 11.05
N LYS E 60 -23.89 -32.38 10.73
CA LYS E 60 -23.27 -32.53 9.40
C LYS E 60 -23.47 -33.96 8.94
N TYR E 61 -23.88 -34.12 7.68
CA TYR E 61 -24.24 -35.41 7.12
C TYR E 61 -23.35 -35.73 5.94
N ASN E 62 -23.08 -37.03 5.77
CA ASN E 62 -22.52 -37.50 4.52
C ASN E 62 -23.50 -37.21 3.39
N GLU E 63 -22.97 -36.70 2.27
CA GLU E 63 -23.83 -36.39 1.13
C GLU E 63 -24.60 -37.62 0.65
N LYS E 64 -24.06 -38.82 0.85
CA LYS E 64 -24.71 -40.02 0.35
C LYS E 64 -25.97 -40.37 1.13
N PHE E 65 -26.09 -39.92 2.37
CA PHE E 65 -27.28 -40.22 3.16
C PHE E 65 -28.16 -39.00 3.36
N LYS E 66 -27.77 -37.85 2.83
CA LYS E 66 -28.65 -36.69 2.82
C LYS E 66 -30.00 -37.07 2.24
N GLY E 67 -31.06 -36.69 2.91
CA GLY E 67 -32.39 -37.05 2.48
C GLY E 67 -32.96 -38.29 3.14
N ARG E 68 -32.15 -39.07 3.87
CA ARG E 68 -32.71 -40.22 4.56
C ARG E 68 -32.33 -40.25 6.04
N VAL E 69 -31.17 -39.70 6.42
CA VAL E 69 -30.67 -39.83 7.78
C VAL E 69 -31.00 -38.57 8.57
N THR E 70 -31.28 -38.75 9.86
CA THR E 70 -31.64 -37.64 10.75
C THR E 70 -31.02 -37.91 12.11
N MET E 71 -30.18 -37.01 12.58
CA MET E 71 -29.55 -37.13 13.85
C MET E 71 -30.00 -36.12 14.88
N THR E 72 -30.29 -36.59 16.06
CA THR E 72 -30.74 -35.74 17.12
C THR E 72 -30.08 -36.10 18.43
N ARG E 73 -30.33 -35.23 19.41
CA ARG E 73 -29.72 -35.44 20.74
C ARG E 73 -30.72 -35.08 21.83
N ASP E 74 -30.47 -35.55 23.03
CA ASP E 74 -31.26 -35.28 24.22
C ASP E 74 -30.28 -35.01 25.33
N THR E 75 -29.90 -33.76 25.45
CA THR E 75 -28.93 -33.33 26.39
C THR E 75 -29.16 -33.74 27.79
N SER E 76 -30.40 -33.73 28.26
CA SER E 76 -30.71 -34.05 29.65
C SER E 76 -30.34 -35.48 30.01
N ILE E 77 -30.44 -36.41 29.06
CA ILE E 77 -30.16 -37.83 29.32
C ILE E 77 -28.90 -38.32 28.60
N SER E 78 -28.12 -37.41 28.00
CA SER E 78 -26.82 -37.75 27.43
C SER E 78 -26.91 -38.86 26.40
N THR E 79 -27.81 -38.68 25.43
CA THR E 79 -28.08 -39.72 24.46
C THR E 79 -28.15 -39.08 23.08
N ALA E 80 -27.62 -39.79 22.09
CA ALA E 80 -27.63 -39.34 20.71
C ALA E 80 -28.41 -40.33 19.86
N TYR E 81 -29.02 -39.85 18.81
CA TYR E 81 -29.78 -40.70 17.94
C TYR E 81 -29.50 -40.57 16.49
N MET E 82 -29.84 -41.60 15.78
CA MET E 82 -29.68 -41.62 14.38
C MET E 82 -30.85 -42.35 13.85
N GLU E 83 -31.54 -41.73 12.92
CA GLU E 83 -32.67 -42.29 12.28
C GLU E 83 -32.44 -42.35 10.84
N LEU E 84 -32.57 -43.55 10.29
CA LEU E 84 -32.45 -43.78 8.89
C LEU E 84 -33.80 -44.26 8.40
N SER E 85 -34.31 -43.54 7.42
CA SER E 85 -35.60 -43.82 6.85
C SER E 85 -35.57 -44.44 5.47
N ARG E 86 -36.69 -44.96 5.02
CA ARG E 86 -36.83 -45.60 3.71
C ARG E 86 -35.70 -46.61 3.49
N LEU E 87 -35.64 -47.56 4.42
CA LEU E 87 -34.56 -48.53 4.46
C LEU E 87 -34.53 -49.38 3.20
N ARG E 88 -33.33 -49.60 2.69
CA ARG E 88 -33.10 -50.46 1.55
C ARG E 88 -32.30 -51.68 1.95
N SER E 89 -32.37 -52.70 1.09
CA SER E 89 -31.67 -53.95 1.33
C SER E 89 -30.20 -53.71 1.68
N ASP E 90 -29.53 -52.84 0.93
CA ASP E 90 -28.11 -52.54 1.15
C ASP E 90 -27.86 -51.57 2.30
N ASP E 91 -28.88 -51.19 3.07
CA ASP E 91 -28.69 -50.56 4.37
C ASP E 91 -28.34 -51.57 5.46
N THR E 92 -28.28 -52.85 5.13
CA THR E 92 -27.93 -53.83 6.14
C THR E 92 -26.48 -53.61 6.56
N ALA E 93 -26.28 -53.35 7.85
CA ALA E 93 -24.97 -52.96 8.36
C ALA E 93 -25.04 -52.96 9.89
N VAL E 94 -23.87 -52.87 10.50
CA VAL E 94 -23.74 -52.58 11.91
C VAL E 94 -23.50 -51.08 12.05
N TYR E 95 -24.35 -50.40 12.79
CA TYR E 95 -24.24 -48.96 12.95
C TYR E 95 -23.57 -48.68 14.29
N TYR E 96 -22.49 -47.88 14.25
CA TYR E 96 -21.64 -47.58 15.40
C TYR E 96 -21.72 -46.09 15.72
N CYS E 97 -21.72 -45.75 17.01
CA CYS E 97 -21.60 -44.35 17.35
C CYS E 97 -20.20 -44.06 17.85
N GLY E 98 -19.72 -42.86 17.58
CA GLY E 98 -18.36 -42.51 17.90
C GLY E 98 -18.23 -41.09 18.40
N ARG E 99 -17.43 -40.93 19.44
CA ARG E 99 -17.23 -39.66 20.11
C ARG E 99 -16.08 -38.88 19.47
N ARG E 100 -16.20 -37.55 19.53
CA ARG E 100 -15.05 -36.64 19.43
C ARG E 100 -14.27 -36.81 18.11
N ASN E 101 -13.04 -37.29 18.19
CA ASN E 101 -12.23 -37.54 17.00
C ASN E 101 -12.10 -39.05 16.75
N PHE E 102 -13.21 -39.77 17.00
CA PHE E 102 -13.29 -41.21 16.84
C PHE E 102 -12.37 -41.94 17.81
N ASP E 103 -12.21 -41.36 19.00
CA ASP E 103 -11.36 -41.96 20.02
C ASP E 103 -12.08 -43.02 20.86
N TYR E 104 -13.42 -43.04 20.85
CA TYR E 104 -14.19 -44.09 21.52
C TYR E 104 -15.41 -44.46 20.69
N TRP E 105 -15.73 -45.76 20.69
CA TRP E 105 -16.78 -46.33 19.87
C TRP E 105 -17.85 -46.99 20.73
N GLY E 106 -19.11 -46.83 20.33
CA GLY E 106 -20.17 -47.69 20.85
C GLY E 106 -19.96 -49.14 20.42
N GLN E 107 -20.75 -50.04 21.03
CA GLN E 107 -20.59 -51.47 20.78
C GLN E 107 -21.27 -51.93 19.49
N GLY E 108 -22.00 -51.04 18.88
CA GLY E 108 -22.68 -51.34 17.65
C GLY E 108 -24.06 -51.94 17.72
N THR E 109 -24.86 -51.61 16.72
CA THR E 109 -26.19 -52.08 16.59
C THR E 109 -26.38 -52.63 15.21
N LEU E 110 -26.71 -53.89 15.17
CA LEU E 110 -27.00 -54.52 13.92
C LEU E 110 -28.38 -54.14 13.38
N VAL E 111 -28.45 -53.76 12.11
CA VAL E 111 -29.71 -53.44 11.47
C VAL E 111 -29.80 -54.30 10.22
N THR E 112 -30.77 -55.22 10.18
CA THR E 112 -30.94 -56.08 9.02
C THR E 112 -32.21 -55.65 8.29
N VAL E 113 -32.07 -55.28 7.01
CA VAL E 113 -33.20 -54.83 6.21
C VAL E 113 -33.44 -55.88 5.13
N SER E 114 -34.65 -56.46 5.14
CA SER E 114 -34.98 -57.57 4.27
C SER E 114 -36.49 -57.73 4.22
N SER E 115 -36.99 -58.21 3.09
CA SER E 115 -38.40 -58.55 2.97
C SER E 115 -38.72 -59.98 3.41
N ALA E 116 -37.70 -60.78 3.73
CA ALA E 116 -37.91 -62.12 4.23
C ALA E 116 -38.53 -62.07 5.64
N SER E 117 -39.17 -63.16 6.01
CA SER E 117 -39.74 -63.36 7.34
C SER E 117 -38.99 -64.48 8.04
N THR E 118 -39.14 -64.52 9.36
CA THR E 118 -38.51 -65.57 10.15
C THR E 118 -38.84 -66.96 9.61
N LYS E 119 -37.81 -67.79 9.51
CA LYS E 119 -37.95 -69.13 8.94
C LYS E 119 -36.87 -70.02 9.52
N GLY E 120 -37.27 -71.18 10.07
CA GLY E 120 -36.32 -72.16 10.54
C GLY E 120 -35.62 -72.85 9.40
N PRO E 121 -34.46 -73.44 9.69
CA PRO E 121 -33.66 -74.05 8.63
C PRO E 121 -34.02 -75.50 8.33
N SER E 122 -33.77 -75.90 7.08
CA SER E 122 -33.69 -77.30 6.70
C SER E 122 -32.25 -77.76 6.85
N VAL E 123 -32.05 -78.96 7.37
CA VAL E 123 -30.70 -79.50 7.55
C VAL E 123 -30.52 -80.72 6.68
N PHE E 124 -29.46 -80.74 5.88
CA PHE E 124 -29.15 -81.86 5.02
C PHE E 124 -27.74 -82.37 5.29
N PRO E 125 -27.51 -83.65 5.12
CA PRO E 125 -26.17 -84.20 5.39
C PRO E 125 -25.18 -83.93 4.26
N LEU E 126 -23.92 -83.76 4.65
CA LEU E 126 -22.80 -83.86 3.73
C LEU E 126 -22.16 -85.20 4.10
N ALA E 127 -22.63 -86.26 3.44
CA ALA E 127 -22.31 -87.63 3.80
C ALA E 127 -20.87 -87.96 3.41
N PRO E 128 -20.13 -88.63 4.29
CA PRO E 128 -18.73 -88.96 3.97
C PRO E 128 -18.64 -89.90 2.77
N SER E 129 -17.56 -89.72 2.01
CA SER E 129 -17.32 -90.48 0.79
C SER E 129 -16.93 -91.93 1.11
N GLY E 136 -6.04 -91.70 5.56
CA GLY E 136 -7.13 -92.32 6.30
C GLY E 136 -7.94 -91.32 7.10
N THR E 137 -8.18 -90.14 6.51
CA THR E 137 -9.05 -89.12 7.09
C THR E 137 -10.18 -88.79 6.14
N ALA E 138 -11.40 -88.71 6.69
CA ALA E 138 -12.60 -88.44 5.91
C ALA E 138 -13.27 -87.17 6.43
N ALA E 139 -14.13 -86.57 5.60
CA ALA E 139 -14.84 -85.37 5.97
C ALA E 139 -16.35 -85.61 5.84
N LEU E 140 -17.11 -85.03 6.76
CA LEU E 140 -18.56 -85.06 6.69
C LEU E 140 -19.05 -83.75 7.27
N GLY E 141 -20.34 -83.48 7.09
CA GLY E 141 -20.87 -82.26 7.64
C GLY E 141 -22.38 -82.19 7.56
N CYS E 142 -22.87 -80.98 7.80
CA CYS E 142 -24.26 -80.61 7.63
C CYS E 142 -24.36 -79.34 6.80
N LEU E 143 -25.30 -79.36 5.86
CA LEU E 143 -25.71 -78.18 5.13
C LEU E 143 -26.96 -77.61 5.80
N VAL E 144 -26.88 -76.37 6.26
CA VAL E 144 -27.97 -75.71 6.99
C VAL E 144 -28.55 -74.63 6.07
N LYS E 145 -29.72 -74.91 5.49
CA LYS E 145 -30.19 -74.13 4.35
C LYS E 145 -31.50 -73.41 4.64
N ASP E 146 -31.62 -72.21 4.04
CA ASP E 146 -32.88 -71.48 3.89
C ASP E 146 -33.48 -71.06 5.23
N TYR E 147 -32.77 -70.19 5.93
CA TYR E 147 -33.24 -69.71 7.21
C TYR E 147 -33.13 -68.19 7.28
N PHE E 148 -33.92 -67.61 8.19
CA PHE E 148 -33.88 -66.17 8.43
C PHE E 148 -34.49 -65.88 9.80
N PRO E 149 -33.89 -64.96 10.56
CA PRO E 149 -32.64 -64.27 10.22
C PRO E 149 -31.45 -65.02 10.80
N GLU E 150 -30.25 -64.49 10.60
CA GLU E 150 -29.08 -64.99 11.30
C GLU E 150 -29.34 -64.74 12.78
N PRO E 151 -28.65 -65.47 13.68
CA PRO E 151 -27.62 -66.49 13.51
C PRO E 151 -28.09 -67.91 13.73
N VAL E 152 -27.29 -68.83 13.22
CA VAL E 152 -27.33 -70.24 13.56
C VAL E 152 -26.04 -70.60 14.28
N THR E 153 -26.13 -71.38 15.35
CA THR E 153 -24.96 -72.00 15.93
C THR E 153 -25.05 -73.50 15.72
N VAL E 154 -23.88 -74.12 15.59
CA VAL E 154 -23.77 -75.56 15.29
C VAL E 154 -22.78 -76.18 16.27
N SER E 155 -23.16 -77.32 16.84
CA SER E 155 -22.20 -78.17 17.54
C SER E 155 -22.23 -79.56 16.91
N TRP E 156 -21.31 -80.40 17.36
CA TRP E 156 -21.25 -81.78 16.91
C TRP E 156 -21.30 -82.70 18.11
N ASN E 157 -22.13 -83.74 18.01
CA ASN E 157 -22.36 -84.72 19.08
C ASN E 157 -22.62 -84.02 20.42
N SER E 158 -23.52 -83.05 20.40
CA SER E 158 -23.91 -82.30 21.60
C SER E 158 -22.70 -81.68 22.31
N GLY E 159 -21.64 -81.35 21.55
CA GLY E 159 -20.46 -80.71 22.11
C GLY E 159 -19.30 -81.65 22.37
N ALA E 160 -19.52 -82.96 22.23
CA ALA E 160 -18.47 -83.93 22.49
C ALA E 160 -17.41 -83.96 21.38
N LEU E 161 -17.71 -83.45 20.19
CA LEU E 161 -16.77 -83.42 19.05
C LEU E 161 -16.43 -81.97 18.69
N THR E 162 -15.16 -81.58 18.86
CA THR E 162 -14.77 -80.19 18.60
C THR E 162 -13.52 -80.11 17.73
N SER E 163 -12.65 -81.10 17.81
CA SER E 163 -11.43 -81.09 17.01
C SER E 163 -11.74 -81.29 15.53
N GLY E 164 -11.22 -80.38 14.70
CA GLY E 164 -11.40 -80.51 13.27
C GLY E 164 -12.72 -80.00 12.75
N VAL E 165 -13.56 -79.41 13.60
CA VAL E 165 -14.83 -78.85 13.14
C VAL E 165 -14.59 -77.47 12.55
N HIS E 166 -15.18 -77.22 11.39
CA HIS E 166 -15.22 -75.90 10.78
C HIS E 166 -16.66 -75.57 10.46
N THR E 167 -17.20 -74.55 11.13
CA THR E 167 -18.52 -74.02 10.82
C THR E 167 -18.34 -72.69 10.08
N PHE E 168 -18.82 -72.62 8.87
CA PHE E 168 -18.43 -71.50 8.02
C PHE E 168 -19.36 -70.32 8.17
N PRO E 169 -18.90 -69.11 7.85
CA PRO E 169 -19.79 -67.97 7.74
C PRO E 169 -20.95 -68.31 6.80
N ALA E 170 -22.15 -67.91 7.21
CA ALA E 170 -23.31 -68.10 6.38
C ALA E 170 -23.22 -67.22 5.13
N VAL E 171 -23.95 -67.62 4.11
CA VAL E 171 -24.05 -66.86 2.87
C VAL E 171 -25.50 -66.48 2.65
N LEU E 172 -25.73 -65.26 2.17
CA LEU E 172 -27.06 -64.80 1.81
C LEU E 172 -27.33 -65.17 0.35
N GLN E 173 -28.32 -66.01 0.13
CA GLN E 173 -28.63 -66.40 -1.24
C GLN E 173 -29.73 -65.47 -1.80
N SER E 174 -29.89 -65.49 -3.12
CA SER E 174 -30.79 -64.56 -3.79
C SER E 174 -32.22 -64.67 -3.29
N SER E 175 -32.62 -65.81 -2.74
CA SER E 175 -33.95 -65.96 -2.16
C SER E 175 -34.20 -64.96 -1.04
N GLY E 176 -33.13 -64.47 -0.39
CA GLY E 176 -33.23 -63.69 0.84
C GLY E 176 -33.07 -64.50 2.11
N LEU E 177 -32.82 -65.80 2.01
CA LEU E 177 -32.62 -66.68 3.15
C LEU E 177 -31.13 -67.04 3.25
N TYR E 178 -30.70 -67.45 4.43
CA TYR E 178 -29.29 -67.75 4.66
C TYR E 178 -29.00 -69.24 4.51
N SER E 179 -27.74 -69.55 4.21
CA SER E 179 -27.28 -70.93 4.14
C SER E 179 -25.84 -71.05 4.65
N LEU E 180 -25.61 -72.08 5.44
CA LEU E 180 -24.24 -72.30 5.96
C LEU E 180 -23.91 -73.79 6.05
N SER E 181 -22.62 -74.10 6.05
CA SER E 181 -22.11 -75.45 6.22
C SER E 181 -21.30 -75.54 7.50
N SER E 182 -21.38 -76.70 8.14
CA SER E 182 -20.47 -77.08 9.21
C SER E 182 -19.90 -78.45 8.85
N VAL E 183 -18.56 -78.58 8.91
CA VAL E 183 -17.93 -79.85 8.58
C VAL E 183 -17.03 -80.28 9.73
N VAL E 184 -16.63 -81.56 9.68
CA VAL E 184 -15.61 -82.10 10.57
C VAL E 184 -14.85 -83.17 9.81
N THR E 185 -13.54 -83.27 10.08
CA THR E 185 -12.71 -84.33 9.53
C THR E 185 -12.40 -85.36 10.60
N VAL E 186 -12.50 -86.63 10.24
CA VAL E 186 -12.49 -87.73 11.20
C VAL E 186 -11.74 -88.91 10.60
N PRO E 187 -11.23 -89.81 11.44
CA PRO E 187 -10.59 -91.02 10.92
C PRO E 187 -11.57 -91.83 10.06
N SER E 188 -11.12 -92.18 8.84
CA SER E 188 -11.94 -92.99 7.95
C SER E 188 -12.39 -94.29 8.61
N SER E 189 -11.59 -94.82 9.55
CA SER E 189 -11.92 -96.07 10.22
C SER E 189 -13.08 -95.90 11.20
N SER E 190 -13.36 -94.69 11.65
CA SER E 190 -14.47 -94.47 12.57
C SER E 190 -15.82 -94.47 11.88
N LEU E 191 -15.84 -94.37 10.54
CA LEU E 191 -17.10 -94.13 9.84
C LEU E 191 -18.08 -95.29 10.03
N GLY E 192 -17.56 -96.51 10.13
CA GLY E 192 -18.44 -97.65 10.34
C GLY E 192 -19.23 -97.56 11.62
N THR E 193 -18.57 -97.20 12.71
CA THR E 193 -19.12 -97.35 14.06
C THR E 193 -19.50 -96.05 14.73
N GLN E 194 -18.71 -94.99 14.60
CA GLN E 194 -18.95 -93.75 15.33
C GLN E 194 -20.13 -92.99 14.75
N THR E 195 -21.04 -92.57 15.62
CA THR E 195 -22.20 -91.81 15.16
C THR E 195 -21.89 -90.32 15.22
N TYR E 196 -22.42 -89.59 14.24
CA TYR E 196 -22.09 -88.17 14.06
C TYR E 196 -23.38 -87.39 13.90
N ILE E 197 -23.63 -86.46 14.81
CA ILE E 197 -24.85 -85.67 14.80
C ILE E 197 -24.46 -84.20 14.88
N CYS E 198 -24.93 -83.40 13.91
CA CYS E 198 -24.83 -81.95 14.02
C CYS E 198 -26.07 -81.40 14.73
N ASN E 199 -25.83 -80.52 15.70
CA ASN E 199 -26.89 -79.87 16.46
C ASN E 199 -26.98 -78.42 16.00
N VAL E 200 -28.07 -78.10 15.31
CA VAL E 200 -28.27 -76.81 14.68
C VAL E 200 -29.31 -76.05 15.51
N ASN E 201 -28.90 -74.89 16.04
CA ASN E 201 -29.74 -74.05 16.86
C ASN E 201 -30.08 -72.76 16.12
N HIS E 202 -31.35 -72.46 16.04
CA HIS E 202 -31.86 -71.24 15.46
C HIS E 202 -32.83 -70.60 16.45
N LYS E 203 -32.34 -69.82 17.37
CA LYS E 203 -33.17 -69.18 18.37
C LYS E 203 -34.29 -68.27 17.88
N PRO E 204 -34.01 -67.50 16.75
CA PRO E 204 -35.10 -66.68 16.25
C PRO E 204 -36.38 -67.44 15.98
N SER E 205 -36.29 -68.66 15.49
CA SER E 205 -37.44 -69.48 15.21
C SER E 205 -37.78 -70.48 16.32
N ASN E 206 -37.09 -70.45 17.41
CA ASN E 206 -37.26 -71.41 18.51
C ASN E 206 -37.17 -72.84 17.99
N THR E 207 -36.23 -73.07 17.08
CA THR E 207 -36.05 -74.36 16.47
C THR E 207 -34.67 -74.88 16.82
N LYS E 208 -34.59 -76.17 17.11
CA LYS E 208 -33.32 -76.87 17.14
C LYS E 208 -33.46 -78.14 16.31
N VAL E 209 -32.47 -78.42 15.47
CA VAL E 209 -32.50 -79.58 14.59
C VAL E 209 -31.24 -80.42 14.82
N ASP E 210 -31.44 -81.72 15.07
CA ASP E 210 -30.38 -82.72 15.09
C ASP E 210 -30.44 -83.54 13.81
N LYS E 211 -29.30 -83.70 13.15
CA LYS E 211 -29.22 -84.50 11.93
C LYS E 211 -28.12 -85.52 12.11
N LYS E 212 -28.48 -86.80 12.05
CA LYS E 212 -27.47 -87.85 12.05
C LYS E 212 -26.90 -87.96 10.64
N VAL E 213 -25.58 -87.95 10.54
CA VAL E 213 -24.91 -87.98 9.24
C VAL E 213 -24.19 -89.32 9.12
N GLU E 214 -24.53 -90.06 8.05
CA GLU E 214 -24.16 -91.45 7.84
C GLU E 214 -23.59 -91.67 6.45
N PRO E 215 -22.69 -92.64 6.30
CA PRO E 215 -22.31 -93.09 4.95
C PRO E 215 -23.53 -93.64 4.21
N LYS E 216 -23.74 -93.14 2.99
CA LYS E 216 -24.93 -93.53 2.21
C LYS E 216 -24.80 -94.93 1.67
N ASP F 1 -14.13 -35.48 -1.77
CA ASP F 1 -13.78 -36.26 -0.59
C ASP F 1 -12.30 -36.59 -0.56
N ILE F 2 -11.74 -36.69 0.64
CA ILE F 2 -10.38 -37.21 0.80
C ILE F 2 -10.43 -38.73 0.68
N VAL F 3 -9.60 -39.29 -0.19
CA VAL F 3 -9.50 -40.74 -0.33
C VAL F 3 -8.34 -41.24 0.52
N MET F 4 -8.60 -42.27 1.31
CA MET F 4 -7.55 -42.90 2.12
C MET F 4 -7.21 -44.26 1.51
N THR F 5 -5.93 -44.47 1.23
CA THR F 5 -5.45 -45.66 0.54
C THR F 5 -4.42 -46.36 1.43
N GLN F 6 -4.70 -47.61 1.79
CA GLN F 6 -3.80 -48.38 2.63
C GLN F 6 -2.98 -49.35 1.80
N SER F 7 -1.87 -49.80 2.37
CA SER F 7 -0.99 -50.78 1.76
C SER F 7 -0.23 -51.51 2.86
N PRO F 8 -0.13 -52.84 2.76
CA PRO F 8 -0.83 -53.65 1.76
C PRO F 8 -2.27 -53.91 2.19
N ASP F 9 -3.05 -54.66 1.40
CA ASP F 9 -4.39 -55.04 1.84
C ASP F 9 -4.35 -56.17 2.85
N SER F 10 -3.32 -56.99 2.80
CA SER F 10 -3.17 -58.04 3.79
C SER F 10 -1.69 -58.26 4.05
N LEU F 11 -1.37 -58.56 5.31
CA LEU F 11 -0.01 -58.61 5.78
C LEU F 11 0.19 -59.89 6.58
N ALA F 12 1.10 -60.74 6.12
CA ALA F 12 1.43 -61.99 6.80
C ALA F 12 2.72 -61.78 7.60
N VAL F 13 2.57 -61.80 8.91
CA VAL F 13 3.72 -61.54 9.80
C VAL F 13 3.93 -62.71 10.75
N SER F 14 5.17 -63.14 10.88
CA SER F 14 5.53 -64.19 11.86
C SER F 14 5.46 -63.56 13.26
N LEU F 15 5.15 -64.38 14.26
CA LEU F 15 5.09 -63.88 15.65
C LEU F 15 6.44 -63.25 16.07
N GLY F 16 6.38 -62.18 16.84
CA GLY F 16 7.60 -61.49 17.28
C GLY F 16 8.18 -60.52 16.27
N GLU F 17 7.68 -60.52 15.03
CA GLU F 17 8.24 -59.67 13.96
C GLU F 17 7.50 -58.34 13.81
N ARG F 18 8.12 -57.39 13.12
CA ARG F 18 7.55 -56.05 12.94
C ARG F 18 6.42 -56.05 11.92
N ALA F 19 5.36 -55.32 12.22
CA ALA F 19 4.27 -55.16 11.24
C ALA F 19 4.17 -53.67 10.91
N THR F 20 4.12 -53.36 9.62
CA THR F 20 4.12 -51.97 9.16
C THR F 20 2.96 -51.80 8.19
N ILE F 21 2.07 -50.87 8.48
CA ILE F 21 0.92 -50.61 7.62
C ILE F 21 0.98 -49.15 7.21
N ASN F 22 0.92 -48.91 5.90
CA ASN F 22 0.97 -47.55 5.41
C ASN F 22 -0.41 -47.07 5.00
N CYS F 23 -0.61 -45.77 5.14
CA CYS F 23 -1.84 -45.11 4.74
C CYS F 23 -1.45 -43.82 4.05
N LYS F 24 -2.07 -43.55 2.89
CA LYS F 24 -1.77 -42.33 2.17
C LYS F 24 -3.07 -41.62 1.82
N SER F 25 -3.10 -40.29 2.01
CA SER F 25 -4.31 -39.50 1.80
C SER F 25 -4.17 -38.69 0.53
N SER F 26 -5.28 -38.50 -0.18
CA SER F 26 -5.24 -37.78 -1.45
C SER F 26 -4.90 -36.31 -1.26
N GLN F 27 -5.03 -35.75 -0.06
CA GLN F 27 -4.51 -34.43 0.25
C GLN F 27 -3.97 -34.41 1.68
N SER F 28 -3.29 -33.33 2.04
CA SER F 28 -2.64 -33.25 3.34
C SER F 28 -3.64 -33.19 4.48
N LEU F 29 -3.32 -33.89 5.57
CA LEU F 29 -4.12 -33.90 6.79
C LEU F 29 -3.50 -33.07 7.92
N LEU F 30 -2.51 -32.23 7.60
CA LEU F 30 -1.83 -31.40 8.59
C LEU F 30 -2.42 -29.99 8.54
N LEU F 31 -3.17 -29.62 9.57
CA LEU F 31 -3.71 -28.26 9.64
C LEU F 31 -2.57 -27.31 10.03
N SER F 32 -2.29 -26.33 9.16
CA SER F 32 -1.16 -25.44 9.40
C SER F 32 -1.37 -24.58 10.65
N GLY F 33 -2.62 -24.24 10.97
CA GLY F 33 -2.89 -23.33 12.08
C GLY F 33 -2.38 -23.84 13.42
N ASN F 34 -2.63 -25.10 13.73
CA ASN F 34 -2.15 -25.65 14.98
C ASN F 34 -1.13 -26.75 14.77
N GLN F 35 -0.70 -26.98 13.53
CA GLN F 35 0.40 -27.89 13.23
C GLN F 35 0.08 -29.33 13.66
N GLU F 36 -1.20 -29.72 13.62
CA GLU F 36 -1.62 -31.06 14.02
C GLU F 36 -2.09 -31.86 12.81
N ASN F 37 -1.75 -33.16 12.80
CA ASN F 37 -2.26 -34.08 11.79
C ASN F 37 -3.52 -34.77 12.29
N TYR F 38 -4.51 -34.85 11.42
CA TYR F 38 -5.83 -35.36 11.79
C TYR F 38 -6.02 -36.76 11.22
N LEU F 39 -5.39 -37.75 11.88
CA LEU F 39 -5.45 -39.14 11.44
C LEU F 39 -5.47 -40.09 12.63
N ALA F 40 -6.41 -41.03 12.64
CA ALA F 40 -6.51 -42.08 13.64
C ALA F 40 -6.28 -43.46 13.02
N TRP F 41 -5.86 -44.41 13.86
CA TRP F 41 -5.73 -45.83 13.51
C TRP F 41 -6.64 -46.66 14.38
N HIS F 42 -7.41 -47.56 13.77
CA HIS F 42 -8.38 -48.40 14.47
C HIS F 42 -8.07 -49.88 14.27
N GLN F 43 -8.26 -50.66 15.33
CA GLN F 43 -8.17 -52.12 15.27
C GLN F 43 -9.57 -52.72 15.33
N GLN F 44 -9.83 -53.71 14.47
CA GLN F 44 -11.13 -54.39 14.49
C GLN F 44 -10.94 -55.87 14.22
N LYS F 45 -11.46 -56.67 15.11
CA LYS F 45 -11.46 -58.12 15.05
C LYS F 45 -12.83 -58.62 14.59
N PRO F 46 -12.90 -59.81 14.02
CA PRO F 46 -14.15 -60.28 13.41
C PRO F 46 -15.34 -60.17 14.35
N GLY F 47 -16.41 -59.54 13.84
CA GLY F 47 -17.63 -59.45 14.60
C GLY F 47 -17.56 -58.63 15.87
N GLN F 48 -16.58 -57.75 16.01
CA GLN F 48 -16.42 -56.87 17.16
C GLN F 48 -16.39 -55.40 16.75
N PRO F 49 -16.56 -54.48 17.69
CA PRO F 49 -16.48 -53.06 17.34
C PRO F 49 -15.04 -52.64 17.09
N PRO F 50 -14.83 -51.53 16.40
CA PRO F 50 -13.47 -50.96 16.30
C PRO F 50 -12.99 -50.52 17.67
N LYS F 51 -11.68 -50.56 17.84
CA LYS F 51 -11.02 -50.06 19.03
C LYS F 51 -9.95 -49.08 18.56
N THR F 52 -9.97 -47.86 19.07
CA THR F 52 -9.03 -46.84 18.62
C THR F 52 -7.65 -47.04 19.24
N LEU F 53 -6.62 -47.01 18.40
CA LEU F 53 -5.23 -47.17 18.83
C LEU F 53 -4.49 -45.84 18.91
N ILE F 54 -4.65 -45.02 17.88
CA ILE F 54 -3.88 -43.78 17.72
C ILE F 54 -4.86 -42.69 17.29
N THR F 55 -4.64 -41.48 17.80
CA THR F 55 -5.24 -40.26 17.25
C THR F 55 -4.13 -39.26 17.05
N TRP F 56 -4.45 -38.17 16.32
CA TRP F 56 -3.48 -37.10 16.03
C TRP F 56 -2.21 -37.62 15.38
N ALA F 57 -2.34 -38.75 14.65
CA ALA F 57 -1.29 -39.41 13.87
C ALA F 57 -0.31 -40.19 14.74
N SER F 58 0.03 -39.68 15.93
CA SER F 58 1.08 -40.30 16.74
C SER F 58 0.75 -40.45 18.22
N THR F 59 -0.42 -40.02 18.67
CA THR F 59 -0.76 -40.10 20.09
C THR F 59 -1.45 -41.44 20.40
N ARG F 60 -0.81 -42.26 21.23
CA ARG F 60 -1.40 -43.53 21.60
C ARG F 60 -2.59 -43.31 22.53
N ILE F 61 -3.64 -44.11 22.33
CA ILE F 61 -4.78 -44.13 23.24
C ILE F 61 -4.36 -44.74 24.58
N SER F 62 -4.84 -44.16 25.66
CA SER F 62 -4.51 -44.65 26.99
C SER F 62 -4.86 -46.13 27.14
N GLY F 63 -3.91 -46.91 27.67
CA GLY F 63 -4.10 -48.33 27.82
C GLY F 63 -3.76 -49.17 26.61
N VAL F 64 -3.53 -48.56 25.46
CA VAL F 64 -3.08 -49.33 24.31
C VAL F 64 -1.63 -49.75 24.52
N PRO F 65 -1.25 -51.00 24.20
CA PRO F 65 0.13 -51.43 24.47
C PRO F 65 1.13 -50.61 23.67
N ASP F 66 2.32 -50.42 24.26
CA ASP F 66 3.27 -49.52 23.62
C ASP F 66 3.88 -50.08 22.35
N ARG F 67 3.71 -51.39 22.06
CA ARG F 67 4.19 -51.90 20.78
C ARG F 67 3.45 -51.31 19.58
N PHE F 68 2.34 -50.61 19.80
CA PHE F 68 1.66 -49.85 18.75
C PHE F 68 2.16 -48.41 18.75
N SER F 69 2.54 -47.90 17.59
CA SER F 69 2.88 -46.49 17.48
C SER F 69 2.57 -46.00 16.08
N GLY F 70 2.07 -44.78 15.99
CA GLY F 70 1.80 -44.15 14.71
C GLY F 70 2.85 -43.08 14.43
N SER F 71 3.06 -42.80 13.14
CA SER F 71 4.02 -41.80 12.70
C SER F 71 3.60 -41.29 11.33
N GLY F 72 4.31 -40.29 10.84
CA GLY F 72 4.02 -39.66 9.59
C GLY F 72 3.36 -38.30 9.75
N SER F 73 3.19 -37.62 8.63
CA SER F 73 2.67 -36.26 8.59
C SER F 73 2.22 -35.95 7.17
N GLY F 74 1.30 -35.00 7.05
CA GLY F 74 0.86 -34.56 5.74
C GLY F 74 -0.01 -35.56 5.01
N THR F 75 0.58 -36.34 4.08
CA THR F 75 -0.16 -37.34 3.32
C THR F 75 0.33 -38.76 3.53
N ASP F 76 1.34 -38.98 4.36
CA ASP F 76 2.00 -40.28 4.47
C ASP F 76 2.02 -40.69 5.94
N PHE F 77 1.31 -41.77 6.26
CA PHE F 77 1.17 -42.19 7.65
C PHE F 77 1.45 -43.67 7.81
N THR F 78 1.98 -44.03 8.98
CA THR F 78 2.37 -45.41 9.21
C THR F 78 1.93 -45.86 10.59
N LEU F 79 1.35 -47.05 10.67
CA LEU F 79 1.15 -47.75 11.93
C LEU F 79 2.21 -48.83 12.05
N THR F 80 2.85 -48.91 13.20
CA THR F 80 3.87 -49.92 13.45
C THR F 80 3.48 -50.75 14.65
N ILE F 81 3.52 -52.07 14.49
CA ILE F 81 3.45 -53.00 15.62
C ILE F 81 4.88 -53.51 15.79
N SER F 82 5.52 -53.11 16.90
CA SER F 82 6.95 -53.33 17.03
C SER F 82 7.31 -54.82 17.00
N SER F 83 6.52 -55.63 17.71
CA SER F 83 6.73 -57.08 17.77
C SER F 83 5.35 -57.72 17.87
N LEU F 84 4.94 -58.37 16.79
CA LEU F 84 3.56 -58.86 16.68
C LEU F 84 3.25 -59.93 17.73
N GLN F 85 2.08 -59.82 18.35
CA GLN F 85 1.57 -60.81 19.29
C GLN F 85 0.34 -61.50 18.71
N ALA F 86 0.04 -62.68 19.25
CA ALA F 86 -0.99 -63.53 18.64
C ALA F 86 -2.33 -62.82 18.54
N GLU F 87 -2.64 -61.96 19.50
CA GLU F 87 -3.93 -61.29 19.52
C GLU F 87 -3.92 -59.96 18.79
N ASP F 88 -2.83 -59.62 18.10
CA ASP F 88 -2.84 -58.46 17.21
C ASP F 88 -3.32 -58.83 15.81
N VAL F 89 -3.71 -60.08 15.60
CA VAL F 89 -4.32 -60.50 14.35
C VAL F 89 -5.69 -59.83 14.26
N ALA F 90 -5.86 -58.96 13.28
CA ALA F 90 -7.05 -58.12 13.16
C ALA F 90 -6.99 -57.41 11.82
N VAL F 91 -8.05 -56.65 11.51
CA VAL F 91 -8.05 -55.68 10.42
C VAL F 91 -7.74 -54.31 11.03
N TYR F 92 -6.90 -53.55 10.35
CA TYR F 92 -6.51 -52.22 10.81
C TYR F 92 -6.93 -51.17 9.79
N TYR F 93 -7.56 -50.11 10.27
CA TYR F 93 -7.98 -49.01 9.42
C TYR F 93 -7.32 -47.71 9.86
N CYS F 94 -6.83 -46.94 8.89
CA CYS F 94 -6.61 -45.52 9.13
C CYS F 94 -7.90 -44.76 8.83
N GLN F 95 -7.98 -43.55 9.38
CA GLN F 95 -9.17 -42.72 9.18
C GLN F 95 -8.79 -41.25 9.35
N GLN F 96 -9.13 -40.44 8.37
CA GLN F 96 -8.85 -39.02 8.48
C GLN F 96 -10.00 -38.30 9.19
N SER F 97 -9.66 -37.43 10.13
CA SER F 97 -10.60 -36.54 10.81
C SER F 97 -10.37 -35.10 10.40
N TYR F 98 -9.80 -34.89 9.21
CA TYR F 98 -9.45 -33.55 8.75
C TYR F 98 -10.66 -32.80 8.17
N SER F 99 -11.40 -33.47 7.33
CA SER F 99 -12.59 -32.88 6.77
C SER F 99 -13.62 -33.91 6.40
N ALA F 100 -14.85 -33.52 6.60
CA ALA F 100 -15.99 -34.35 6.39
C ALA F 100 -16.18 -34.64 4.95
N PRO F 101 -16.66 -35.84 4.62
CA PRO F 101 -16.82 -37.03 5.41
C PRO F 101 -15.50 -37.64 5.80
N TYR F 102 -15.37 -37.93 7.09
CA TYR F 102 -14.20 -38.48 7.75
C TYR F 102 -13.99 -39.89 7.26
N THR F 103 -13.37 -39.98 6.10
CA THR F 103 -13.27 -41.23 5.36
C THR F 103 -12.22 -42.16 5.94
N PHE F 104 -12.47 -43.46 5.79
CA PHE F 104 -11.61 -44.55 6.23
C PHE F 104 -10.81 -45.09 5.06
N GLY F 105 -9.61 -45.59 5.36
CA GLY F 105 -8.92 -46.44 4.41
C GLY F 105 -9.63 -47.78 4.25
N GLY F 106 -9.17 -48.56 3.26
CA GLY F 106 -9.82 -49.81 2.90
C GLY F 106 -9.62 -50.95 3.90
N GLY F 107 -8.62 -50.85 4.76
CA GLY F 107 -8.36 -51.90 5.72
C GLY F 107 -7.15 -52.73 5.34
N THR F 108 -6.46 -53.25 6.36
CA THR F 108 -5.30 -54.12 6.21
C THR F 108 -5.50 -55.28 7.16
N LYS F 109 -5.74 -56.47 6.61
CA LYS F 109 -5.77 -57.69 7.41
C LYS F 109 -4.35 -58.11 7.78
N VAL F 110 -4.09 -58.23 9.08
CA VAL F 110 -2.83 -58.77 9.58
C VAL F 110 -3.12 -60.17 10.10
N GLU F 111 -2.34 -61.14 9.64
CA GLU F 111 -2.49 -62.56 9.96
C GLU F 111 -1.12 -63.12 10.38
N ILE F 112 -1.14 -64.30 11.00
CA ILE F 112 0.11 -64.99 11.33
C ILE F 112 0.65 -65.65 10.07
N LYS F 113 1.96 -65.45 9.81
CA LYS F 113 2.61 -66.14 8.70
C LYS F 113 2.95 -67.58 9.05
N ARG F 114 2.81 -68.46 8.08
CA ARG F 114 3.00 -69.89 8.31
C ARG F 114 3.58 -70.49 7.03
N THR F 115 4.12 -71.70 7.15
CA THR F 115 4.52 -72.45 5.97
C THR F 115 3.31 -72.75 5.07
N VAL F 116 3.58 -72.93 3.78
CA VAL F 116 2.52 -73.23 2.83
C VAL F 116 1.94 -74.61 3.13
N ALA F 117 0.62 -74.69 3.15
CA ALA F 117 -0.09 -75.95 3.37
C ALA F 117 -1.13 -76.12 2.29
N ALA F 118 -1.08 -77.25 1.60
CA ALA F 118 -2.06 -77.52 0.55
C ALA F 118 -3.39 -77.93 1.18
N PRO F 119 -4.52 -77.52 0.62
CA PRO F 119 -5.81 -77.95 1.18
C PRO F 119 -6.04 -79.42 0.92
N SER F 120 -6.84 -80.03 1.78
CA SER F 120 -7.50 -81.29 1.45
C SER F 120 -8.87 -80.97 0.91
N VAL F 121 -9.21 -81.55 -0.25
CA VAL F 121 -10.43 -81.21 -0.97
C VAL F 121 -11.42 -82.36 -0.86
N PHE F 122 -12.69 -82.03 -0.62
CA PHE F 122 -13.77 -83.02 -0.58
C PHE F 122 -14.99 -82.47 -1.29
N ILE F 123 -15.63 -83.29 -2.11
CA ILE F 123 -16.84 -82.91 -2.82
C ILE F 123 -18.00 -83.71 -2.25
N PHE F 124 -19.17 -83.09 -2.17
CA PHE F 124 -20.34 -83.69 -1.52
C PHE F 124 -21.50 -83.59 -2.49
N PRO F 125 -22.12 -84.71 -2.87
CA PRO F 125 -23.35 -84.64 -3.66
C PRO F 125 -24.48 -84.09 -2.81
N PRO F 126 -25.53 -83.59 -3.43
CA PRO F 126 -26.71 -83.22 -2.64
C PRO F 126 -27.36 -84.47 -2.07
N SER F 127 -28.07 -84.30 -0.97
CA SER F 127 -28.79 -85.44 -0.42
C SER F 127 -30.06 -85.68 -1.24
N ASP F 128 -30.46 -86.96 -1.32
CA ASP F 128 -31.76 -87.28 -1.91
C ASP F 128 -32.87 -86.44 -1.30
N GLU F 129 -32.86 -86.28 0.02
CA GLU F 129 -33.92 -85.53 0.69
C GLU F 129 -34.09 -84.15 0.08
N GLN F 130 -33.00 -83.38 -0.01
CA GLN F 130 -33.09 -82.06 -0.62
C GLN F 130 -33.43 -82.17 -2.10
N LEU F 131 -32.71 -83.04 -2.83
CA LEU F 131 -32.88 -83.11 -4.28
C LEU F 131 -34.32 -83.40 -4.67
N LYS F 132 -34.98 -84.31 -3.96
CA LYS F 132 -36.36 -84.62 -4.29
C LYS F 132 -37.31 -83.46 -4.00
N SER F 133 -36.96 -82.55 -3.12
CA SER F 133 -37.78 -81.36 -2.92
C SER F 133 -37.40 -80.20 -3.86
N GLY F 134 -36.57 -80.45 -4.87
CA GLY F 134 -36.46 -79.56 -6.00
C GLY F 134 -35.17 -78.76 -6.13
N THR F 135 -34.21 -78.91 -5.23
CA THR F 135 -32.97 -78.15 -5.30
C THR F 135 -31.79 -79.05 -5.02
N ALA F 136 -30.71 -78.87 -5.77
CA ALA F 136 -29.51 -79.67 -5.57
C ALA F 136 -28.39 -78.74 -5.11
N SER F 137 -27.92 -78.93 -3.89
CA SER F 137 -26.78 -78.18 -3.39
C SER F 137 -25.57 -79.10 -3.40
N VAL F 138 -24.58 -78.74 -4.21
CA VAL F 138 -23.31 -79.44 -4.29
C VAL F 138 -22.28 -78.63 -3.52
N VAL F 139 -21.53 -79.29 -2.64
CA VAL F 139 -20.60 -78.60 -1.76
C VAL F 139 -19.19 -79.12 -2.01
N CYS F 140 -18.24 -78.21 -2.05
CA CYS F 140 -16.83 -78.51 -2.14
C CYS F 140 -16.13 -77.89 -0.93
N LEU F 141 -15.37 -78.70 -0.22
CA LEU F 141 -14.69 -78.31 1.01
C LEU F 141 -13.19 -78.30 0.78
N LEU F 142 -12.53 -77.18 1.14
CA LEU F 142 -11.08 -77.08 1.12
C LEU F 142 -10.66 -76.93 2.57
N ASN F 143 -9.94 -77.92 3.09
CA ASN F 143 -9.65 -78.02 4.50
C ASN F 143 -8.20 -77.63 4.79
N ASN F 144 -8.02 -76.66 5.69
CA ASN F 144 -6.77 -76.41 6.43
C ASN F 144 -5.59 -76.10 5.50
N PHE F 145 -5.73 -75.02 4.74
CA PHE F 145 -4.70 -74.61 3.80
C PHE F 145 -4.12 -73.26 4.20
N TYR F 146 -2.98 -72.94 3.53
CA TYR F 146 -2.25 -71.65 3.74
C TYR F 146 -1.29 -71.44 2.54
N PRO F 147 -1.27 -70.23 1.89
CA PRO F 147 -2.14 -69.15 2.34
C PRO F 147 -3.59 -69.09 1.89
N ARG F 148 -4.25 -68.04 2.33
CA ARG F 148 -5.66 -67.82 2.08
C ARG F 148 -6.12 -67.88 0.68
N GLU F 149 -5.32 -67.43 -0.25
CA GLU F 149 -5.72 -67.39 -1.61
C GLU F 149 -5.90 -68.73 -2.23
N ALA F 150 -7.07 -68.94 -2.79
CA ALA F 150 -7.38 -70.18 -3.45
C ALA F 150 -8.43 -70.02 -4.52
N LYS F 151 -8.40 -70.92 -5.48
CA LYS F 151 -9.38 -70.89 -6.51
C LYS F 151 -10.18 -72.16 -6.67
N VAL F 152 -11.47 -72.01 -6.55
CA VAL F 152 -12.38 -73.14 -6.75
C VAL F 152 -13.08 -72.94 -8.07
N GLN F 153 -12.99 -73.94 -8.95
CA GLN F 153 -13.70 -73.92 -10.22
C GLN F 153 -14.63 -75.14 -10.25
N TRP F 154 -15.90 -74.91 -10.50
CA TRP F 154 -16.87 -76.00 -10.66
C TRP F 154 -16.97 -76.37 -12.13
N LYS F 155 -16.86 -77.67 -12.42
CA LYS F 155 -17.09 -78.18 -13.76
C LYS F 155 -18.22 -79.20 -13.70
N VAL F 156 -19.10 -79.16 -14.71
CA VAL F 156 -20.24 -80.06 -14.81
C VAL F 156 -20.21 -80.68 -16.19
N ASP F 157 -19.95 -81.99 -16.26
CA ASP F 157 -19.60 -82.67 -17.50
C ASP F 157 -18.51 -81.89 -18.24
N ASN F 158 -17.52 -81.42 -17.49
CA ASN F 158 -16.36 -80.70 -18.00
C ASN F 158 -16.69 -79.29 -18.49
N ALA F 159 -17.88 -78.76 -18.17
CA ALA F 159 -18.23 -77.38 -18.53
C ALA F 159 -18.00 -76.46 -17.34
N LEU F 160 -17.32 -75.34 -17.59
CA LEU F 160 -17.00 -74.37 -16.53
C LEU F 160 -18.26 -73.61 -16.10
N GLN F 161 -18.55 -73.65 -14.81
CA GLN F 161 -19.69 -72.92 -14.24
C GLN F 161 -19.26 -71.52 -13.80
N SER F 162 -20.19 -70.57 -13.93
CA SER F 162 -20.01 -69.23 -13.39
C SER F 162 -21.39 -68.67 -13.06
N GLY F 163 -21.49 -67.97 -11.93
CA GLY F 163 -22.71 -67.30 -11.53
C GLY F 163 -23.67 -68.11 -10.69
N ASN F 164 -23.29 -69.34 -10.37
CA ASN F 164 -24.14 -70.22 -9.57
C ASN F 164 -23.33 -71.11 -8.63
N SER F 165 -22.83 -70.51 -7.54
CA SER F 165 -22.03 -71.25 -6.57
C SER F 165 -21.39 -70.30 -5.56
N GLN F 166 -21.92 -70.29 -4.33
CA GLN F 166 -21.40 -69.43 -3.28
C GLN F 166 -20.33 -70.15 -2.46
N GLU F 167 -19.51 -69.37 -1.77
CA GLU F 167 -18.44 -69.94 -0.95
C GLU F 167 -18.05 -68.98 0.17
N SER F 168 -17.72 -69.54 1.33
CA SER F 168 -17.33 -68.74 2.49
C SER F 168 -15.99 -69.20 3.05
N VAL F 169 -15.30 -68.30 3.74
CA VAL F 169 -14.01 -68.61 4.33
C VAL F 169 -14.01 -68.35 5.84
N THR F 170 -13.42 -69.27 6.59
CA THR F 170 -13.34 -69.15 8.04
C THR F 170 -12.12 -68.34 8.46
N GLU F 171 -12.17 -67.80 9.67
CA GLU F 171 -11.07 -67.01 10.21
C GLU F 171 -9.85 -67.91 10.38
N GLN F 172 -8.68 -67.28 10.51
CA GLN F 172 -7.44 -68.04 10.67
C GLN F 172 -7.51 -68.87 11.95
N ASP F 173 -7.16 -70.15 11.84
CA ASP F 173 -7.28 -71.05 12.97
C ASP F 173 -6.24 -70.71 14.03
N SER F 174 -6.69 -70.62 15.29
CA SER F 174 -5.83 -70.19 16.38
C SER F 174 -4.72 -71.19 16.70
N LYS F 175 -4.86 -72.43 16.25
CA LYS F 175 -3.91 -73.49 16.56
C LYS F 175 -2.90 -73.74 15.45
N ASP F 176 -3.35 -73.90 14.21
CA ASP F 176 -2.43 -74.17 13.11
C ASP F 176 -2.29 -73.01 12.11
N SER F 177 -3.04 -71.92 12.27
CA SER F 177 -2.91 -70.74 11.40
C SER F 177 -3.31 -71.01 9.95
N THR F 178 -4.19 -71.97 9.72
CA THR F 178 -4.70 -72.24 8.37
C THR F 178 -6.09 -71.63 8.19
N TYR F 179 -6.55 -71.67 6.93
CA TYR F 179 -7.89 -71.28 6.55
C TYR F 179 -8.63 -72.49 6.01
N SER F 180 -9.96 -72.43 5.99
CA SER F 180 -10.78 -73.41 5.29
C SER F 180 -11.86 -72.69 4.49
N LEU F 181 -12.34 -73.35 3.44
CA LEU F 181 -13.25 -72.72 2.49
C LEU F 181 -14.35 -73.69 2.10
N SER F 182 -15.55 -73.16 1.94
CA SER F 182 -16.72 -73.91 1.52
C SER F 182 -17.33 -73.23 0.31
N SER F 183 -17.49 -73.96 -0.79
CA SER F 183 -18.18 -73.46 -1.98
C SER F 183 -19.40 -74.32 -2.26
N THR F 184 -20.54 -73.67 -2.46
CA THR F 184 -21.80 -74.35 -2.75
C THR F 184 -22.23 -74.03 -4.18
N LEU F 185 -22.33 -75.08 -5.00
CA LEU F 185 -22.95 -75.01 -6.32
C LEU F 185 -24.42 -75.38 -6.18
N THR F 186 -25.30 -74.45 -6.50
CA THR F 186 -26.73 -74.68 -6.41
C THR F 186 -27.31 -74.78 -7.81
N LEU F 187 -28.01 -75.89 -8.08
CA LEU F 187 -28.80 -76.04 -9.29
C LEU F 187 -30.22 -76.46 -8.94
N SER F 188 -31.13 -76.32 -9.89
CA SER F 188 -32.44 -76.92 -9.75
C SER F 188 -32.36 -78.42 -9.96
N LYS F 189 -33.38 -79.12 -9.47
CA LYS F 189 -33.48 -80.56 -9.68
C LYS F 189 -33.41 -80.90 -11.16
N ALA F 190 -34.19 -80.19 -11.98
CA ALA F 190 -34.17 -80.41 -13.42
C ALA F 190 -32.78 -80.16 -13.99
N ASP F 191 -32.17 -79.03 -13.65
CA ASP F 191 -30.82 -78.76 -14.11
C ASP F 191 -29.85 -79.81 -13.60
N TYR F 192 -30.04 -80.25 -12.36
CA TYR F 192 -29.08 -81.16 -11.75
C TYR F 192 -29.09 -82.53 -12.45
N GLU F 193 -30.26 -83.05 -12.76
CA GLU F 193 -30.36 -84.37 -13.36
C GLU F 193 -30.07 -84.40 -14.86
N LYS F 194 -29.74 -83.26 -15.48
CA LYS F 194 -29.35 -83.24 -16.88
C LYS F 194 -27.88 -83.56 -17.11
N HIS F 195 -27.09 -83.81 -16.07
CA HIS F 195 -25.66 -83.94 -16.26
C HIS F 195 -25.12 -85.07 -15.39
N LYS F 196 -23.87 -85.45 -15.65
CA LYS F 196 -23.27 -86.66 -15.09
C LYS F 196 -22.13 -86.33 -14.13
N VAL F 197 -21.04 -85.75 -14.61
CA VAL F 197 -19.85 -85.52 -13.78
C VAL F 197 -19.91 -84.13 -13.15
N TYR F 198 -19.92 -84.09 -11.82
CA TYR F 198 -19.84 -82.85 -11.04
C TYR F 198 -18.46 -82.79 -10.40
N ALA F 199 -17.71 -81.74 -10.69
CA ALA F 199 -16.32 -81.68 -10.29
C ALA F 199 -16.02 -80.35 -9.61
N CYS F 200 -15.08 -80.41 -8.68
CA CYS F 200 -14.54 -79.23 -8.00
C CYS F 200 -13.03 -79.19 -8.27
N GLU F 201 -12.60 -78.23 -9.08
CA GLU F 201 -11.17 -78.05 -9.35
C GLU F 201 -10.60 -76.98 -8.42
N VAL F 202 -9.51 -77.32 -7.74
CA VAL F 202 -8.94 -76.50 -6.69
C VAL F 202 -7.53 -76.10 -7.07
N THR F 203 -7.27 -74.80 -7.12
CA THR F 203 -5.94 -74.28 -7.43
C THR F 203 -5.40 -73.54 -6.21
N HIS F 204 -4.24 -73.99 -5.72
CA HIS F 204 -3.64 -73.41 -4.54
C HIS F 204 -2.14 -73.59 -4.61
N GLN F 205 -1.43 -72.60 -4.07
CA GLN F 205 0.02 -72.57 -4.12
C GLN F 205 0.65 -73.81 -3.53
N GLY F 206 -0.05 -74.48 -2.60
CA GLY F 206 0.47 -75.72 -2.06
C GLY F 206 0.29 -76.93 -2.97
N LEU F 207 -0.36 -76.75 -4.11
CA LEU F 207 -0.70 -77.83 -5.03
C LEU F 207 0.16 -77.70 -6.27
N SER F 208 0.98 -78.73 -6.53
CA SER F 208 1.82 -78.80 -7.72
C SER F 208 1.10 -78.31 -8.97
N SER F 209 0.01 -78.96 -9.32
CA SER F 209 -0.94 -78.53 -10.33
C SER F 209 -2.32 -78.65 -9.71
N PRO F 210 -3.36 -78.09 -10.35
CA PRO F 210 -4.69 -78.11 -9.72
C PRO F 210 -5.18 -79.52 -9.40
N VAL F 211 -5.99 -79.61 -8.35
CA VAL F 211 -6.57 -80.87 -7.91
C VAL F 211 -8.07 -80.84 -8.14
N THR F 212 -8.59 -81.88 -8.78
CA THR F 212 -10.02 -82.03 -9.07
C THR F 212 -10.57 -83.24 -8.32
N LYS F 213 -11.64 -83.02 -7.57
CA LYS F 213 -12.46 -84.09 -6.99
C LYS F 213 -13.81 -84.09 -7.71
N SER F 214 -14.40 -85.28 -7.85
CA SER F 214 -15.65 -85.34 -8.59
C SER F 214 -16.42 -86.60 -8.20
N PHE F 215 -17.70 -86.59 -8.57
CA PHE F 215 -18.57 -87.76 -8.46
C PHE F 215 -19.42 -87.79 -9.72
N ASN F 216 -19.99 -88.97 -10.00
CA ASN F 216 -21.01 -89.11 -11.02
C ASN F 216 -22.36 -89.21 -10.36
N ARG F 217 -23.31 -88.39 -10.81
CA ARG F 217 -24.67 -88.46 -10.30
C ARG F 217 -25.23 -89.87 -10.50
N GLY F 218 -25.98 -90.35 -9.51
CA GLY F 218 -26.56 -91.69 -9.59
C GLY F 218 -25.55 -92.83 -9.53
N ASP G 1 -3.41 -25.49 19.62
CA ASP G 1 -3.73 -24.14 20.06
C ASP G 1 -4.33 -23.31 18.92
N CYS G 2 -5.65 -23.21 18.87
CA CYS G 2 -6.31 -22.38 17.87
C CYS G 2 -6.67 -21.04 18.50
N TYR G 3 -5.63 -20.22 18.71
CA TYR G 3 -5.74 -19.03 19.53
C TYR G 3 -6.28 -17.82 18.77
N LEU G 4 -6.56 -17.96 17.49
CA LEU G 4 -7.28 -16.96 16.71
C LEU G 4 -8.50 -17.65 16.13
N GLY G 5 -9.63 -16.95 16.07
CA GLY G 5 -10.85 -17.61 15.63
C GLY G 5 -10.77 -18.16 14.22
N ASP G 6 -9.92 -17.59 13.38
CA ASP G 6 -9.74 -18.02 12.01
C ASP G 6 -8.36 -18.63 11.77
N LEU G 7 -7.66 -19.02 12.85
CA LEU G 7 -6.34 -19.62 12.67
C LEU G 7 -6.40 -21.04 12.10
N CYS G 8 -7.41 -21.81 12.48
CA CYS G 8 -7.47 -23.24 12.15
C CYS G 8 -8.43 -23.45 10.98
N ASN G 9 -7.96 -23.37 9.74
CA ASN G 9 -8.86 -23.61 8.61
C ASN G 9 -8.66 -24.95 7.93
N ASP H 1 -10.63 -27.36 22.22
CA ASP H 1 -10.36 -28.67 21.59
C ASP H 1 -10.88 -28.66 20.15
N CYS H 2 -10.01 -28.38 19.18
CA CYS H 2 -10.43 -28.51 17.76
C CYS H 2 -9.95 -29.90 17.31
N TYR H 3 -10.72 -30.96 17.59
CA TYR H 3 -10.31 -32.37 17.34
C TYR H 3 -10.66 -32.83 15.92
N LEU H 4 -11.48 -32.07 15.21
CA LEU H 4 -11.72 -32.30 13.76
C LEU H 4 -11.09 -31.09 13.06
N GLY H 5 -10.58 -31.25 11.85
CA GLY H 5 -9.86 -30.15 11.17
C GLY H 5 -10.75 -29.07 10.62
N ASP H 6 -12.02 -29.35 10.44
CA ASP H 6 -13.01 -28.38 9.92
C ASP H 6 -13.98 -27.95 11.04
N LEU H 7 -13.70 -28.37 12.28
CA LEU H 7 -14.60 -28.07 13.43
C LEU H 7 -14.59 -26.58 13.74
N CYS H 8 -13.41 -25.97 13.73
CA CYS H 8 -13.28 -24.58 14.21
C CYS H 8 -13.23 -23.57 13.05
N ASN H 9 -14.35 -23.39 12.33
CA ASN H 9 -14.43 -22.37 11.25
C ASN H 9 -14.82 -21.01 11.85
N ASP I 1 8.45 29.51 -21.39
CA ASP I 1 9.36 28.56 -22.04
C ASP I 1 10.41 28.07 -21.06
N CYS I 2 10.18 26.88 -20.52
CA CYS I 2 11.09 26.20 -19.61
C CYS I 2 11.86 25.19 -20.46
N TYR I 3 12.90 25.68 -21.09
CA TYR I 3 13.75 24.93 -22.00
C TYR I 3 14.93 24.08 -21.51
N LEU I 4 15.25 24.20 -20.26
CA LEU I 4 16.23 23.42 -19.61
C LEU I 4 15.41 22.84 -18.46
N GLY I 5 15.71 21.61 -18.10
CA GLY I 5 15.02 20.91 -17.07
C GLY I 5 15.09 21.54 -15.72
N ASP I 6 16.16 22.25 -15.47
CA ASP I 6 16.38 22.92 -14.19
C ASP I 6 16.33 24.43 -14.33
N LEU I 7 15.65 24.94 -15.37
CA LEU I 7 15.56 26.39 -15.57
C LEU I 7 14.57 27.06 -14.63
N CYS I 8 13.54 26.32 -14.27
CA CYS I 8 12.46 26.84 -13.46
C CYS I 8 12.40 26.47 -11.98
N ASN I 9 12.77 27.46 -11.17
CA ASN I 9 12.71 27.38 -9.69
C ASN I 9 13.60 26.27 -9.11
N ASP J 1 4.07 23.22 -20.34
CA ASP J 1 3.25 24.13 -19.54
C ASP J 1 3.59 24.02 -18.07
N CYS J 2 4.43 24.92 -17.56
CA CYS J 2 4.79 24.95 -16.14
C CYS J 2 3.95 26.03 -15.47
N TYR J 3 2.70 25.66 -15.14
CA TYR J 3 1.66 26.59 -14.71
C TYR J 3 1.67 26.85 -13.20
N LEU J 4 2.54 26.18 -12.44
CA LEU J 4 2.82 26.52 -11.05
C LEU J 4 4.31 26.76 -10.93
N GLY J 5 4.69 27.69 -10.03
CA GLY J 5 6.09 28.11 -9.97
C GLY J 5 7.05 27.00 -9.58
N ASP J 6 6.58 26.01 -8.81
CA ASP J 6 7.43 24.92 -8.36
C ASP J 6 7.04 23.59 -8.98
N LEU J 7 6.29 23.62 -10.09
CA LEU J 7 5.83 22.38 -10.73
C LEU J 7 6.96 21.63 -11.45
N CYS J 8 7.84 22.36 -12.12
CA CYS J 8 8.84 21.75 -12.99
C CYS J 8 10.16 21.60 -12.22
N ASN J 9 10.50 20.35 -11.87
CA ASN J 9 11.66 19.96 -11.03
C ASN J 9 11.58 20.62 -9.67
N GLU K 2 18.04 34.74 -41.21
CA GLU K 2 18.23 33.66 -40.25
C GLU K 2 18.94 34.17 -39.00
N VAL K 3 18.52 33.64 -37.86
CA VAL K 3 19.21 33.88 -36.59
C VAL K 3 20.67 33.48 -36.73
N GLN K 4 21.57 34.33 -36.25
CA GLN K 4 23.01 34.08 -36.35
C GLN K 4 23.65 34.27 -34.98
N LEU K 5 24.51 33.32 -34.60
CA LEU K 5 25.42 33.48 -33.47
C LEU K 5 26.83 33.64 -34.03
N VAL K 6 27.43 34.81 -33.82
CA VAL K 6 28.65 35.19 -34.52
C VAL K 6 29.78 35.35 -33.51
N GLN K 7 30.82 34.52 -33.65
CA GLN K 7 31.91 34.47 -32.67
C GLN K 7 33.15 35.18 -33.18
N SER K 8 33.97 35.64 -32.23
CA SER K 8 35.26 36.26 -32.52
C SER K 8 36.23 35.21 -33.05
N GLY K 9 37.34 35.69 -33.62
CA GLY K 9 38.21 34.89 -34.44
C GLY K 9 39.20 34.02 -33.66
N ALA K 10 39.95 33.22 -34.41
CA ALA K 10 40.89 32.26 -33.84
C ALA K 10 41.96 32.95 -33.00
N GLU K 11 42.38 32.25 -31.95
CA GLU K 11 43.38 32.75 -31.00
C GLU K 11 44.45 31.72 -30.78
N VAL K 12 45.70 32.18 -30.66
CA VAL K 12 46.85 31.39 -30.21
C VAL K 12 47.35 32.02 -28.93
N LYS K 13 47.47 31.23 -27.87
CA LYS K 13 47.85 31.80 -26.58
C LYS K 13 48.89 30.91 -25.91
N LYS K 14 49.81 31.55 -25.20
CA LYS K 14 50.81 30.81 -24.44
C LYS K 14 50.18 30.22 -23.18
N PRO K 15 50.69 29.09 -22.70
CA PRO K 15 50.20 28.57 -21.43
C PRO K 15 50.29 29.64 -20.35
N GLY K 16 49.29 29.66 -19.47
CA GLY K 16 49.25 30.62 -18.40
C GLY K 16 48.62 31.95 -18.73
N ALA K 17 48.50 32.31 -20.01
CA ALA K 17 47.74 33.50 -20.36
C ALA K 17 46.23 33.23 -20.23
N SER K 18 45.43 34.21 -20.65
CA SER K 18 43.97 34.02 -20.69
C SER K 18 43.46 34.41 -22.06
N VAL K 19 42.22 34.00 -22.35
CA VAL K 19 41.57 34.33 -23.61
C VAL K 19 40.13 34.69 -23.30
N LYS K 20 39.56 35.58 -24.10
CA LYS K 20 38.18 36.03 -23.93
C LYS K 20 37.47 35.94 -25.27
N VAL K 21 36.49 35.06 -25.39
CA VAL K 21 35.81 34.81 -26.65
C VAL K 21 34.45 35.49 -26.63
N SER K 22 34.06 36.10 -27.74
CA SER K 22 32.77 36.76 -27.83
C SER K 22 31.78 36.01 -28.72
N CYS K 23 30.51 36.26 -28.48
CA CYS K 23 29.42 35.61 -29.23
C CYS K 23 28.27 36.61 -29.32
N LYS K 24 28.06 37.17 -30.51
CA LYS K 24 27.04 38.17 -30.75
C LYS K 24 25.87 37.52 -31.47
N ALA K 25 24.67 37.62 -30.87
CA ALA K 25 23.44 37.07 -31.41
C ALA K 25 22.65 38.13 -32.17
N SER K 26 21.96 37.69 -33.22
CA SER K 26 21.03 38.55 -33.94
C SER K 26 19.87 37.72 -34.45
N GLY K 27 18.69 38.35 -34.52
CA GLY K 27 17.48 37.72 -34.99
C GLY K 27 16.46 37.42 -33.91
N TYR K 28 16.80 37.62 -32.64
CA TYR K 28 15.87 37.42 -31.53
C TYR K 28 16.31 38.31 -30.38
N THR K 29 15.39 38.53 -29.43
CA THR K 29 15.71 39.34 -28.26
C THR K 29 16.77 38.65 -27.41
N PHE K 30 17.93 39.29 -27.28
CA PHE K 30 19.09 38.68 -26.63
C PHE K 30 18.77 38.17 -25.24
N THR K 31 17.97 38.93 -24.48
CA THR K 31 17.75 38.64 -23.07
C THR K 31 16.77 37.49 -22.84
N THR K 32 16.15 36.97 -23.90
CA THR K 32 15.11 35.95 -23.75
C THR K 32 15.69 34.59 -23.36
N TYR K 33 16.91 34.25 -23.80
CA TYR K 33 17.45 32.90 -23.64
C TYR K 33 18.86 32.95 -23.11
N VAL K 34 19.20 31.95 -22.29
CA VAL K 34 20.59 31.86 -21.84
C VAL K 34 21.49 31.58 -23.04
N MET K 35 22.76 31.94 -22.89
CA MET K 35 23.80 31.61 -23.87
C MET K 35 24.82 30.70 -23.20
N HIS K 36 24.93 29.47 -23.70
CA HIS K 36 25.89 28.49 -23.22
C HIS K 36 27.23 28.62 -23.97
N TRP K 37 28.28 28.13 -23.31
CA TRP K 37 29.55 27.80 -23.96
C TRP K 37 29.81 26.31 -23.87
N VAL K 38 30.27 25.74 -25.00
CA VAL K 38 30.65 24.35 -25.14
C VAL K 38 32.00 24.33 -25.87
N ARG K 39 32.82 23.31 -25.58
CA ARG K 39 34.10 23.19 -26.27
C ARG K 39 34.33 21.75 -26.72
N GLN K 40 35.23 21.61 -27.69
CA GLN K 40 35.52 20.32 -28.33
C GLN K 40 37.02 20.33 -28.62
N ALA K 41 37.77 19.58 -27.81
CA ALA K 41 39.19 19.40 -28.07
C ALA K 41 39.38 18.60 -29.36
N PRO K 42 40.51 18.82 -30.07
CA PRO K 42 40.67 18.19 -31.40
C PRO K 42 40.43 16.68 -31.38
N GLY K 43 39.51 16.21 -32.21
CA GLY K 43 39.22 14.80 -32.33
C GLY K 43 38.46 14.17 -31.17
N GLN K 44 37.89 14.99 -30.29
CA GLN K 44 37.23 14.52 -29.08
C GLN K 44 35.76 14.92 -29.10
N GLY K 45 35.07 14.68 -27.98
CA GLY K 45 33.66 14.96 -27.86
C GLY K 45 33.40 16.41 -27.46
N LEU K 46 32.18 16.64 -27.00
CA LEU K 46 31.71 17.98 -26.68
C LEU K 46 31.50 18.10 -25.17
N GLU K 47 31.87 19.24 -24.61
CA GLU K 47 31.90 19.44 -23.17
C GLU K 47 31.22 20.77 -22.84
N TRP K 48 30.20 20.72 -21.99
CA TRP K 48 29.48 21.91 -21.60
C TRP K 48 30.25 22.65 -20.52
N MET K 49 30.49 23.93 -20.75
CA MET K 49 31.29 24.73 -19.83
C MET K 49 30.47 25.58 -18.88
N GLY K 50 29.31 26.05 -19.32
CA GLY K 50 28.54 26.98 -18.52
C GLY K 50 27.60 27.75 -19.42
N TYR K 51 26.80 28.60 -18.78
CA TYR K 51 26.03 29.59 -19.50
C TYR K 51 25.93 30.87 -18.69
N ILE K 52 25.55 31.94 -19.37
CA ILE K 52 25.15 33.17 -18.71
C ILE K 52 23.75 33.50 -19.19
N ASN K 53 22.90 33.89 -18.24
CA ASN K 53 21.58 34.37 -18.55
C ASN K 53 21.66 35.89 -18.72
N PRO K 54 21.59 36.42 -19.94
CA PRO K 54 21.71 37.88 -20.08
C PRO K 54 20.57 38.66 -19.42
N TYR K 55 19.46 38.02 -19.06
CA TYR K 55 18.36 38.77 -18.44
C TYR K 55 18.72 39.21 -17.02
N ASN K 56 19.16 38.29 -16.17
CA ASN K 56 19.49 38.65 -14.78
C ASN K 56 20.98 38.59 -14.49
N ASP K 57 21.81 38.41 -15.51
CA ASP K 57 23.27 38.31 -15.34
C ASP K 57 23.65 37.14 -14.43
N GLY K 58 22.80 36.12 -14.34
CA GLY K 58 23.16 34.93 -13.57
C GLY K 58 24.04 34.00 -14.40
N THR K 59 24.97 33.32 -13.72
CA THR K 59 25.82 32.34 -14.38
C THR K 59 25.65 30.98 -13.73
N LYS K 60 26.21 29.98 -14.40
CA LYS K 60 26.11 28.59 -14.00
C LYS K 60 27.28 27.91 -14.68
N TYR K 61 28.16 27.28 -13.91
CA TYR K 61 29.43 26.81 -14.43
C TYR K 61 29.58 25.31 -14.22
N ASN K 62 30.32 24.68 -15.12
CA ASN K 62 30.79 23.33 -14.87
C ASN K 62 31.85 23.38 -13.78
N GLU K 63 31.76 22.44 -12.82
CA GLU K 63 32.70 22.39 -11.71
C GLU K 63 34.15 22.42 -12.19
N LYS K 64 34.44 21.70 -13.27
CA LYS K 64 35.80 21.65 -13.80
C LYS K 64 36.38 23.04 -14.02
N PHE K 65 35.54 23.97 -14.40
CA PHE K 65 35.96 25.30 -14.70
C PHE K 65 35.66 26.40 -13.67
N LYS K 66 35.07 26.09 -12.53
CA LYS K 66 34.81 27.13 -11.54
C LYS K 66 36.14 27.71 -11.10
N GLY K 67 36.23 29.01 -11.00
CA GLY K 67 37.46 29.63 -10.60
C GLY K 67 38.46 29.84 -11.71
N ARG K 68 38.08 29.45 -12.91
CA ARG K 68 38.93 29.61 -14.06
C ARG K 68 38.18 30.27 -15.22
N VAL K 69 36.89 30.12 -15.27
CA VAL K 69 36.08 30.75 -16.25
C VAL K 69 35.19 31.82 -15.66
N THR K 70 34.89 32.80 -16.46
CA THR K 70 33.96 33.82 -16.08
C THR K 70 33.22 34.13 -17.35
N MET K 71 31.93 34.36 -17.23
CA MET K 71 31.05 34.62 -18.34
C MET K 71 30.25 35.87 -18.11
N THR K 72 30.25 36.71 -19.12
CA THR K 72 29.66 38.05 -19.01
C THR K 72 28.80 38.31 -20.24
N ARG K 73 28.09 39.44 -20.21
CA ARG K 73 27.25 39.81 -21.34
C ARG K 73 27.12 41.32 -21.43
N ASP K 74 27.03 41.81 -22.67
CA ASP K 74 26.69 43.19 -22.99
C ASP K 74 25.38 43.16 -23.78
N THR K 75 24.28 43.42 -23.09
CA THR K 75 22.97 43.37 -23.71
C THR K 75 22.78 44.44 -24.78
N SER K 76 23.47 45.59 -24.65
CA SER K 76 23.39 46.67 -25.65
C SER K 76 23.93 46.26 -27.01
N ILE K 77 24.85 45.31 -27.08
CA ILE K 77 25.35 44.84 -28.36
C ILE K 77 25.09 43.35 -28.55
N SER K 78 24.16 42.78 -27.77
CA SER K 78 23.75 41.37 -27.87
C SER K 78 24.93 40.41 -27.91
N THR K 79 25.93 40.63 -27.04
CA THR K 79 27.14 39.84 -27.04
C THR K 79 27.35 39.16 -25.69
N ALA K 80 27.61 37.88 -25.72
CA ALA K 80 27.96 37.16 -24.55
C ALA K 80 29.48 36.81 -24.61
N TYR K 81 30.13 36.83 -23.47
CA TYR K 81 31.54 36.54 -23.36
C TYR K 81 31.92 35.39 -22.44
N MET K 82 32.99 34.74 -22.82
CA MET K 82 33.58 33.68 -22.11
C MET K 82 35.07 33.97 -21.99
N GLU K 83 35.55 34.05 -20.77
CA GLU K 83 36.92 34.34 -20.51
C GLU K 83 37.52 33.21 -19.71
N LEU K 84 38.50 32.54 -20.26
CA LEU K 84 39.18 31.44 -19.62
C LEU K 84 40.57 31.82 -19.18
N SER K 85 40.86 31.62 -17.92
CA SER K 85 42.13 31.99 -17.38
C SER K 85 43.09 30.87 -17.07
N ARG K 86 44.35 31.23 -16.96
CA ARG K 86 45.42 30.30 -16.61
C ARG K 86 45.44 29.14 -17.60
N LEU K 87 45.55 29.49 -18.86
CA LEU K 87 45.46 28.56 -19.95
C LEU K 87 46.38 27.36 -19.92
N ARG K 88 45.83 26.21 -20.20
CA ARG K 88 46.63 25.02 -20.24
C ARG K 88 46.59 24.46 -21.60
N SER K 89 47.57 23.64 -21.83
CA SER K 89 47.75 22.94 -23.06
C SER K 89 46.45 22.20 -23.51
N ASP K 90 45.81 21.50 -22.60
CA ASP K 90 44.57 20.80 -22.92
C ASP K 90 43.36 21.73 -22.97
N ASP K 91 43.54 23.04 -22.87
CA ASP K 91 42.45 23.93 -23.25
C ASP K 91 42.39 24.16 -24.75
N THR K 92 43.33 23.59 -25.51
CA THR K 92 43.23 23.70 -26.96
C THR K 92 41.92 23.07 -27.42
N ALA K 93 41.08 23.84 -28.10
CA ALA K 93 39.76 23.36 -28.50
C ALA K 93 39.11 24.37 -29.42
N VAL K 94 37.99 23.97 -30.02
CA VAL K 94 37.07 24.92 -30.63
C VAL K 94 35.97 25.21 -29.61
N TYR K 95 35.80 26.49 -29.29
CA TYR K 95 34.83 26.98 -28.32
C TYR K 95 33.59 27.47 -29.06
N TYR K 96 32.44 26.86 -28.74
CA TYR K 96 31.19 27.17 -29.39
C TYR K 96 30.24 27.86 -28.43
N CYS K 97 29.53 28.89 -28.89
CA CYS K 97 28.40 29.37 -28.11
C CYS K 97 27.13 28.70 -28.62
N GLY K 98 26.17 28.58 -27.71
CA GLY K 98 24.95 27.84 -27.92
C GLY K 98 23.77 28.47 -27.20
N ARG K 99 22.70 28.69 -27.94
CA ARG K 99 21.52 29.41 -27.47
C ARG K 99 20.52 28.47 -26.79
N ARG K 100 19.87 28.97 -25.74
CA ARG K 100 18.61 28.38 -25.28
C ARG K 100 18.73 26.90 -24.87
N ASN K 101 18.09 26.00 -25.59
CA ASN K 101 18.22 24.56 -25.38
C ASN K 101 19.11 23.93 -26.45
N PHE K 102 20.16 24.67 -26.79
CA PHE K 102 21.16 24.23 -27.75
C PHE K 102 20.56 24.10 -29.15
N ASP K 103 19.65 25.01 -29.51
CA ASP K 103 19.03 24.94 -30.82
C ASP K 103 19.76 25.78 -31.86
N TYR K 104 20.62 26.71 -31.44
CA TYR K 104 21.48 27.45 -32.34
C TYR K 104 22.91 27.41 -31.84
N TRP K 105 23.84 27.28 -32.76
CA TRP K 105 25.26 27.24 -32.45
C TRP K 105 25.96 28.39 -33.17
N GLY K 106 26.97 28.94 -32.51
CA GLY K 106 27.91 29.83 -33.18
C GLY K 106 28.85 29.05 -34.10
N GLN K 107 29.56 29.78 -34.96
CA GLN K 107 30.42 29.08 -35.91
C GLN K 107 31.69 28.55 -35.27
N GLY K 108 31.85 28.70 -33.96
CA GLY K 108 33.05 28.24 -33.27
C GLY K 108 34.25 29.16 -33.35
N THR K 109 35.07 29.15 -32.29
CA THR K 109 36.32 29.91 -32.17
C THR K 109 37.43 28.94 -31.80
N LEU K 110 38.45 28.82 -32.66
CA LEU K 110 39.59 27.99 -32.35
C LEU K 110 40.52 28.70 -31.37
N VAL K 111 40.80 28.07 -30.24
CA VAL K 111 41.82 28.54 -29.31
C VAL K 111 42.89 27.47 -29.22
N THR K 112 44.10 27.81 -29.62
CA THR K 112 45.24 26.90 -29.54
C THR K 112 46.18 27.44 -28.48
N VAL K 113 46.49 26.60 -27.49
CA VAL K 113 47.35 26.95 -26.37
C VAL K 113 48.71 26.31 -26.63
N SER K 114 49.74 27.13 -26.85
CA SER K 114 51.04 26.62 -27.26
C SER K 114 52.10 27.68 -27.00
N SER K 115 53.31 27.21 -26.71
CA SER K 115 54.44 28.12 -26.63
C SER K 115 55.16 28.28 -27.97
N ALA K 116 54.78 27.50 -28.99
CA ALA K 116 55.46 27.59 -30.26
C ALA K 116 55.27 28.96 -30.92
N SER K 117 56.04 29.23 -31.96
CA SER K 117 55.87 30.43 -32.77
C SER K 117 55.62 30.04 -34.22
N THR K 118 55.11 30.99 -34.99
CA THR K 118 54.91 30.77 -36.41
C THR K 118 56.21 30.30 -37.05
N LYS K 119 56.10 29.31 -37.94
CA LYS K 119 57.27 28.70 -38.56
C LYS K 119 56.82 27.92 -39.78
N GLY K 120 57.41 28.22 -40.94
CA GLY K 120 57.11 27.52 -42.16
C GLY K 120 57.63 26.09 -42.12
N PRO K 121 57.11 25.24 -43.00
CA PRO K 121 57.45 23.82 -42.95
C PRO K 121 58.68 23.47 -43.74
N SER K 122 59.34 22.39 -43.30
CA SER K 122 60.34 21.70 -44.11
C SER K 122 59.65 20.59 -44.90
N VAL K 123 60.03 20.44 -46.16
CA VAL K 123 59.36 19.47 -47.02
C VAL K 123 60.38 18.45 -47.52
N PHE K 124 60.04 17.16 -47.34
CA PHE K 124 60.94 16.06 -47.66
C PHE K 124 60.24 15.07 -48.58
N PRO K 125 60.96 14.47 -49.52
CA PRO K 125 60.33 13.49 -50.41
C PRO K 125 60.00 12.19 -49.68
N LEU K 126 58.89 11.59 -50.09
CA LEU K 126 58.60 10.18 -49.83
C LEU K 126 58.78 9.48 -51.18
N ALA K 127 59.98 8.90 -51.40
CA ALA K 127 60.25 8.51 -52.77
C ALA K 127 59.90 7.04 -53.02
N PRO K 128 59.43 6.74 -54.22
CA PRO K 128 59.15 5.35 -54.60
C PRO K 128 60.41 4.67 -55.12
N SER K 129 60.29 3.37 -55.36
CA SER K 129 61.36 2.57 -55.99
C SER K 129 60.84 1.22 -56.48
N GLY K 135 50.87 -4.49 -56.77
CA GLY K 135 51.27 -5.18 -57.99
C GLY K 135 52.07 -4.29 -58.91
N GLY K 136 51.37 -3.46 -59.67
CA GLY K 136 52.00 -2.52 -60.58
C GLY K 136 51.64 -1.09 -60.28
N THR K 137 51.53 -0.77 -58.99
CA THR K 137 51.26 0.60 -58.54
C THR K 137 52.35 1.02 -57.56
N ALA K 138 52.81 2.26 -57.71
CA ALA K 138 53.83 2.85 -56.86
C ALA K 138 53.23 3.94 -55.97
N ALA K 139 53.75 4.07 -54.76
CA ALA K 139 53.36 5.18 -53.89
C ALA K 139 54.51 6.17 -53.75
N LEU K 140 54.18 7.45 -53.75
CA LEU K 140 55.15 8.50 -53.47
C LEU K 140 54.44 9.63 -52.73
N GLY K 141 55.22 10.52 -52.12
CA GLY K 141 54.61 11.60 -51.37
C GLY K 141 55.60 12.66 -50.92
N CYS K 142 55.08 13.58 -50.10
CA CYS K 142 55.90 14.55 -49.38
C CYS K 142 55.60 14.45 -47.90
N LEU K 143 56.66 14.44 -47.10
CA LEU K 143 56.56 14.67 -45.67
C LEU K 143 56.70 16.17 -45.44
N VAL K 144 55.74 16.74 -44.71
CA VAL K 144 55.67 18.17 -44.45
C VAL K 144 55.84 18.34 -42.95
N LYS K 145 57.03 18.76 -42.53
CA LYS K 145 57.42 18.63 -41.14
C LYS K 145 57.65 19.99 -40.48
N ASP K 146 57.29 20.06 -39.19
CA ASP K 146 57.76 21.09 -38.26
C ASP K 146 57.26 22.50 -38.60
N TYR K 147 55.94 22.65 -38.65
CA TYR K 147 55.34 23.94 -38.91
C TYR K 147 54.32 24.31 -37.82
N PHE K 148 53.91 25.58 -37.84
CA PHE K 148 53.01 26.17 -36.84
C PHE K 148 52.62 27.60 -37.23
N PRO K 149 51.33 27.94 -37.11
CA PRO K 149 50.32 26.96 -36.71
C PRO K 149 49.80 26.17 -37.91
N GLU K 150 48.66 25.51 -37.72
CA GLU K 150 47.95 24.92 -38.82
C GLU K 150 47.21 26.08 -39.49
N PRO K 151 46.79 25.93 -40.76
CA PRO K 151 46.90 24.74 -41.61
C PRO K 151 47.95 24.82 -42.72
N VAL K 152 48.30 23.64 -43.20
CA VAL K 152 49.00 23.43 -44.46
C VAL K 152 48.02 22.80 -45.44
N THR K 153 48.03 23.26 -46.68
CA THR K 153 47.33 22.56 -47.75
C THR K 153 48.35 22.08 -48.78
N VAL K 154 47.99 21.03 -49.50
CA VAL K 154 48.88 20.37 -50.45
C VAL K 154 48.11 20.11 -51.74
N SER K 155 48.75 20.39 -52.88
CA SER K 155 48.30 19.89 -54.16
C SER K 155 49.46 19.17 -54.83
N TRP K 156 49.17 18.53 -55.96
CA TRP K 156 50.16 17.80 -56.74
C TRP K 156 50.12 18.27 -58.18
N ASN K 157 51.27 18.64 -58.68
CA ASN K 157 51.41 19.15 -60.03
C ASN K 157 50.48 20.32 -60.27
N SER K 158 50.50 21.17 -59.35
CA SER K 158 49.69 22.39 -59.40
C SER K 158 48.21 22.09 -59.64
N GLY K 159 47.72 20.99 -59.04
CA GLY K 159 46.34 20.61 -59.17
C GLY K 159 46.00 19.78 -60.38
N ALA K 160 46.98 19.46 -61.21
CA ALA K 160 46.73 18.59 -62.35
C ALA K 160 46.64 17.12 -61.96
N LEU K 161 47.07 16.76 -60.75
CA LEU K 161 47.04 15.38 -60.28
C LEU K 161 46.13 15.32 -59.06
N THR K 162 44.95 14.73 -59.23
CA THR K 162 44.02 14.62 -58.12
C THR K 162 43.71 13.19 -57.75
N SER K 163 43.58 12.30 -58.74
CA SER K 163 43.18 10.93 -58.46
C SER K 163 44.29 10.18 -57.74
N GLY K 164 43.92 9.48 -56.67
CA GLY K 164 44.84 8.68 -55.88
C GLY K 164 45.59 9.43 -54.81
N VAL K 165 45.29 10.71 -54.58
CA VAL K 165 46.01 11.53 -53.60
C VAL K 165 45.31 11.42 -52.25
N HIS K 166 46.09 11.15 -51.19
CA HIS K 166 45.62 11.26 -49.81
C HIS K 166 46.50 12.23 -49.04
N THR K 167 45.89 13.31 -48.54
CA THR K 167 46.54 14.25 -47.63
C THR K 167 46.00 14.00 -46.23
N PHE K 168 46.89 13.71 -45.31
CA PHE K 168 46.45 13.22 -44.03
C PHE K 168 46.27 14.36 -43.04
N PRO K 169 45.40 14.15 -42.05
CA PRO K 169 45.31 15.11 -40.95
C PRO K 169 46.68 15.29 -40.33
N ALA K 170 47.03 16.55 -40.05
CA ALA K 170 48.29 16.82 -39.38
C ALA K 170 48.26 16.22 -37.99
N VAL K 171 49.43 15.82 -37.51
CA VAL K 171 49.60 15.35 -36.15
C VAL K 171 50.47 16.36 -35.37
N LEU K 172 50.12 16.58 -34.11
CA LEU K 172 50.93 17.44 -33.24
C LEU K 172 51.96 16.57 -32.55
N GLN K 173 53.23 16.90 -32.72
CA GLN K 173 54.30 16.06 -32.20
C GLN K 173 54.89 16.64 -30.90
N SER K 174 55.76 15.84 -30.28
CA SER K 174 56.31 16.23 -28.98
C SER K 174 57.24 17.43 -29.07
N SER K 175 57.40 18.05 -30.24
CA SER K 175 58.09 19.32 -30.32
C SER K 175 57.16 20.50 -30.16
N GLY K 176 55.85 20.28 -30.20
CA GLY K 176 54.90 21.37 -30.28
C GLY K 176 54.59 21.86 -31.68
N LEU K 177 55.17 21.22 -32.71
CA LEU K 177 55.01 21.62 -34.10
C LEU K 177 54.19 20.56 -34.82
N TYR K 178 53.58 20.95 -35.94
CA TYR K 178 52.73 20.03 -36.70
C TYR K 178 53.51 19.31 -37.81
N SER K 179 53.04 18.12 -38.15
CA SER K 179 53.62 17.34 -39.27
C SER K 179 52.50 16.60 -40.01
N LEU K 180 52.51 16.65 -41.32
CA LEU K 180 51.53 15.85 -42.11
C LEU K 180 52.22 15.14 -43.28
N SER K 181 51.50 14.22 -43.89
CA SER K 181 52.01 13.55 -45.11
C SER K 181 50.97 13.64 -46.23
N SER K 182 51.42 13.89 -47.44
CA SER K 182 50.53 13.82 -48.62
C SER K 182 51.13 12.75 -49.52
N VAL K 183 50.30 11.79 -49.94
CA VAL K 183 50.79 10.70 -50.78
C VAL K 183 49.91 10.59 -52.01
N VAL K 184 50.42 9.85 -52.99
CA VAL K 184 49.67 9.60 -54.20
C VAL K 184 50.14 8.24 -54.72
N THR K 185 49.21 7.47 -55.24
CA THR K 185 49.55 6.22 -55.92
C THR K 185 49.39 6.42 -57.41
N VAL K 186 50.32 5.86 -58.17
CA VAL K 186 50.41 6.03 -59.61
C VAL K 186 50.93 4.74 -60.22
N PRO K 187 50.78 4.58 -61.54
CA PRO K 187 51.34 3.40 -62.21
C PRO K 187 52.85 3.31 -62.07
N SER K 188 53.34 2.09 -61.84
CA SER K 188 54.79 1.87 -61.77
C SER K 188 55.47 2.27 -63.07
N SER K 189 54.83 1.96 -64.20
CA SER K 189 55.42 2.26 -65.50
C SER K 189 55.63 3.74 -65.71
N SER K 190 54.80 4.58 -65.08
CA SER K 190 54.89 6.02 -65.31
C SER K 190 56.05 6.68 -64.56
N LEU K 191 56.79 5.96 -63.72
CA LEU K 191 57.85 6.59 -62.94
C LEU K 191 59.01 7.06 -63.80
N GLY K 192 59.14 6.55 -65.01
CA GLY K 192 60.26 6.96 -65.84
C GLY K 192 59.95 8.17 -66.70
N THR K 193 58.67 8.54 -66.84
CA THR K 193 58.29 9.57 -67.78
C THR K 193 57.48 10.72 -67.18
N GLN K 194 56.88 10.54 -66.03
CA GLN K 194 56.08 11.58 -65.46
C GLN K 194 56.73 12.20 -64.26
N THR K 195 56.56 13.50 -64.11
CA THR K 195 57.09 14.26 -63.02
C THR K 195 56.07 14.51 -61.94
N TYR K 196 56.47 14.40 -60.71
CA TYR K 196 55.58 14.64 -59.59
C TYR K 196 56.11 15.70 -58.65
N ILE K 197 55.33 16.74 -58.41
CA ILE K 197 55.77 17.87 -57.61
C ILE K 197 54.65 18.20 -56.65
N CYS K 198 54.93 18.18 -55.35
CA CYS K 198 53.93 18.54 -54.37
C CYS K 198 54.05 20.02 -54.05
N ASN K 199 52.91 20.69 -54.02
CA ASN K 199 52.82 22.12 -53.76
C ASN K 199 52.24 22.31 -52.37
N VAL K 200 53.09 22.65 -51.42
CA VAL K 200 52.72 22.84 -50.02
C VAL K 200 52.56 24.32 -49.77
N ASN K 201 51.45 24.71 -49.15
CA ASN K 201 51.16 26.10 -48.82
C ASN K 201 50.93 26.24 -47.32
N HIS K 202 51.69 27.13 -46.67
CA HIS K 202 51.53 27.42 -45.26
C HIS K 202 51.21 28.91 -45.15
N LYS K 203 49.96 29.26 -45.39
CA LYS K 203 49.52 30.66 -45.33
C LYS K 203 49.97 31.38 -44.06
N PRO K 204 49.89 30.83 -42.85
CA PRO K 204 50.33 31.59 -41.67
C PRO K 204 51.77 32.08 -41.74
N SER K 205 52.68 31.34 -42.39
CA SER K 205 54.06 31.79 -42.52
C SER K 205 54.35 32.46 -43.87
N ASN K 206 53.34 32.62 -44.72
CA ASN K 206 53.52 33.25 -46.03
C ASN K 206 54.53 32.48 -46.89
N THR K 207 54.48 31.18 -46.77
CA THR K 207 55.36 30.31 -47.50
C THR K 207 54.68 29.32 -48.38
N LYS K 208 55.27 29.10 -49.53
CA LYS K 208 54.82 28.13 -50.45
C LYS K 208 56.06 27.36 -50.90
N VAL K 209 55.98 26.06 -50.86
CA VAL K 209 57.08 25.22 -51.21
C VAL K 209 56.69 24.18 -52.21
N ASP K 210 57.48 23.98 -53.23
CA ASP K 210 57.24 22.93 -54.18
C ASP K 210 58.40 21.94 -54.12
N LYS K 211 58.16 20.70 -53.86
CA LYS K 211 59.19 19.72 -53.83
C LYS K 211 58.94 18.71 -54.86
N LYS K 212 59.96 18.48 -55.63
CA LYS K 212 59.90 17.51 -56.62
C LYS K 212 60.28 16.17 -56.07
N VAL K 213 59.47 15.19 -56.38
CA VAL K 213 59.65 13.81 -55.96
C VAL K 213 60.20 12.96 -57.10
N GLU K 214 61.29 12.26 -56.83
CA GLU K 214 61.92 11.40 -57.83
C GLU K 214 62.23 10.04 -57.23
N PRO K 215 62.38 9.00 -58.06
CA PRO K 215 62.99 7.75 -57.59
C PRO K 215 64.39 8.02 -57.05
N LYS K 216 64.70 7.43 -55.89
CA LYS K 216 65.96 7.80 -55.21
C LYS K 216 67.20 7.23 -55.91
N ASP L 1 26.43 14.04 -12.07
CA ASP L 1 26.27 14.36 -13.49
C ASP L 1 25.61 13.21 -14.19
N ILE L 2 24.89 13.51 -15.25
CA ILE L 2 24.23 12.50 -16.06
C ILE L 2 25.22 12.05 -17.14
N VAL L 3 25.37 10.73 -17.26
CA VAL L 3 26.20 10.12 -18.31
C VAL L 3 25.31 9.73 -19.48
N MET L 4 25.71 10.11 -20.68
CA MET L 4 24.99 9.73 -21.88
C MET L 4 25.85 8.74 -22.65
N THR L 5 25.28 7.59 -23.00
CA THR L 5 25.97 6.52 -23.68
C THR L 5 25.26 6.20 -24.99
N GLN L 6 25.97 6.33 -26.11
CA GLN L 6 25.40 6.04 -27.42
C GLN L 6 25.84 4.66 -27.91
N SER L 7 24.96 4.01 -28.66
CA SER L 7 25.28 2.76 -29.34
C SER L 7 24.75 2.79 -30.77
N PRO L 8 25.50 2.27 -31.73
CA PRO L 8 26.92 1.87 -31.60
C PRO L 8 27.85 3.08 -31.60
N ASP L 9 29.17 2.82 -31.47
CA ASP L 9 30.15 3.88 -31.63
C ASP L 9 30.27 4.32 -33.08
N SER L 10 30.11 3.39 -34.02
CA SER L 10 30.01 3.77 -35.41
C SER L 10 29.16 2.75 -36.15
N LEU L 11 28.47 3.23 -37.16
CA LEU L 11 27.43 2.48 -37.83
C LEU L 11 27.70 2.56 -39.32
N ALA L 12 27.74 1.42 -39.98
CA ALA L 12 27.94 1.37 -41.41
C ALA L 12 26.62 0.96 -42.05
N VAL L 13 26.19 1.73 -43.02
CA VAL L 13 24.87 1.64 -43.62
C VAL L 13 25.05 1.94 -45.10
N SER L 14 24.26 1.27 -45.94
CA SER L 14 24.30 1.58 -47.36
C SER L 14 23.39 2.77 -47.66
N LEU L 15 23.68 3.40 -48.78
CA LEU L 15 22.86 4.56 -49.21
C LEU L 15 21.43 4.09 -49.47
N GLY L 16 20.45 4.79 -48.89
CA GLY L 16 19.04 4.45 -49.07
C GLY L 16 18.52 3.52 -47.99
N GLU L 17 19.37 3.11 -47.07
CA GLU L 17 18.96 2.22 -45.96
C GLU L 17 18.66 3.01 -44.69
N ARG L 18 17.84 2.42 -43.83
CA ARG L 18 17.55 3.04 -42.53
C ARG L 18 18.78 3.00 -41.62
N ALA L 19 19.04 4.10 -40.94
CA ALA L 19 20.12 4.18 -39.94
C ALA L 19 19.47 4.48 -38.59
N THR L 20 19.84 3.73 -37.56
CA THR L 20 19.24 3.90 -36.25
C THR L 20 20.34 4.00 -35.21
N ILE L 21 20.30 5.06 -34.41
CA ILE L 21 21.30 5.33 -33.39
C ILE L 21 20.61 5.42 -32.03
N ASN L 22 21.18 4.74 -31.04
CA ASN L 22 20.61 4.69 -29.71
C ASN L 22 21.44 5.55 -28.74
N CYS L 23 20.74 6.10 -27.75
CA CYS L 23 21.32 6.93 -26.72
C CYS L 23 20.62 6.56 -25.41
N LYS L 24 21.38 6.10 -24.42
CA LYS L 24 20.80 5.84 -23.10
C LYS L 24 21.34 6.84 -22.10
N SER L 25 20.44 7.30 -21.23
CA SER L 25 20.75 8.24 -20.18
C SER L 25 20.84 7.52 -18.85
N SER L 26 21.85 7.87 -18.05
CA SER L 26 22.01 7.23 -16.74
C SER L 26 20.88 7.58 -15.80
N GLN L 27 20.02 8.51 -16.19
CA GLN L 27 18.97 9.02 -15.35
C GLN L 27 17.85 9.53 -16.26
N SER L 28 16.61 9.45 -15.78
CA SER L 28 15.47 9.91 -16.56
C SER L 28 15.64 11.37 -16.98
N LEU L 29 15.17 11.68 -18.19
CA LEU L 29 15.20 13.04 -18.70
C LEU L 29 13.79 13.60 -18.86
N LEU L 30 12.79 12.82 -18.46
CA LEU L 30 11.39 13.23 -18.48
C LEU L 30 11.09 14.02 -17.23
N LEU L 31 10.65 15.25 -17.41
CA LEU L 31 10.29 16.12 -16.29
C LEU L 31 8.80 15.93 -16.05
N SER L 32 8.43 15.36 -14.89
CA SER L 32 7.03 14.97 -14.72
C SER L 32 6.10 16.17 -14.74
N GLY L 33 6.58 17.36 -14.34
CA GLY L 33 5.68 18.50 -14.21
C GLY L 33 5.05 18.90 -15.54
N ASN L 34 5.84 18.90 -16.61
CA ASN L 34 5.35 19.23 -17.93
C ASN L 34 5.40 18.07 -18.91
N GLN L 35 5.81 16.87 -18.46
CA GLN L 35 5.81 15.67 -19.31
C GLN L 35 6.66 15.86 -20.58
N GLU L 36 7.79 16.55 -20.44
CA GLU L 36 8.71 16.80 -21.55
C GLU L 36 10.03 16.07 -21.33
N ASN L 37 10.58 15.50 -22.39
CA ASN L 37 11.93 14.92 -22.34
C ASN L 37 12.97 15.95 -22.80
N TYR L 38 14.04 16.11 -22.04
CA TYR L 38 15.06 17.11 -22.36
C TYR L 38 16.23 16.42 -23.05
N LEU L 39 16.08 16.21 -24.36
CA LEU L 39 17.10 15.54 -25.15
C LEU L 39 17.16 16.14 -26.55
N ALA L 40 18.39 16.43 -27.00
CA ALA L 40 18.65 16.98 -28.33
C ALA L 40 19.57 16.06 -29.12
N TRP L 41 19.43 16.05 -30.45
CA TRP L 41 20.37 15.36 -31.33
C TRP L 41 21.09 16.39 -32.20
N HIS L 42 22.38 16.24 -32.32
CA HIS L 42 23.25 17.09 -33.07
C HIS L 42 24.03 16.39 -34.16
N GLN L 43 24.19 17.05 -35.27
CA GLN L 43 24.97 16.56 -36.35
C GLN L 43 26.24 17.41 -36.57
N GLN L 44 27.34 16.73 -36.76
CA GLN L 44 28.61 17.31 -37.00
C GLN L 44 29.53 16.61 -37.98
N LYS L 45 29.82 17.30 -39.04
CA LYS L 45 30.75 16.94 -40.10
C LYS L 45 32.15 17.44 -39.77
N PRO L 46 33.19 16.74 -40.25
CA PRO L 46 34.57 17.10 -39.88
C PRO L 46 34.84 18.57 -40.12
N GLY L 47 35.41 19.22 -39.12
CA GLY L 47 35.80 20.61 -39.26
C GLY L 47 34.68 21.62 -39.24
N GLN L 48 33.44 21.21 -38.97
CA GLN L 48 32.29 22.11 -38.97
C GLN L 48 31.67 22.21 -37.60
N PRO L 49 30.89 23.26 -37.36
CA PRO L 49 30.09 23.36 -36.12
C PRO L 49 29.05 22.26 -36.02
N PRO L 50 28.61 21.91 -34.82
CA PRO L 50 27.44 21.04 -34.71
C PRO L 50 26.24 21.73 -35.31
N LYS L 51 25.26 20.92 -35.71
CA LYS L 51 23.98 21.44 -36.17
C LYS L 51 22.89 20.65 -35.47
N THR L 52 21.95 21.36 -34.88
CA THR L 52 20.88 20.71 -34.12
C THR L 52 19.82 20.17 -35.07
N LEU L 53 19.42 18.91 -34.86
CA LEU L 53 18.40 18.27 -35.67
C LEU L 53 17.10 18.04 -34.93
N ILE L 54 17.16 17.79 -33.62
CA ILE L 54 16.01 17.40 -32.81
C ILE L 54 16.17 18.04 -31.44
N THR L 55 15.10 18.68 -30.96
CA THR L 55 14.99 19.06 -29.56
C THR L 55 13.75 18.41 -28.97
N TRP L 56 13.71 18.35 -27.64
CA TRP L 56 12.55 17.82 -26.93
C TRP L 56 12.29 16.36 -27.29
N ALA L 57 13.39 15.61 -27.56
CA ALA L 57 13.43 14.20 -27.94
C ALA L 57 12.88 13.90 -29.33
N SER L 58 11.81 14.60 -29.74
CA SER L 58 11.10 14.23 -30.96
C SER L 58 10.71 15.40 -31.85
N THR L 59 11.00 16.64 -31.47
CA THR L 59 10.65 17.80 -32.28
C THR L 59 11.80 18.10 -33.23
N ARG L 60 11.52 18.01 -34.53
CA ARG L 60 12.53 18.26 -35.55
C ARG L 60 12.71 19.77 -35.74
N ILE L 61 13.96 20.22 -35.73
CA ILE L 61 14.27 21.61 -36.07
C ILE L 61 13.69 21.93 -37.43
N SER L 62 13.11 23.13 -37.57
CA SER L 62 12.46 23.51 -38.82
C SER L 62 13.48 23.57 -39.96
N GLY L 63 13.11 22.97 -41.09
CA GLY L 63 13.98 22.91 -42.23
C GLY L 63 14.91 21.71 -42.27
N VAL L 64 14.96 20.91 -41.20
CA VAL L 64 15.77 19.70 -41.21
C VAL L 64 15.05 18.64 -42.04
N PRO L 65 15.74 17.95 -42.95
CA PRO L 65 15.07 16.94 -43.79
C PRO L 65 14.09 16.03 -43.05
N ASP L 66 12.99 15.74 -43.73
CA ASP L 66 11.92 14.87 -43.25
C ASP L 66 12.43 13.53 -42.74
N ARG L 67 13.51 13.02 -43.36
CA ARG L 67 13.92 11.64 -43.11
C ARG L 67 14.53 11.46 -41.73
N PHE L 68 14.82 12.54 -40.99
CA PHE L 68 15.27 12.44 -39.61
C PHE L 68 14.08 12.49 -38.65
N SER L 69 14.12 11.66 -37.61
CA SER L 69 13.09 11.70 -36.58
C SER L 69 13.71 11.26 -35.26
N GLY L 70 13.23 11.86 -34.18
CA GLY L 70 13.65 11.49 -32.83
C GLY L 70 12.52 10.76 -32.16
N SER L 71 12.86 9.81 -31.29
CA SER L 71 11.84 9.15 -30.49
C SER L 71 12.49 8.67 -29.20
N GLY L 72 11.69 8.06 -28.34
CA GLY L 72 12.16 7.59 -27.06
C GLY L 72 11.67 8.48 -25.93
N SER L 73 11.88 8.00 -24.70
CA SER L 73 11.40 8.70 -23.52
C SER L 73 12.13 8.17 -22.29
N GLY L 74 12.29 9.04 -21.31
CA GLY L 74 12.88 8.63 -20.04
C GLY L 74 14.38 8.50 -20.05
N THR L 75 14.88 7.25 -20.18
CA THR L 75 16.31 7.00 -20.24
C THR L 75 16.73 6.43 -21.59
N ASP L 76 15.84 6.36 -22.58
CA ASP L 76 16.11 5.57 -23.77
C ASP L 76 15.65 6.34 -25.00
N PHE L 77 16.60 6.70 -25.86
CA PHE L 77 16.29 7.55 -27.00
C PHE L 77 16.93 7.01 -28.28
N THR L 78 16.33 7.39 -29.41
CA THR L 78 16.74 6.90 -30.72
C THR L 78 16.66 8.00 -31.75
N LEU L 79 17.68 8.09 -32.60
CA LEU L 79 17.66 8.90 -33.81
C LEU L 79 17.60 7.96 -35.02
N THR L 80 16.66 8.23 -35.91
CA THR L 80 16.41 7.39 -37.07
C THR L 80 16.56 8.23 -38.33
N ILE L 81 17.46 7.81 -39.22
CA ILE L 81 17.49 8.31 -40.58
C ILE L 81 16.77 7.27 -41.44
N SER L 82 15.69 7.67 -42.10
CA SER L 82 14.82 6.70 -42.76
C SER L 82 15.46 6.12 -44.02
N SER L 83 16.19 6.94 -44.76
CA SER L 83 16.84 6.49 -45.98
C SER L 83 18.10 7.32 -46.12
N LEU L 84 19.27 6.69 -45.94
CA LEU L 84 20.52 7.44 -45.76
C LEU L 84 20.97 8.08 -47.07
N GLN L 85 21.08 9.40 -47.08
CA GLN L 85 21.63 10.09 -48.24
C GLN L 85 23.10 10.40 -48.00
N ALA L 86 23.80 10.73 -49.10
CA ALA L 86 25.25 10.85 -49.06
C ALA L 86 25.70 11.92 -48.07
N GLU L 87 25.00 13.04 -48.01
CA GLU L 87 25.38 14.10 -47.11
C GLU L 87 24.99 13.82 -45.65
N ASP L 88 24.43 12.67 -45.33
CA ASP L 88 24.11 12.35 -43.95
C ASP L 88 25.28 11.72 -43.22
N VAL L 89 26.40 11.49 -43.92
CA VAL L 89 27.59 10.90 -43.32
C VAL L 89 28.22 11.92 -42.40
N ALA L 90 28.40 11.55 -41.13
CA ALA L 90 28.74 12.50 -40.09
C ALA L 90 28.78 11.83 -38.72
N VAL L 91 29.12 12.59 -37.69
CA VAL L 91 29.01 12.15 -36.31
C VAL L 91 27.72 12.73 -35.72
N TYR L 92 27.00 11.91 -34.96
CA TYR L 92 25.74 12.32 -34.33
C TYR L 92 25.89 12.19 -32.83
N TYR L 93 25.66 13.28 -32.11
CA TYR L 93 25.68 13.31 -30.65
C TYR L 93 24.27 13.47 -30.08
N CYS L 94 24.00 12.81 -28.98
CA CYS L 94 22.86 13.18 -28.16
C CYS L 94 23.34 14.04 -27.01
N GLN L 95 22.43 14.86 -26.47
CA GLN L 95 22.77 15.76 -25.38
C GLN L 95 21.53 15.97 -24.51
N GLN L 96 21.68 15.74 -23.21
CA GLN L 96 20.60 16.03 -22.29
C GLN L 96 20.63 17.51 -21.93
N SER L 97 19.47 18.11 -21.85
CA SER L 97 19.30 19.49 -21.45
C SER L 97 18.45 19.53 -20.20
N TYR L 98 18.54 18.46 -19.44
CA TYR L 98 17.80 18.22 -18.22
C TYR L 98 18.35 18.85 -16.95
N SER L 99 19.63 18.69 -16.67
CA SER L 99 20.25 19.24 -15.48
C SER L 99 21.72 19.46 -15.71
N ALA L 100 22.22 20.57 -15.24
CA ALA L 100 23.59 20.96 -15.45
C ALA L 100 24.56 20.02 -14.81
N PRO L 101 25.73 19.79 -15.42
CA PRO L 101 26.16 20.17 -16.76
C PRO L 101 25.44 19.34 -17.79
N TYR L 102 24.99 19.97 -18.85
CA TYR L 102 24.21 19.38 -19.93
C TYR L 102 25.12 18.57 -20.80
N THR L 103 25.24 17.30 -20.47
CA THR L 103 26.26 16.46 -21.03
C THR L 103 25.85 15.87 -22.37
N PHE L 104 26.86 15.53 -23.15
CA PHE L 104 26.72 14.94 -24.47
C PHE L 104 27.08 13.46 -24.41
N GLY L 105 26.48 12.69 -25.32
CA GLY L 105 27.01 11.37 -25.59
C GLY L 105 28.40 11.45 -26.23
N GLY L 106 28.99 10.28 -26.45
CA GLY L 106 30.34 10.21 -27.05
C GLY L 106 30.33 10.39 -28.57
N GLY L 107 29.22 10.04 -29.24
CA GLY L 107 29.12 10.28 -30.70
C GLY L 107 29.01 9.00 -31.51
N THR L 108 28.29 9.06 -32.64
CA THR L 108 28.14 7.88 -33.54
C THR L 108 28.49 8.27 -34.97
N LYS L 109 29.58 7.70 -35.52
CA LYS L 109 30.01 8.03 -36.90
C LYS L 109 29.25 7.14 -37.90
N VAL L 110 28.18 7.66 -38.49
CA VAL L 110 27.43 6.88 -39.52
C VAL L 110 28.22 6.97 -40.84
N GLU L 111 28.78 5.84 -41.28
CA GLU L 111 29.60 5.81 -42.53
C GLU L 111 28.91 4.94 -43.59
N ILE L 112 29.57 4.86 -44.73
CA ILE L 112 29.02 4.08 -45.87
C ILE L 112 29.55 2.65 -45.74
N LYS L 113 28.63 1.72 -45.71
CA LYS L 113 29.00 0.30 -45.69
C LYS L 113 29.59 -0.10 -47.04
N ARG L 114 30.68 -0.85 -47.01
CA ARG L 114 31.24 -1.40 -48.27
C ARG L 114 31.89 -2.75 -47.99
N THR L 115 32.41 -3.36 -49.04
CA THR L 115 33.09 -4.67 -48.88
C THR L 115 34.42 -4.50 -48.17
N VAL L 116 34.80 -5.50 -47.38
CA VAL L 116 36.13 -5.48 -46.70
C VAL L 116 37.22 -5.40 -47.77
N ALA L 117 38.08 -4.39 -47.69
CA ALA L 117 39.20 -4.23 -48.64
C ALA L 117 40.52 -4.19 -47.88
N ALA L 118 41.46 -5.06 -48.25
CA ALA L 118 42.75 -5.03 -47.60
C ALA L 118 43.54 -3.80 -48.02
N PRO L 119 44.38 -3.26 -47.13
CA PRO L 119 45.19 -2.09 -47.49
C PRO L 119 46.37 -2.49 -48.34
N SER L 120 46.68 -1.66 -49.33
CA SER L 120 48.02 -1.71 -49.90
C SER L 120 48.98 -1.03 -48.93
N VAL L 121 50.14 -1.65 -48.71
CA VAL L 121 51.08 -1.21 -47.69
C VAL L 121 52.38 -0.79 -48.36
N PHE L 122 52.90 0.37 -47.95
CA PHE L 122 54.15 0.92 -48.45
C PHE L 122 54.94 1.49 -47.29
N ILE L 123 56.26 1.41 -47.38
CA ILE L 123 57.17 1.97 -46.39
C ILE L 123 58.14 2.91 -47.10
N PHE L 124 58.53 3.98 -46.41
CA PHE L 124 59.44 4.94 -46.99
C PHE L 124 60.55 5.22 -45.98
N PRO L 125 61.81 5.09 -46.38
CA PRO L 125 62.91 5.52 -45.53
C PRO L 125 62.96 7.03 -45.42
N PRO L 126 63.68 7.56 -44.44
CA PRO L 126 63.90 9.01 -44.40
C PRO L 126 64.68 9.46 -45.63
N SER L 127 64.42 10.69 -46.05
CA SER L 127 65.27 11.31 -47.06
C SER L 127 66.67 11.53 -46.48
N ASP L 128 67.69 11.45 -47.36
CA ASP L 128 69.03 11.89 -46.97
C ASP L 128 69.01 13.31 -46.40
N GLU L 129 68.27 14.22 -47.04
CA GLU L 129 68.29 15.61 -46.60
C GLU L 129 67.78 15.77 -45.18
N GLN L 130 66.76 14.99 -44.80
CA GLN L 130 66.30 15.06 -43.42
C GLN L 130 67.30 14.39 -42.49
N LEU L 131 67.78 13.20 -42.86
CA LEU L 131 68.68 12.46 -41.99
C LEU L 131 69.94 13.26 -41.70
N LYS L 132 70.48 13.95 -42.71
CA LYS L 132 71.70 14.73 -42.51
C LYS L 132 71.48 15.92 -41.59
N SER L 133 70.24 16.38 -41.45
CA SER L 133 69.87 17.43 -40.51
C SER L 133 69.73 16.93 -39.08
N GLY L 134 69.70 15.63 -38.86
CA GLY L 134 69.65 15.10 -37.50
C GLY L 134 68.48 14.20 -37.18
N THR L 135 67.45 14.10 -38.02
CA THR L 135 66.23 13.37 -37.67
C THR L 135 65.87 12.40 -38.78
N ALA L 136 65.35 11.24 -38.40
CA ALA L 136 64.82 10.25 -39.33
C ALA L 136 63.34 10.06 -39.08
N SER L 137 62.51 10.47 -40.04
CA SER L 137 61.11 10.06 -40.08
C SER L 137 60.99 8.88 -41.04
N VAL L 138 60.46 7.78 -40.53
CA VAL L 138 60.11 6.61 -41.33
C VAL L 138 58.59 6.55 -41.38
N VAL L 139 58.04 6.44 -42.58
CA VAL L 139 56.61 6.53 -42.82
C VAL L 139 56.11 5.22 -43.41
N CYS L 140 55.03 4.70 -42.85
CA CYS L 140 54.34 3.55 -43.39
C CYS L 140 52.94 3.95 -43.83
N LEU L 141 52.58 3.61 -45.06
CA LEU L 141 51.31 3.98 -45.68
C LEU L 141 50.41 2.77 -45.82
N LEU L 142 49.15 2.91 -45.42
CA LEU L 142 48.12 1.91 -45.65
C LEU L 142 47.07 2.58 -46.53
N ASN L 143 47.02 2.17 -47.80
CA ASN L 143 46.21 2.84 -48.82
C ASN L 143 44.89 2.09 -49.03
N ASN L 144 43.78 2.82 -49.06
CA ASN L 144 42.45 2.28 -49.49
C ASN L 144 42.02 0.96 -48.84
N PHE L 145 41.76 1.00 -47.56
CA PHE L 145 41.32 -0.21 -46.83
C PHE L 145 39.94 -0.02 -46.19
N TYR L 146 39.29 -1.14 -45.85
CA TYR L 146 37.99 -1.13 -45.15
C TYR L 146 37.83 -2.44 -44.37
N PRO L 147 37.50 -2.43 -43.07
CA PRO L 147 37.14 -1.21 -42.34
C PRO L 147 38.27 -0.32 -41.79
N ARG L 148 37.92 0.79 -41.11
CA ARG L 148 38.92 1.75 -40.57
C ARG L 148 39.82 1.09 -39.53
N GLU L 149 39.28 0.17 -38.75
CA GLU L 149 40.06 -0.52 -37.68
C GLU L 149 41.30 -1.16 -38.27
N ALA L 150 42.46 -0.77 -37.77
CA ALA L 150 43.74 -1.27 -38.30
C ALA L 150 44.80 -1.21 -37.20
N LYS L 151 45.83 -2.03 -37.33
CA LYS L 151 46.89 -2.11 -36.33
C LYS L 151 48.23 -2.02 -37.04
N VAL L 152 49.03 -1.02 -36.68
CA VAL L 152 50.37 -0.85 -37.24
C VAL L 152 51.38 -0.99 -36.12
N GLN L 153 52.34 -1.90 -36.31
CA GLN L 153 53.40 -2.13 -35.35
C GLN L 153 54.74 -1.92 -36.05
N TRP L 154 55.60 -1.12 -35.42
CA TRP L 154 56.92 -0.80 -35.96
C TRP L 154 57.95 -1.72 -35.34
N LYS L 155 58.77 -2.36 -36.17
CA LYS L 155 59.81 -3.25 -35.69
C LYS L 155 61.14 -2.77 -36.22
N VAL L 156 62.10 -2.57 -35.32
CA VAL L 156 63.43 -2.11 -35.65
C VAL L 156 64.39 -3.21 -35.22
N ASP L 157 65.05 -3.82 -36.20
CA ASP L 157 65.86 -5.02 -35.94
C ASP L 157 65.11 -6.01 -35.06
N ASN L 158 63.88 -6.34 -35.49
CA ASN L 158 62.95 -7.25 -34.82
C ASN L 158 62.51 -6.80 -33.44
N ALA L 159 62.90 -5.61 -33.00
CA ALA L 159 62.45 -5.11 -31.71
C ALA L 159 61.19 -4.28 -31.91
N LEU L 160 60.11 -4.68 -31.25
CA LEU L 160 58.85 -3.94 -31.36
C LEU L 160 59.00 -2.56 -30.72
N GLN L 161 58.66 -1.52 -31.48
CA GLN L 161 58.77 -0.16 -30.99
C GLN L 161 57.51 0.25 -30.24
N SER L 162 57.67 1.18 -29.31
CA SER L 162 56.55 1.73 -28.56
C SER L 162 56.89 3.16 -28.20
N GLY L 163 55.87 4.03 -28.23
CA GLY L 163 56.01 5.40 -27.77
C GLY L 163 56.78 6.33 -28.67
N ASN L 164 57.08 5.90 -29.88
CA ASN L 164 57.82 6.69 -30.78
C ASN L 164 57.24 6.84 -32.17
N SER L 165 55.96 6.69 -32.32
CA SER L 165 55.33 6.87 -33.61
C SER L 165 54.00 7.59 -33.45
N GLN L 166 53.50 8.11 -34.55
CA GLN L 166 52.22 8.80 -34.60
C GLN L 166 51.52 8.41 -35.89
N GLU L 167 50.20 8.36 -35.82
CA GLU L 167 49.34 7.87 -36.89
C GLU L 167 48.32 8.93 -37.27
N SER L 168 47.89 8.87 -38.53
CA SER L 168 46.82 9.72 -38.99
C SER L 168 45.96 8.94 -39.97
N VAL L 169 44.67 9.24 -39.99
CA VAL L 169 43.70 8.53 -40.81
C VAL L 169 42.89 9.55 -41.58
N THR L 170 42.63 9.27 -42.85
CA THR L 170 41.79 10.17 -43.62
C THR L 170 40.31 9.92 -43.33
N GLU L 171 39.49 10.88 -43.74
CA GLU L 171 38.06 10.65 -43.76
C GLU L 171 37.72 9.66 -44.88
N GLN L 172 36.56 9.01 -44.76
CA GLN L 172 36.15 8.03 -45.74
C GLN L 172 36.15 8.62 -47.16
N ASP L 173 36.76 7.92 -48.10
CA ASP L 173 36.82 8.44 -49.47
C ASP L 173 35.42 8.46 -50.08
N SER L 174 35.09 9.59 -50.71
CA SER L 174 33.74 9.73 -51.29
C SER L 174 33.54 8.87 -52.53
N LYS L 175 34.61 8.53 -53.24
CA LYS L 175 34.49 7.72 -54.44
C LYS L 175 34.40 6.24 -54.12
N ASP L 176 35.20 5.73 -53.18
CA ASP L 176 35.21 4.29 -52.95
C ASP L 176 34.99 3.87 -51.50
N SER L 177 34.71 4.81 -50.60
CA SER L 177 34.29 4.53 -49.22
C SER L 177 35.36 3.82 -48.41
N THR L 178 36.63 3.98 -48.80
CA THR L 178 37.74 3.42 -48.05
C THR L 178 38.39 4.50 -47.18
N TYR L 179 39.27 4.03 -46.30
CA TYR L 179 40.15 4.85 -45.49
C TYR L 179 41.60 4.61 -45.88
N SER L 180 42.47 5.55 -45.50
CA SER L 180 43.92 5.38 -45.62
C SER L 180 44.55 5.85 -44.31
N LEU L 181 45.73 5.31 -44.02
CA LEU L 181 46.42 5.58 -42.76
C LEU L 181 47.89 5.85 -43.04
N SER L 182 48.44 6.81 -42.31
CA SER L 182 49.86 7.12 -42.35
C SER L 182 50.40 7.04 -40.94
N SER L 183 51.45 6.25 -40.76
CA SER L 183 52.15 6.15 -39.49
C SER L 183 53.60 6.58 -39.66
N THR L 184 54.08 7.43 -38.76
CA THR L 184 55.42 8.00 -38.85
C THR L 184 56.19 7.61 -37.60
N LEU L 185 57.31 6.90 -37.80
CA LEU L 185 58.24 6.57 -36.73
C LEU L 185 59.38 7.58 -36.74
N THR L 186 59.70 8.14 -35.58
CA THR L 186 60.67 9.25 -35.52
C THR L 186 61.82 8.85 -34.60
N LEU L 187 63.04 8.84 -35.15
CA LEU L 187 64.26 8.59 -34.39
C LEU L 187 65.26 9.71 -34.66
N SER L 188 66.21 9.83 -33.75
CA SER L 188 67.37 10.67 -34.03
C SER L 188 68.24 10.01 -35.11
N LYS L 189 69.02 10.83 -35.80
CA LYS L 189 70.02 10.31 -36.72
C LYS L 189 70.86 9.22 -36.06
N ALA L 190 71.35 9.48 -34.85
CA ALA L 190 72.23 8.54 -34.16
C ALA L 190 71.53 7.21 -33.88
N ASP L 191 70.29 7.25 -33.38
CA ASP L 191 69.59 5.99 -33.15
C ASP L 191 69.24 5.29 -34.47
N TYR L 192 68.79 6.04 -35.47
CA TYR L 192 68.50 5.44 -36.77
C TYR L 192 69.74 4.77 -37.36
N GLU L 193 70.88 5.44 -37.26
CA GLU L 193 72.12 4.89 -37.80
C GLU L 193 72.59 3.64 -37.05
N LYS L 194 71.97 3.30 -35.93
CA LYS L 194 72.39 2.14 -35.15
C LYS L 194 71.84 0.82 -35.67
N HIS L 195 70.83 0.83 -36.54
CA HIS L 195 70.05 -0.36 -36.85
C HIS L 195 69.92 -0.56 -38.34
N LYS L 196 69.67 -1.80 -38.75
CA LYS L 196 69.58 -2.09 -40.18
C LYS L 196 68.14 -2.20 -40.64
N VAL L 197 67.41 -3.17 -40.13
CA VAL L 197 66.12 -3.54 -40.72
C VAL L 197 64.99 -2.78 -40.03
N TYR L 198 64.25 -2.00 -40.82
CA TYR L 198 63.12 -1.22 -40.35
C TYR L 198 61.86 -1.78 -40.99
N ALA L 199 60.91 -2.22 -40.16
CA ALA L 199 59.73 -2.92 -40.67
C ALA L 199 58.45 -2.30 -40.14
N CYS L 200 57.43 -2.35 -40.99
CA CYS L 200 56.07 -1.91 -40.67
C CYS L 200 55.14 -3.13 -40.79
N GLU L 201 54.53 -3.53 -39.68
CA GLU L 201 53.66 -4.72 -39.65
C GLU L 201 52.20 -4.33 -39.51
N VAL L 202 51.39 -4.74 -40.47
CA VAL L 202 50.02 -4.26 -40.64
C VAL L 202 49.06 -5.45 -40.52
N THR L 203 48.26 -5.47 -39.46
CA THR L 203 47.16 -6.41 -39.32
C THR L 203 45.84 -5.69 -39.58
N HIS L 204 44.96 -6.35 -40.34
CA HIS L 204 43.67 -5.81 -40.77
C HIS L 204 42.74 -6.98 -41.06
N GLN L 205 41.44 -6.71 -40.98
CA GLN L 205 40.44 -7.73 -41.30
C GLN L 205 40.69 -8.34 -42.66
N GLY L 206 41.08 -7.53 -43.63
CA GLY L 206 41.20 -8.00 -45.00
C GLY L 206 42.43 -8.82 -45.31
N LEU L 207 43.31 -9.05 -44.34
CA LEU L 207 44.54 -9.81 -44.55
C LEU L 207 44.42 -11.16 -43.83
N SER L 208 44.87 -12.22 -44.50
CA SER L 208 44.88 -13.55 -43.89
C SER L 208 45.68 -13.54 -42.60
N SER L 209 46.88 -12.96 -42.65
CA SER L 209 47.72 -12.76 -41.47
C SER L 209 48.53 -11.50 -41.70
N PRO L 210 49.20 -10.98 -40.63
CA PRO L 210 49.96 -9.72 -40.77
C PRO L 210 50.82 -9.60 -42.02
N VAL L 211 50.83 -8.41 -42.62
CA VAL L 211 51.69 -8.09 -43.76
C VAL L 211 52.78 -7.14 -43.28
N THR L 212 54.03 -7.49 -43.56
CA THR L 212 55.17 -6.68 -43.20
C THR L 212 55.84 -6.15 -44.46
N LYS L 213 56.08 -4.85 -44.50
CA LYS L 213 56.91 -4.19 -45.50
C LYS L 213 58.10 -3.58 -44.77
N SER L 214 59.29 -3.72 -45.35
CA SER L 214 60.50 -3.31 -44.63
C SER L 214 61.55 -2.83 -45.60
N PHE L 215 62.68 -2.39 -45.05
CA PHE L 215 63.87 -1.98 -45.77
C PHE L 215 65.12 -2.14 -44.89
N ASN L 216 66.29 -2.27 -45.50
CA ASN L 216 67.55 -2.33 -44.78
C ASN L 216 68.14 -0.94 -45.00
N ARG L 217 68.65 -0.31 -43.96
CA ARG L 217 69.20 1.04 -44.04
C ARG L 217 70.35 1.09 -45.01
N GLY L 218 70.17 1.77 -46.11
CA GLY L 218 71.18 1.83 -47.15
C GLY L 218 71.47 0.53 -47.89
#